data_3RGP
#
_entry.id   3RGP
#
_cell.length_a   86.110
_cell.length_b   139.940
_cell.length_c   228.020
_cell.angle_alpha   90.00
_cell.angle_beta   90.00
_cell.angle_gamma   90.00
#
_symmetry.space_group_name_H-M   'P 21 21 21'
#
loop_
_entity.id
_entity.type
_entity.pdbx_description
1 polymer Catalase
2 non-polymer 'PROTOPORPHYRIN IX CONTAINING FE'
3 non-polymer 'NITRIC OXIDE'
4 water water
#
_entity_poly.entity_id   1
_entity_poly.type   'polypeptide(L)'
_entity_poly.pdbx_seq_one_letter_code
;NRDPASDQMKHWKEQRAAQKPDVLTTGGGNPVGDKLNSLTVGPRGPLLVQDVVFTDEMAHFDRERIPERVVHAKGAGAFG
YFEVTHDITRYSKAKVFEHIGKRTPIAVRFSTVAGESGSADTVRDPRGFAVKFYTEDGNWDLVGNNTPIFFIRDALLFPS
FIHSQKRNPQTHLKDPDMVWDFWSLRPESLHQVSFLFSDRGIPDGHRHMNGYGSHTFKLVNANGEAVYCKFHYKTDQGIK
NLSVEDAARLAHEDPDYGLRDLFNAIATGNYPSWTLYIQVMTFSEAEIFPFNPFDLTKVWPHGDYPLIPVGKLVLNRNPV
NYFAEVEQLAFDPSNMPPGIEPSPDKMLQGRLFAYPDTHRHRLGPNYLQIPVNCPYRARVANYQRDGPMCMMDNQGGAPN
YYPNSFSAPEHQPSALEHRTHFSGDVQRFNSANDDNVTQVRTFYLKVLNEEQRKRLCENIAGHLKDAQLFIQKKAVKNFS
DVHPEYGSRIQALLDKYNE
;
_entity_poly.pdbx_strand_id   A,B,C,D
#
loop_
_chem_comp.id
_chem_comp.type
_chem_comp.name
_chem_comp.formula
HEM non-polymer 'PROTOPORPHYRIN IX CONTAINING FE' 'C34 H32 Fe N4 O4'
NO non-polymer 'NITRIC OXIDE' 'N O'
#
# COMPACT_ATOMS: atom_id res chain seq x y z
N ASN A 1 20.40 -34.72 -20.53
CA ASN A 1 21.03 -33.85 -19.49
C ASN A 1 21.44 -32.51 -20.10
N ARG A 2 20.95 -31.42 -19.51
CA ARG A 2 21.25 -30.09 -20.01
C ARG A 2 22.05 -29.24 -19.03
N ASP A 3 22.03 -27.93 -19.25
CA ASP A 3 22.74 -26.98 -18.40
C ASP A 3 22.14 -26.97 -17.00
N PRO A 4 22.90 -26.49 -16.00
CA PRO A 4 22.42 -26.43 -14.62
C PRO A 4 21.08 -25.72 -14.46
N ALA A 5 20.92 -24.57 -15.12
CA ALA A 5 19.68 -23.80 -15.01
C ALA A 5 18.47 -24.63 -15.44
N SER A 6 18.62 -25.39 -16.52
CA SER A 6 17.52 -26.21 -17.00
C SER A 6 17.16 -27.33 -16.03
N ASP A 7 18.15 -27.87 -15.32
CA ASP A 7 17.91 -28.96 -14.38
C ASP A 7 17.64 -28.49 -12.94
N GLN A 8 17.17 -27.26 -12.79
CA GLN A 8 16.89 -26.72 -11.47
C GLN A 8 15.96 -27.61 -10.64
N MET A 9 14.82 -28.00 -11.21
CA MET A 9 13.88 -28.84 -10.48
C MET A 9 14.42 -30.25 -10.30
N LYS A 10 15.01 -30.79 -11.35
CA LYS A 10 15.58 -32.12 -11.30
C LYS A 10 16.51 -32.21 -10.10
N HIS A 11 17.36 -31.21 -9.96
CA HIS A 11 18.32 -31.17 -8.86
C HIS A 11 17.65 -31.00 -7.50
N TRP A 12 16.61 -30.17 -7.42
CA TRP A 12 15.92 -29.95 -6.16
C TRP A 12 15.37 -31.28 -5.65
N LYS A 13 14.78 -32.05 -6.56
CA LYS A 13 14.21 -33.35 -6.20
C LYS A 13 15.27 -34.32 -5.70
N GLU A 14 16.36 -34.43 -6.46
CA GLU A 14 17.45 -35.33 -6.08
C GLU A 14 17.96 -34.95 -4.69
N GLN A 15 17.97 -33.64 -4.43
CA GLN A 15 18.43 -33.12 -3.14
C GLN A 15 17.61 -33.62 -1.96
N ARG A 16 16.31 -33.84 -2.19
CA ARG A 16 15.44 -34.32 -1.11
C ARG A 16 15.50 -35.83 -0.92
N ALA A 17 16.61 -36.43 -1.35
CA ALA A 17 16.83 -37.87 -1.23
C ALA A 17 15.54 -38.69 -1.18
N ALA A 18 15.46 -39.59 -0.20
CA ALA A 18 14.28 -40.43 -0.03
C ALA A 18 13.27 -39.73 0.87
N GLN A 19 13.64 -38.54 1.32
CA GLN A 19 12.82 -37.71 2.18
C GLN A 19 11.40 -37.60 1.63
N LYS A 20 10.41 -37.81 2.48
CA LYS A 20 9.02 -37.76 2.07
C LYS A 20 8.50 -36.33 1.87
N PRO A 21 7.62 -36.12 0.89
CA PRO A 21 7.07 -34.79 0.61
C PRO A 21 6.38 -34.20 1.84
N ASP A 22 6.52 -32.90 2.03
CA ASP A 22 5.89 -32.22 3.16
C ASP A 22 4.38 -32.22 2.95
N VAL A 23 3.66 -32.01 4.04
CA VAL A 23 2.21 -31.95 3.96
C VAL A 23 1.85 -30.57 3.41
N LEU A 24 0.97 -30.55 2.40
CA LEU A 24 0.51 -29.31 1.79
C LEU A 24 -0.45 -28.60 2.74
N THR A 25 -0.14 -27.35 3.10
CA THR A 25 -0.97 -26.60 4.03
C THR A 25 -1.46 -25.24 3.51
N THR A 26 -2.37 -24.63 4.27
CA THR A 26 -2.88 -23.31 3.94
C THR A 26 -1.82 -22.36 4.51
N GLY A 27 -1.98 -21.07 4.28
CA GLY A 27 -1.00 -20.13 4.82
C GLY A 27 -0.98 -20.19 6.34
N GLY A 28 -2.12 -20.56 6.92
CA GLY A 28 -2.22 -20.65 8.37
C GLY A 28 -1.70 -21.96 8.94
N GLY A 29 -1.14 -22.80 8.07
CA GLY A 29 -0.59 -24.08 8.52
C GLY A 29 -1.55 -25.24 8.62
N ASN A 30 -2.80 -25.04 8.23
CA ASN A 30 -3.80 -26.10 8.29
C ASN A 30 -3.59 -27.07 7.13
N PRO A 31 -3.47 -28.39 7.41
CA PRO A 31 -3.28 -29.34 6.31
C PRO A 31 -4.47 -29.31 5.36
N VAL A 32 -4.19 -29.47 4.07
CA VAL A 32 -5.21 -29.44 3.04
C VAL A 32 -5.54 -30.87 2.60
N GLY A 33 -6.82 -31.21 2.57
CA GLY A 33 -7.25 -32.55 2.19
C GLY A 33 -7.28 -32.81 0.70
N ASP A 34 -7.67 -31.79 -0.08
CA ASP A 34 -7.73 -31.91 -1.53
C ASP A 34 -7.58 -30.50 -2.08
N LYS A 35 -6.46 -30.23 -2.73
CA LYS A 35 -6.26 -28.89 -3.28
C LYS A 35 -6.47 -28.86 -4.78
N LEU A 36 -7.14 -29.87 -5.32
CA LEU A 36 -7.37 -29.93 -6.76
C LEU A 36 -8.84 -29.80 -7.16
N ASN A 37 -9.75 -29.96 -6.20
CA ASN A 37 -11.19 -29.84 -6.46
C ASN A 37 -11.85 -28.89 -5.48
N SER A 38 -12.54 -27.88 -6.02
CA SER A 38 -13.23 -26.88 -5.21
C SER A 38 -14.46 -27.46 -4.50
N LEU A 39 -14.86 -26.81 -3.41
CA LEU A 39 -16.00 -27.24 -2.60
C LEU A 39 -17.28 -26.65 -3.21
N THR A 40 -18.15 -27.52 -3.69
CA THR A 40 -19.39 -27.10 -4.31
C THR A 40 -20.61 -27.86 -3.81
N VAL A 41 -21.79 -27.33 -4.13
CA VAL A 41 -23.03 -27.98 -3.73
C VAL A 41 -23.44 -28.83 -4.94
N GLY A 42 -23.03 -30.09 -4.92
CA GLY A 42 -23.32 -30.98 -6.03
C GLY A 42 -22.18 -30.86 -7.04
N PRO A 43 -21.96 -31.89 -7.87
CA PRO A 43 -20.89 -31.88 -8.87
C PRO A 43 -21.02 -30.79 -9.93
N ARG A 44 -22.22 -30.21 -10.07
CA ARG A 44 -22.45 -29.14 -11.03
C ARG A 44 -23.13 -27.97 -10.36
N GLY A 45 -22.75 -27.70 -9.11
CA GLY A 45 -23.33 -26.61 -8.35
C GLY A 45 -22.33 -25.49 -8.05
N PRO A 46 -22.79 -24.37 -7.45
CA PRO A 46 -21.97 -23.21 -7.11
C PRO A 46 -20.88 -23.45 -6.07
N LEU A 47 -19.91 -22.55 -6.06
CA LEU A 47 -18.77 -22.57 -5.15
C LEU A 47 -19.18 -21.99 -3.81
N LEU A 48 -18.70 -22.57 -2.72
CA LEU A 48 -19.06 -22.08 -1.38
C LEU A 48 -17.96 -21.20 -0.79
N VAL A 49 -18.37 -20.17 -0.05
CA VAL A 49 -17.44 -19.27 0.61
C VAL A 49 -16.63 -20.09 1.60
N GLN A 50 -17.25 -21.17 2.04
CA GLN A 50 -16.68 -22.11 2.99
C GLN A 50 -15.38 -22.75 2.50
N ASP A 51 -15.13 -22.70 1.20
CA ASP A 51 -13.89 -23.27 0.68
C ASP A 51 -12.79 -22.24 0.96
N VAL A 52 -12.22 -22.29 2.15
CA VAL A 52 -11.17 -21.36 2.54
C VAL A 52 -9.80 -21.81 2.03
N VAL A 53 -9.73 -23.01 1.49
CA VAL A 53 -8.47 -23.49 0.93
C VAL A 53 -8.32 -22.70 -0.37
N PHE A 54 -9.42 -22.61 -1.11
CA PHE A 54 -9.41 -21.86 -2.37
C PHE A 54 -9.11 -20.38 -2.17
N THR A 55 -9.88 -19.72 -1.30
CA THR A 55 -9.69 -18.29 -1.07
C THR A 55 -8.30 -17.94 -0.55
N ASP A 56 -7.80 -18.72 0.38
CA ASP A 56 -6.48 -18.48 0.94
C ASP A 56 -5.42 -18.51 -0.17
N GLU A 57 -5.46 -19.54 -1.01
CA GLU A 57 -4.48 -19.66 -2.09
C GLU A 57 -4.67 -18.63 -3.20
N MET A 58 -5.93 -18.40 -3.60
CA MET A 58 -6.21 -17.44 -4.66
C MET A 58 -5.91 -16.01 -4.22
N ALA A 59 -6.27 -15.68 -2.98
CA ALA A 59 -6.03 -14.33 -2.48
C ALA A 59 -4.53 -14.04 -2.51
N HIS A 60 -3.71 -15.05 -2.23
CA HIS A 60 -2.27 -14.80 -2.26
C HIS A 60 -1.81 -14.66 -3.70
N PHE A 61 -2.30 -15.52 -4.57
CA PHE A 61 -1.94 -15.47 -5.99
C PHE A 61 -2.27 -14.07 -6.52
N ASP A 62 -3.42 -13.53 -6.11
CA ASP A 62 -3.84 -12.20 -6.55
C ASP A 62 -2.93 -11.09 -6.05
N ARG A 63 -2.04 -11.40 -5.10
CA ARG A 63 -1.15 -10.38 -4.54
C ARG A 63 0.33 -10.64 -4.77
N GLU A 64 0.65 -11.57 -5.66
CA GLU A 64 2.04 -11.91 -5.92
C GLU A 64 2.93 -10.79 -6.43
N ARG A 65 2.37 -9.90 -7.26
CA ARG A 65 3.16 -8.84 -7.85
C ARG A 65 3.37 -7.57 -7.04
N ILE A 66 4.54 -6.98 -7.21
CA ILE A 66 4.87 -5.72 -6.56
C ILE A 66 5.34 -4.82 -7.71
N PRO A 67 5.42 -3.51 -7.47
CA PRO A 67 5.86 -2.61 -8.56
C PRO A 67 7.28 -2.97 -8.99
N GLU A 68 7.54 -3.02 -10.28
CA GLU A 68 8.89 -3.30 -10.73
C GLU A 68 9.68 -2.01 -10.51
N ARG A 69 11.00 -2.09 -10.57
CA ARG A 69 11.84 -0.92 -10.38
C ARG A 69 11.50 0.12 -11.44
N VAL A 70 11.41 1.39 -11.04
CA VAL A 70 11.08 2.45 -11.98
C VAL A 70 12.06 2.48 -13.16
N VAL A 71 13.31 2.09 -12.89
CA VAL A 71 14.34 1.96 -13.93
C VAL A 71 15.19 0.74 -13.54
N HIS A 72 15.81 0.10 -14.53
CA HIS A 72 16.63 -1.09 -14.30
C HIS A 72 15.74 -2.26 -13.83
N ALA A 73 14.51 -2.31 -14.33
CA ALA A 73 13.57 -3.37 -13.93
C ALA A 73 13.98 -4.80 -14.31
N LYS A 74 14.66 -4.97 -15.45
CA LYS A 74 15.08 -6.29 -15.91
C LYS A 74 16.50 -6.63 -15.44
N GLY A 75 16.63 -7.61 -14.54
CA GLY A 75 17.95 -7.94 -14.03
C GLY A 75 18.25 -9.35 -13.55
N ALA A 76 19.50 -9.56 -13.16
CA ALA A 76 19.98 -10.85 -12.68
C ALA A 76 20.83 -10.60 -11.43
N GLY A 77 20.83 -11.55 -10.52
CA GLY A 77 21.60 -11.38 -9.30
C GLY A 77 22.41 -12.58 -8.88
N ALA A 78 23.38 -12.35 -8.00
CA ALA A 78 24.25 -13.41 -7.48
C ALA A 78 24.91 -12.89 -6.20
N PHE A 79 25.53 -13.80 -5.46
CA PHE A 79 26.18 -13.44 -4.21
C PHE A 79 27.60 -13.99 -4.17
N GLY A 80 28.44 -13.39 -3.33
CA GLY A 80 29.80 -13.83 -3.22
C GLY A 80 30.52 -13.06 -2.15
N TYR A 81 31.76 -12.68 -2.42
CA TYR A 81 32.53 -11.94 -1.43
C TYR A 81 33.49 -10.96 -2.07
N PHE A 82 33.95 -10.02 -1.25
CA PHE A 82 34.92 -9.03 -1.66
C PHE A 82 36.12 -9.32 -0.78
N GLU A 83 37.30 -9.44 -1.38
CA GLU A 83 38.51 -9.71 -0.62
C GLU A 83 39.53 -8.60 -0.82
N VAL A 84 40.03 -8.04 0.28
CA VAL A 84 41.03 -6.97 0.20
C VAL A 84 42.36 -7.57 -0.23
N THR A 85 42.99 -6.99 -1.25
CA THR A 85 44.28 -7.48 -1.72
C THR A 85 45.39 -6.45 -1.51
N HIS A 86 45.01 -5.18 -1.38
CA HIS A 86 45.98 -4.12 -1.15
C HIS A 86 45.55 -3.18 -0.03
N ASP A 87 46.52 -2.54 0.59
CA ASP A 87 46.25 -1.62 1.68
C ASP A 87 46.00 -0.19 1.21
N ILE A 88 44.78 0.30 1.43
CA ILE A 88 44.45 1.67 1.06
C ILE A 88 43.95 2.40 2.30
N THR A 89 44.39 1.93 3.47
CA THR A 89 43.98 2.53 4.73
C THR A 89 44.48 3.97 4.84
N ARG A 90 45.47 4.34 4.03
CA ARG A 90 45.98 5.71 4.07
C ARG A 90 44.95 6.64 3.47
N TYR A 91 43.99 6.09 2.74
CA TYR A 91 42.94 6.88 2.10
C TYR A 91 41.60 6.76 2.81
N SER A 92 41.24 5.54 3.19
CA SER A 92 39.97 5.29 3.86
C SER A 92 40.09 4.42 5.10
N LYS A 93 39.34 4.78 6.13
CA LYS A 93 39.31 4.04 7.39
C LYS A 93 38.19 3.00 7.40
N ALA A 94 37.46 2.89 6.30
CA ALA A 94 36.35 1.95 6.22
C ALA A 94 36.78 0.54 6.61
N LYS A 95 36.02 -0.07 7.51
CA LYS A 95 36.32 -1.41 7.97
C LYS A 95 36.43 -2.40 6.82
N VAL A 96 35.62 -2.20 5.79
CA VAL A 96 35.63 -3.11 4.64
C VAL A 96 37.03 -3.21 4.00
N PHE A 97 37.88 -2.21 4.22
CA PHE A 97 39.24 -2.21 3.66
C PHE A 97 40.28 -2.44 4.76
N GLU A 98 39.80 -2.67 5.98
CA GLU A 98 40.60 -2.87 7.18
C GLU A 98 41.96 -3.58 7.06
N HIS A 99 41.98 -4.80 6.54
CA HIS A 99 43.24 -5.52 6.42
C HIS A 99 43.29 -6.43 5.20
N ILE A 100 44.49 -6.67 4.70
CA ILE A 100 44.70 -7.54 3.55
C ILE A 100 44.12 -8.91 3.87
N GLY A 101 43.38 -9.49 2.92
CA GLY A 101 42.79 -10.80 3.15
C GLY A 101 41.39 -10.73 3.75
N LYS A 102 40.97 -9.56 4.19
CA LYS A 102 39.64 -9.42 4.78
C LYS A 102 38.55 -9.67 3.75
N ARG A 103 37.58 -10.51 4.11
CA ARG A 103 36.48 -10.80 3.21
C ARG A 103 35.14 -10.27 3.75
N THR A 104 34.36 -9.68 2.86
CA THR A 104 33.06 -9.14 3.21
C THR A 104 32.05 -9.74 2.22
N PRO A 105 30.94 -10.29 2.73
CA PRO A 105 29.95 -10.88 1.83
C PRO A 105 29.34 -9.78 0.95
N ILE A 106 29.01 -10.12 -0.29
CA ILE A 106 28.39 -9.15 -1.20
C ILE A 106 27.19 -9.73 -1.93
N ALA A 107 26.33 -8.84 -2.39
CA ALA A 107 25.15 -9.18 -3.17
C ALA A 107 25.30 -8.28 -4.39
N VAL A 108 25.03 -8.81 -5.57
CA VAL A 108 25.17 -8.03 -6.79
C VAL A 108 23.97 -8.23 -7.70
N ARG A 109 23.54 -7.16 -8.35
CA ARG A 109 22.44 -7.25 -9.30
C ARG A 109 22.87 -6.54 -10.59
N PHE A 110 22.72 -7.23 -11.70
CA PHE A 110 23.05 -6.70 -13.03
C PHE A 110 21.72 -6.37 -13.70
N SER A 111 21.71 -5.43 -14.62
CA SER A 111 20.44 -5.07 -15.26
C SER A 111 20.59 -4.14 -16.45
N THR A 112 19.51 -4.03 -17.23
CA THR A 112 19.46 -3.10 -18.34
C THR A 112 18.83 -1.87 -17.68
N VAL A 113 18.41 -0.88 -18.45
CA VAL A 113 17.83 0.34 -17.88
C VAL A 113 16.38 0.67 -18.22
N ALA A 114 16.08 0.78 -19.51
CA ALA A 114 14.75 1.18 -19.95
C ALA A 114 13.66 0.11 -20.00
N GLY A 115 14.03 -1.09 -20.43
CA GLY A 115 13.06 -2.16 -20.53
C GLY A 115 12.36 -2.56 -19.24
N GLU A 116 11.12 -3.03 -19.38
CA GLU A 116 10.35 -3.47 -18.23
C GLU A 116 10.75 -4.91 -17.90
N SER A 117 10.13 -5.48 -16.87
CA SER A 117 10.43 -6.84 -16.45
C SER A 117 10.37 -7.93 -17.53
N GLY A 118 9.60 -7.73 -18.59
CA GLY A 118 9.55 -8.76 -19.61
C GLY A 118 10.48 -8.56 -20.78
N SER A 119 11.23 -7.45 -20.79
CA SER A 119 12.13 -7.14 -21.90
C SER A 119 13.32 -8.09 -22.06
N ALA A 120 14.03 -7.93 -23.19
CA ALA A 120 15.19 -8.77 -23.49
C ALA A 120 16.50 -8.24 -22.91
N ASP A 121 17.39 -9.16 -22.55
CA ASP A 121 18.68 -8.79 -21.99
C ASP A 121 19.63 -8.19 -23.02
N THR A 122 19.65 -8.76 -24.23
CA THR A 122 20.57 -8.31 -25.26
C THR A 122 20.14 -7.13 -26.13
N VAL A 123 19.90 -5.99 -25.50
CA VAL A 123 19.51 -4.77 -26.22
C VAL A 123 20.48 -3.66 -25.84
N ARG A 124 20.63 -2.66 -26.73
CA ARG A 124 21.53 -1.54 -26.45
C ARG A 124 21.00 -0.76 -25.26
N ASP A 125 21.86 -0.51 -24.27
CA ASP A 125 21.40 0.20 -23.08
C ASP A 125 22.57 0.18 -22.10
N PRO A 126 22.56 1.09 -21.12
CA PRO A 126 23.67 1.04 -20.17
C PRO A 126 23.40 -0.25 -19.38
N ARG A 127 24.30 -0.65 -18.50
CA ARG A 127 24.06 -1.85 -17.71
C ARG A 127 24.28 -1.51 -16.24
N GLY A 128 23.29 -1.82 -15.41
CA GLY A 128 23.42 -1.55 -13.99
C GLY A 128 24.35 -2.60 -13.39
N PHE A 129 25.14 -2.23 -12.39
CA PHE A 129 26.07 -3.16 -11.76
C PHE A 129 26.18 -2.71 -10.31
N ALA A 130 25.16 -3.06 -9.53
CA ALA A 130 25.05 -2.69 -8.13
C ALA A 130 25.63 -3.73 -7.19
N VAL A 131 26.47 -3.28 -6.27
CA VAL A 131 27.12 -4.17 -5.31
C VAL A 131 26.81 -3.75 -3.88
N LYS A 132 26.32 -4.71 -3.09
CA LYS A 132 26.00 -4.49 -1.69
C LYS A 132 27.04 -5.19 -0.83
N PHE A 133 27.76 -4.43 -0.01
CA PHE A 133 28.77 -4.99 0.88
C PHE A 133 28.17 -5.03 2.29
N TYR A 134 28.09 -6.21 2.89
CA TYR A 134 27.52 -6.31 4.24
C TYR A 134 28.67 -6.18 5.24
N THR A 135 29.02 -4.95 5.59
CA THR A 135 30.13 -4.72 6.52
C THR A 135 29.72 -4.58 7.98
N GLU A 136 30.70 -4.67 8.86
CA GLU A 136 30.47 -4.54 10.30
C GLU A 136 29.95 -3.16 10.64
N ASP A 137 30.24 -2.18 9.80
CA ASP A 137 29.78 -0.81 9.99
C ASP A 137 28.53 -0.58 9.13
N GLY A 138 27.71 -1.62 8.98
CA GLY A 138 26.51 -1.51 8.20
C GLY A 138 26.73 -1.82 6.73
N ASN A 139 25.66 -1.72 5.94
CA ASN A 139 25.80 -2.01 4.53
C ASN A 139 26.36 -0.85 3.72
N TRP A 140 27.22 -1.17 2.77
CA TRP A 140 27.81 -0.19 1.88
C TRP A 140 27.30 -0.58 0.48
N ASP A 141 26.49 0.28 -0.11
CA ASP A 141 25.94 0.01 -1.44
C ASP A 141 26.65 0.86 -2.48
N LEU A 142 27.42 0.21 -3.34
CA LEU A 142 28.12 0.88 -4.42
C LEU A 142 27.25 0.58 -5.63
N VAL A 143 26.34 1.50 -5.92
CA VAL A 143 25.40 1.33 -7.02
C VAL A 143 25.96 1.86 -8.34
N GLY A 144 26.78 1.05 -9.00
CA GLY A 144 27.39 1.49 -10.25
C GLY A 144 26.75 1.00 -11.54
N ASN A 145 27.36 1.39 -12.65
CA ASN A 145 26.91 1.01 -14.00
C ASN A 145 28.14 0.49 -14.73
N ASN A 146 27.96 0.04 -15.96
CA ASN A 146 29.08 -0.47 -16.75
C ASN A 146 29.75 0.66 -17.52
N THR A 147 29.54 1.89 -17.05
CA THR A 147 30.13 3.08 -17.66
C THR A 147 30.57 4.06 -16.56
N PRO A 148 31.69 4.76 -16.78
CA PRO A 148 32.23 5.73 -15.82
C PRO A 148 31.48 7.07 -15.80
N ILE A 149 30.64 7.29 -16.80
CA ILE A 149 29.90 8.55 -16.91
C ILE A 149 28.41 8.32 -17.12
N PHE A 150 27.66 9.41 -17.27
CA PHE A 150 26.23 9.32 -17.52
C PHE A 150 25.79 10.42 -18.49
N PHE A 151 24.53 10.35 -18.93
CA PHE A 151 23.95 11.28 -19.90
C PHE A 151 23.73 12.72 -19.42
N ILE A 152 23.51 12.89 -18.12
CA ILE A 152 23.24 14.21 -17.57
C ILE A 152 24.06 14.51 -16.33
N ARG A 153 24.06 15.77 -15.90
CA ARG A 153 24.84 16.18 -14.74
C ARG A 153 24.05 16.87 -13.62
N ASP A 154 22.73 16.90 -13.72
CA ASP A 154 21.89 17.48 -12.67
C ASP A 154 20.71 16.53 -12.51
N ALA A 155 20.37 16.22 -11.27
CA ALA A 155 19.27 15.28 -10.99
C ALA A 155 17.89 15.74 -11.44
N LEU A 156 17.70 17.04 -11.60
CA LEU A 156 16.40 17.54 -12.02
C LEU A 156 16.02 17.10 -13.41
N LEU A 157 17.01 16.66 -14.19
CA LEU A 157 16.72 16.18 -15.55
C LEU A 157 16.59 14.67 -15.64
N PHE A 158 16.81 13.96 -14.53
CA PHE A 158 16.72 12.51 -14.55
C PHE A 158 15.35 11.94 -14.88
N PRO A 159 14.29 12.39 -14.19
CA PRO A 159 12.98 11.82 -14.52
C PRO A 159 12.67 12.06 -16.00
N SER A 160 12.98 13.27 -16.49
CA SER A 160 12.72 13.59 -17.89
C SER A 160 13.52 12.69 -18.82
N PHE A 161 14.80 12.50 -18.52
CA PHE A 161 15.61 11.64 -19.37
C PHE A 161 15.02 10.23 -19.43
N ILE A 162 14.64 9.69 -18.27
CA ILE A 162 14.06 8.36 -18.22
C ILE A 162 12.74 8.30 -18.99
N HIS A 163 11.91 9.32 -18.83
CA HIS A 163 10.65 9.34 -19.57
C HIS A 163 10.92 9.29 -21.07
N SER A 164 11.92 10.05 -21.51
CA SER A 164 12.25 10.09 -22.92
C SER A 164 12.79 8.77 -23.47
N GLN A 165 13.33 7.94 -22.60
CA GLN A 165 13.88 6.64 -22.98
C GLN A 165 12.84 5.53 -22.88
N LYS A 166 11.69 5.84 -22.30
CA LYS A 166 10.63 4.86 -22.14
C LYS A 166 9.54 4.99 -23.19
N ARG A 167 8.31 4.68 -22.81
CA ARG A 167 7.20 4.71 -23.75
C ARG A 167 6.42 6.01 -23.86
N ASN A 168 5.93 6.28 -25.07
CA ASN A 168 5.13 7.46 -25.33
C ASN A 168 3.94 7.35 -24.38
N PRO A 169 3.58 8.45 -23.70
CA PRO A 169 2.46 8.42 -22.76
C PRO A 169 1.08 8.09 -23.33
N GLN A 170 0.90 8.26 -24.63
CA GLN A 170 -0.39 7.94 -25.24
C GLN A 170 -0.36 6.62 -26.00
N THR A 171 0.65 6.41 -26.82
CA THR A 171 0.73 5.17 -27.62
C THR A 171 1.36 3.98 -26.89
N HIS A 172 2.15 4.25 -25.86
CA HIS A 172 2.84 3.22 -25.09
C HIS A 172 3.90 2.56 -25.95
N LEU A 173 4.42 3.30 -26.92
CA LEU A 173 5.45 2.79 -27.83
C LEU A 173 6.76 3.54 -27.62
N LYS A 174 7.89 2.89 -27.93
CA LYS A 174 9.19 3.55 -27.82
C LYS A 174 9.05 4.70 -28.79
N ASP A 175 9.64 5.85 -28.46
CA ASP A 175 9.49 7.02 -29.32
C ASP A 175 10.80 7.72 -29.70
N PRO A 176 11.28 7.49 -30.94
CA PRO A 176 12.52 8.12 -31.41
C PRO A 176 12.51 9.65 -31.26
N ASP A 177 11.35 10.27 -31.45
CA ASP A 177 11.27 11.72 -31.31
C ASP A 177 11.59 12.12 -29.87
N MET A 178 11.04 11.38 -28.91
CA MET A 178 11.28 11.65 -27.49
C MET A 178 12.76 11.49 -27.15
N VAL A 179 13.32 10.35 -27.55
CA VAL A 179 14.73 10.07 -27.30
C VAL A 179 15.65 11.14 -27.84
N TRP A 180 15.54 11.43 -29.14
CA TRP A 180 16.42 12.40 -29.75
C TRP A 180 16.09 13.87 -29.55
N ASP A 181 14.83 14.18 -29.26
CA ASP A 181 14.54 15.57 -29.00
C ASP A 181 15.27 15.88 -27.68
N PHE A 182 15.11 15.00 -26.69
CA PHE A 182 15.77 15.23 -25.41
C PHE A 182 17.30 15.31 -25.54
N TRP A 183 17.91 14.33 -26.19
CA TRP A 183 19.35 14.34 -26.35
C TRP A 183 19.88 15.53 -27.15
N SER A 184 19.19 15.90 -28.22
CA SER A 184 19.65 17.01 -29.05
C SER A 184 19.53 18.34 -28.31
N LEU A 185 18.59 18.41 -27.36
CA LEU A 185 18.41 19.63 -26.58
C LEU A 185 19.37 19.68 -25.40
N ARG A 186 19.92 18.53 -25.04
CA ARG A 186 20.85 18.44 -23.92
C ARG A 186 22.15 17.78 -24.38
N PRO A 187 23.03 18.55 -25.03
CA PRO A 187 24.31 18.08 -25.55
C PRO A 187 25.25 17.47 -24.51
N GLU A 188 25.00 17.71 -23.22
CA GLU A 188 25.87 17.14 -22.21
C GLU A 188 25.85 15.62 -22.33
N SER A 189 24.79 15.10 -22.95
CA SER A 189 24.64 13.65 -23.14
C SER A 189 25.56 13.07 -24.19
N LEU A 190 26.24 13.92 -24.95
CA LEU A 190 27.13 13.45 -26.01
C LEU A 190 28.14 12.38 -25.61
N HIS A 191 28.79 12.56 -24.47
CA HIS A 191 29.80 11.61 -24.02
C HIS A 191 29.24 10.19 -23.84
N GLN A 192 28.20 10.06 -23.02
CA GLN A 192 27.60 8.75 -22.77
C GLN A 192 26.89 8.19 -23.99
N VAL A 193 26.36 9.07 -24.84
CA VAL A 193 25.68 8.60 -26.06
C VAL A 193 26.71 7.91 -26.95
N SER A 194 27.90 8.50 -27.06
CA SER A 194 28.95 7.90 -27.87
C SER A 194 29.32 6.53 -27.31
N PHE A 195 29.39 6.45 -25.99
CA PHE A 195 29.73 5.19 -25.32
C PHE A 195 28.62 4.17 -25.54
N LEU A 196 27.37 4.62 -25.41
CA LEU A 196 26.21 3.75 -25.57
C LEU A 196 26.07 3.16 -26.97
N PHE A 197 26.40 3.95 -27.99
CA PHE A 197 26.28 3.48 -29.35
C PHE A 197 27.55 2.82 -29.91
N SER A 198 28.56 2.63 -29.06
CA SER A 198 29.78 1.95 -29.46
C SER A 198 29.53 0.47 -29.17
N ASP A 199 30.52 -0.40 -29.40
CA ASP A 199 30.31 -1.82 -29.16
C ASP A 199 29.93 -2.15 -27.73
N ARG A 200 30.42 -1.37 -26.78
CA ARG A 200 30.13 -1.62 -25.38
C ARG A 200 28.67 -1.39 -25.00
N GLY A 201 27.86 -0.98 -25.98
CA GLY A 201 26.45 -0.73 -25.73
C GLY A 201 25.68 -2.03 -25.54
N ILE A 202 26.25 -3.14 -26.00
CA ILE A 202 25.62 -4.45 -25.86
C ILE A 202 26.66 -5.48 -25.42
N PRO A 203 26.95 -5.55 -24.11
CA PRO A 203 27.93 -6.52 -23.64
C PRO A 203 27.45 -7.96 -23.77
N ASP A 204 28.38 -8.91 -23.86
CA ASP A 204 28.02 -10.32 -23.97
C ASP A 204 27.75 -10.86 -22.57
N GLY A 205 26.52 -10.66 -22.09
CA GLY A 205 26.18 -11.12 -20.76
C GLY A 205 26.71 -10.14 -19.74
N HIS A 206 26.60 -10.47 -18.46
CA HIS A 206 27.06 -9.59 -17.38
C HIS A 206 28.50 -9.80 -16.93
N ARG A 207 29.08 -10.94 -17.27
CA ARG A 207 30.45 -11.26 -16.85
C ARG A 207 31.55 -10.61 -17.69
N HIS A 208 31.20 -10.06 -18.85
CA HIS A 208 32.21 -9.45 -19.73
C HIS A 208 32.12 -7.94 -19.90
N MET A 209 31.91 -7.24 -18.79
CA MET A 209 31.82 -5.79 -18.79
C MET A 209 32.40 -5.28 -17.49
N ASN A 210 32.87 -4.04 -17.50
CA ASN A 210 33.43 -3.45 -16.29
C ASN A 210 32.31 -2.83 -15.48
N GLY A 211 32.65 -2.42 -14.26
CA GLY A 211 31.72 -1.75 -13.39
C GLY A 211 32.40 -0.47 -12.95
N TYR A 212 31.64 0.57 -12.65
CA TYR A 212 32.18 1.86 -12.21
C TYR A 212 31.22 2.49 -11.21
N GLY A 213 31.75 3.23 -10.25
CA GLY A 213 30.90 3.91 -9.31
C GLY A 213 30.41 5.15 -10.01
N SER A 214 31.10 5.50 -11.11
CA SER A 214 30.79 6.66 -11.94
C SER A 214 31.06 7.99 -11.23
N HIS A 215 30.30 8.24 -10.16
CA HIS A 215 30.45 9.47 -9.39
C HIS A 215 31.80 9.55 -8.69
N THR A 216 32.16 10.78 -8.34
CA THR A 216 33.36 11.05 -7.57
C THR A 216 32.83 10.91 -6.13
N PHE A 217 33.57 10.21 -5.28
CA PHE A 217 33.17 10.05 -3.90
C PHE A 217 34.28 10.62 -3.01
N LYS A 218 34.08 10.55 -1.70
CA LYS A 218 35.06 11.07 -0.76
C LYS A 218 35.52 9.98 0.20
N LEU A 219 36.83 9.84 0.35
CA LEU A 219 37.37 8.84 1.27
C LEU A 219 37.99 9.58 2.45
N VAL A 220 37.77 9.05 3.65
CA VAL A 220 38.28 9.67 4.86
C VAL A 220 39.09 8.65 5.65
N ASN A 221 40.32 9.02 6.02
CA ASN A 221 41.17 8.10 6.78
C ASN A 221 41.04 8.31 8.29
N ALA A 222 41.74 7.47 9.05
CA ALA A 222 41.69 7.53 10.51
C ALA A 222 42.14 8.87 11.10
N ASN A 223 42.92 9.63 10.36
CA ASN A 223 43.39 10.93 10.85
C ASN A 223 42.52 12.10 10.42
N GLY A 224 41.33 11.80 9.89
CA GLY A 224 40.44 12.86 9.47
C GLY A 224 40.79 13.51 8.14
N GLU A 225 41.81 12.99 7.48
CA GLU A 225 42.23 13.52 6.18
C GLU A 225 41.33 12.95 5.09
N ALA A 226 41.00 13.76 4.11
CA ALA A 226 40.13 13.33 3.02
C ALA A 226 40.67 13.54 1.61
N VAL A 227 40.23 12.70 0.69
CA VAL A 227 40.61 12.79 -0.70
C VAL A 227 39.38 12.36 -1.48
N TYR A 228 39.31 12.73 -2.76
CA TYR A 228 38.18 12.33 -3.60
C TYR A 228 38.62 11.09 -4.36
N CYS A 229 37.67 10.25 -4.75
CA CYS A 229 38.01 9.05 -5.48
C CYS A 229 36.96 8.63 -6.50
N LYS A 230 37.35 7.65 -7.31
CA LYS A 230 36.49 7.06 -8.33
C LYS A 230 36.67 5.56 -8.13
N PHE A 231 35.59 4.81 -8.19
CA PHE A 231 35.67 3.36 -8.03
C PHE A 231 35.60 2.70 -9.39
N HIS A 232 36.50 1.75 -9.62
CA HIS A 232 36.52 1.01 -10.87
C HIS A 232 36.66 -0.48 -10.53
N TYR A 233 35.82 -1.31 -11.13
CA TYR A 233 35.96 -2.76 -10.92
C TYR A 233 35.96 -3.43 -12.28
N LYS A 234 37.16 -3.78 -12.73
CA LYS A 234 37.37 -4.39 -14.04
C LYS A 234 37.12 -5.88 -14.11
N THR A 235 36.45 -6.30 -15.17
CA THR A 235 36.14 -7.71 -15.34
C THR A 235 37.40 -8.53 -15.57
N ASP A 236 37.54 -9.59 -14.80
CA ASP A 236 38.69 -10.48 -14.94
C ASP A 236 38.41 -11.48 -16.06
N GLN A 237 37.22 -11.40 -16.64
CA GLN A 237 36.84 -12.29 -17.73
C GLN A 237 37.10 -11.65 -19.09
N GLY A 238 37.42 -10.36 -19.07
CA GLY A 238 37.69 -9.65 -20.31
C GLY A 238 36.46 -9.01 -20.94
N ILE A 239 36.66 -7.88 -21.62
CA ILE A 239 35.57 -7.20 -22.27
C ILE A 239 35.16 -8.00 -23.49
N LYS A 240 33.86 -8.24 -23.63
CA LYS A 240 33.32 -8.98 -24.76
C LYS A 240 31.94 -8.41 -25.03
N ASN A 241 31.66 -8.08 -26.28
CA ASN A 241 30.37 -7.53 -26.65
C ASN A 241 29.71 -8.38 -27.74
N LEU A 242 28.41 -8.16 -27.93
CA LEU A 242 27.65 -8.89 -28.94
C LEU A 242 27.44 -8.00 -30.15
N SER A 243 27.50 -8.58 -31.34
CA SER A 243 27.28 -7.80 -32.55
C SER A 243 25.80 -7.43 -32.56
N VAL A 244 25.45 -6.38 -33.29
CA VAL A 244 24.07 -5.96 -33.37
C VAL A 244 23.19 -7.10 -33.89
N GLU A 245 23.70 -7.88 -34.84
CA GLU A 245 22.91 -8.97 -35.39
C GLU A 245 22.73 -10.12 -34.38
N ASP A 246 23.79 -10.48 -33.65
CA ASP A 246 23.67 -11.54 -32.66
C ASP A 246 22.76 -11.11 -31.52
N ALA A 247 22.89 -9.85 -31.12
CA ALA A 247 22.08 -9.31 -30.04
C ALA A 247 20.59 -9.32 -30.43
N ALA A 248 20.33 -9.01 -31.69
CA ALA A 248 18.96 -8.98 -32.21
C ALA A 248 18.37 -10.39 -32.20
N ARG A 249 19.17 -11.35 -32.64
CA ARG A 249 18.75 -12.75 -32.69
C ARG A 249 18.43 -13.27 -31.29
N LEU A 250 19.34 -13.02 -30.35
CA LEU A 250 19.14 -13.46 -28.97
C LEU A 250 17.95 -12.78 -28.33
N ALA A 251 17.64 -11.57 -28.78
CA ALA A 251 16.52 -10.82 -28.24
C ALA A 251 15.24 -11.65 -28.29
N HIS A 252 15.09 -12.49 -29.32
CA HIS A 252 13.91 -13.34 -29.41
C HIS A 252 14.18 -14.81 -29.08
N GLU A 253 15.40 -15.29 -29.35
CA GLU A 253 15.72 -16.69 -29.05
C GLU A 253 15.90 -16.94 -27.55
N ASP A 254 16.45 -15.96 -26.85
CA ASP A 254 16.62 -16.08 -25.40
C ASP A 254 16.64 -14.70 -24.75
N PRO A 255 15.44 -14.17 -24.46
CA PRO A 255 15.29 -12.85 -23.83
C PRO A 255 16.03 -12.79 -22.49
N ASP A 256 16.32 -13.95 -21.92
CA ASP A 256 16.98 -14.01 -20.62
C ASP A 256 18.41 -14.53 -20.71
N TYR A 257 19.04 -14.26 -21.85
CA TYR A 257 20.42 -14.66 -22.12
C TYR A 257 21.39 -14.31 -20.99
N GLY A 258 21.24 -13.11 -20.43
CA GLY A 258 22.12 -12.67 -19.35
C GLY A 258 21.88 -13.43 -18.06
N LEU A 259 20.61 -13.66 -17.73
CA LEU A 259 20.24 -14.40 -16.53
C LEU A 259 20.82 -15.81 -16.58
N ARG A 260 20.57 -16.49 -17.70
CA ARG A 260 21.02 -17.86 -17.92
C ARG A 260 22.53 -17.99 -17.91
N ASP A 261 23.20 -17.08 -18.61
CA ASP A 261 24.66 -17.10 -18.68
C ASP A 261 25.31 -16.97 -17.31
N LEU A 262 24.76 -16.09 -16.47
CA LEU A 262 25.30 -15.90 -15.13
C LEU A 262 25.02 -17.09 -14.21
N PHE A 263 23.80 -17.60 -14.25
CA PHE A 263 23.46 -18.73 -13.39
C PHE A 263 24.29 -19.96 -13.73
N ASN A 264 24.42 -20.26 -15.02
CA ASN A 264 25.20 -21.43 -15.42
C ASN A 264 26.68 -21.29 -15.11
N ALA A 265 27.22 -20.09 -15.27
CA ALA A 265 28.63 -19.85 -14.99
C ALA A 265 28.94 -20.22 -13.54
N ILE A 266 28.12 -19.71 -12.62
CA ILE A 266 28.31 -19.99 -11.20
C ILE A 266 28.01 -21.44 -10.86
N ALA A 267 26.92 -21.98 -11.41
CA ALA A 267 26.55 -23.36 -11.13
C ALA A 267 27.63 -24.35 -11.54
N THR A 268 28.43 -24.00 -12.55
CA THR A 268 29.49 -24.88 -13.01
C THR A 268 30.85 -24.57 -12.38
N GLY A 269 30.87 -23.67 -11.41
CA GLY A 269 32.12 -23.33 -10.76
C GLY A 269 32.96 -22.30 -11.48
N ASN A 270 32.45 -21.79 -12.60
CA ASN A 270 33.19 -20.79 -13.35
C ASN A 270 32.79 -19.41 -12.81
N TYR A 271 33.12 -19.17 -11.54
CA TYR A 271 32.78 -17.92 -10.87
C TYR A 271 33.41 -16.69 -11.50
N PRO A 272 32.59 -15.67 -11.79
CA PRO A 272 33.09 -14.43 -12.39
C PRO A 272 33.72 -13.56 -11.30
N SER A 273 34.73 -12.79 -11.67
CA SER A 273 35.37 -11.91 -10.70
C SER A 273 35.74 -10.58 -11.34
N TRP A 274 35.90 -9.56 -10.50
CA TRP A 274 36.26 -8.22 -10.96
C TRP A 274 37.34 -7.69 -10.02
N THR A 275 38.28 -6.92 -10.56
CA THR A 275 39.32 -6.33 -9.73
C THR A 275 38.92 -4.88 -9.45
N LEU A 276 38.81 -4.55 -8.17
CA LEU A 276 38.42 -3.22 -7.74
C LEU A 276 39.62 -2.29 -7.58
N TYR A 277 39.54 -1.14 -8.25
CA TYR A 277 40.59 -0.12 -8.17
C TYR A 277 39.92 1.19 -7.79
N ILE A 278 40.74 2.18 -7.48
CA ILE A 278 40.25 3.51 -7.17
C ILE A 278 41.23 4.49 -7.79
N GLN A 279 40.71 5.67 -8.13
CA GLN A 279 41.53 6.75 -8.66
C GLN A 279 41.45 7.73 -7.50
N VAL A 280 42.54 8.42 -7.20
CA VAL A 280 42.54 9.36 -6.11
C VAL A 280 42.90 10.76 -6.56
N MET A 281 42.14 11.74 -6.08
CA MET A 281 42.37 13.13 -6.41
C MET A 281 42.33 13.92 -5.10
N THR A 282 43.37 14.69 -4.82
CA THR A 282 43.42 15.48 -3.59
C THR A 282 42.50 16.67 -3.74
N PHE A 283 42.15 17.30 -2.61
CA PHE A 283 41.30 18.46 -2.66
C PHE A 283 41.98 19.58 -3.43
N SER A 284 43.31 19.62 -3.36
CA SER A 284 44.07 20.64 -4.07
C SER A 284 43.92 20.45 -5.58
N GLU A 285 44.06 19.21 -6.03
CA GLU A 285 43.93 18.89 -7.44
C GLU A 285 42.51 19.15 -7.95
N ALA A 286 41.53 18.85 -7.11
CA ALA A 286 40.13 19.06 -7.48
C ALA A 286 39.91 20.54 -7.73
N GLU A 287 40.67 21.35 -7.01
CA GLU A 287 40.58 22.81 -7.14
C GLU A 287 41.01 23.31 -8.51
N ILE A 288 41.98 22.63 -9.12
CA ILE A 288 42.48 23.07 -10.43
C ILE A 288 42.22 22.12 -11.60
N PHE A 289 41.41 21.09 -11.39
CA PHE A 289 41.08 20.16 -12.47
C PHE A 289 40.45 21.00 -13.59
N PRO A 290 40.77 20.69 -14.86
CA PRO A 290 40.27 21.40 -16.05
C PRO A 290 38.75 21.42 -16.21
N PHE A 291 38.07 20.49 -15.56
CA PHE A 291 36.61 20.42 -15.64
C PHE A 291 36.10 20.36 -14.22
N ASN A 292 34.79 20.29 -14.06
CA ASN A 292 34.22 20.17 -12.73
C ASN A 292 34.53 18.72 -12.36
N PRO A 293 35.36 18.50 -11.32
CA PRO A 293 35.68 17.13 -10.93
C PRO A 293 34.47 16.33 -10.48
N PHE A 294 33.36 17.03 -10.23
CA PHE A 294 32.13 16.38 -9.79
C PHE A 294 31.09 16.35 -10.90
N ASP A 295 31.55 16.54 -12.13
CA ASP A 295 30.68 16.51 -13.31
C ASP A 295 30.60 15.06 -13.76
N LEU A 296 29.42 14.46 -13.66
CA LEU A 296 29.22 13.07 -14.01
C LEU A 296 29.42 12.72 -15.50
N THR A 297 29.54 13.73 -16.35
CA THR A 297 29.74 13.48 -17.77
C THR A 297 31.23 13.53 -18.11
N LYS A 298 32.07 13.57 -17.08
CA LYS A 298 33.51 13.63 -17.25
C LYS A 298 34.23 12.48 -16.56
N VAL A 299 35.35 12.05 -17.12
CA VAL A 299 36.14 10.99 -16.51
C VAL A 299 37.45 11.64 -16.05
N TRP A 300 38.20 10.94 -15.19
CA TRP A 300 39.49 11.45 -14.74
C TRP A 300 40.51 10.68 -15.57
N PRO A 301 41.30 11.39 -16.39
CA PRO A 301 42.30 10.73 -17.23
C PRO A 301 43.19 9.79 -16.42
N HIS A 302 43.26 8.53 -16.84
CA HIS A 302 44.08 7.55 -16.13
C HIS A 302 45.55 7.94 -16.11
N GLY A 303 45.97 8.73 -17.10
CA GLY A 303 47.35 9.16 -17.16
C GLY A 303 47.69 10.11 -16.02
N ASP A 304 46.70 10.88 -15.56
CA ASP A 304 46.92 11.83 -14.48
C ASP A 304 46.51 11.25 -13.13
N TYR A 305 45.58 10.30 -13.15
CA TYR A 305 45.09 9.67 -11.93
C TYR A 305 45.02 8.17 -12.17
N PRO A 306 46.16 7.47 -12.02
CA PRO A 306 46.28 6.03 -12.22
C PRO A 306 45.39 5.20 -11.29
N LEU A 307 45.06 3.99 -11.72
CA LEU A 307 44.23 3.10 -10.91
C LEU A 307 45.08 2.46 -9.82
N ILE A 308 44.56 2.48 -8.59
CA ILE A 308 45.23 1.91 -7.43
C ILE A 308 44.44 0.65 -7.05
N PRO A 309 45.08 -0.53 -7.07
CA PRO A 309 44.35 -1.75 -6.72
C PRO A 309 43.88 -1.80 -5.27
N VAL A 310 42.72 -2.41 -5.05
CA VAL A 310 42.15 -2.51 -3.72
C VAL A 310 41.79 -3.95 -3.34
N GLY A 311 41.10 -4.64 -4.25
CA GLY A 311 40.71 -6.01 -3.96
C GLY A 311 39.96 -6.65 -5.10
N LYS A 312 39.33 -7.78 -4.82
CA LYS A 312 38.58 -8.52 -5.82
C LYS A 312 37.14 -8.83 -5.41
N LEU A 313 36.26 -8.82 -6.41
CA LEU A 313 34.85 -9.14 -6.20
C LEU A 313 34.65 -10.47 -6.89
N VAL A 314 34.10 -11.44 -6.17
CA VAL A 314 33.87 -12.78 -6.71
C VAL A 314 32.45 -13.24 -6.45
N LEU A 315 31.76 -13.70 -7.50
CA LEU A 315 30.40 -14.19 -7.34
C LEU A 315 30.46 -15.70 -7.41
N ASN A 316 30.13 -16.37 -6.31
CA ASN A 316 30.19 -17.83 -6.26
C ASN A 316 28.92 -18.49 -5.77
N ARG A 317 27.83 -17.74 -5.68
CA ARG A 317 26.58 -18.31 -5.23
C ARG A 317 25.37 -17.76 -5.96
N ASN A 318 24.53 -18.67 -6.47
CA ASN A 318 23.33 -18.30 -7.18
C ASN A 318 22.20 -18.08 -6.19
N PRO A 319 21.24 -17.21 -6.54
CA PRO A 319 20.15 -17.02 -5.57
C PRO A 319 19.38 -18.34 -5.51
N VAL A 320 18.66 -18.56 -4.42
CA VAL A 320 17.87 -19.79 -4.28
C VAL A 320 16.44 -19.49 -4.72
N ASN A 321 15.93 -18.33 -4.32
CA ASN A 321 14.60 -17.88 -4.72
C ASN A 321 14.81 -16.48 -5.28
N TYR A 322 14.63 -16.35 -6.59
CA TYR A 322 14.82 -15.08 -7.28
C TYR A 322 14.02 -13.91 -6.75
N PHE A 323 12.74 -14.13 -6.45
CA PHE A 323 11.91 -13.04 -5.97
C PHE A 323 12.39 -12.46 -4.66
N ALA A 324 12.62 -13.35 -3.69
CA ALA A 324 13.04 -12.94 -2.35
C ALA A 324 14.45 -12.37 -2.27
N GLU A 325 15.36 -12.89 -3.09
CA GLU A 325 16.75 -12.44 -3.05
C GLU A 325 17.19 -11.46 -4.13
N VAL A 326 16.49 -11.42 -5.26
CA VAL A 326 16.88 -10.50 -6.32
C VAL A 326 15.85 -9.42 -6.61
N GLU A 327 14.61 -9.82 -6.86
CA GLU A 327 13.60 -8.81 -7.15
C GLU A 327 13.45 -7.82 -5.98
N GLN A 328 13.52 -8.34 -4.75
CA GLN A 328 13.38 -7.49 -3.55
C GLN A 328 14.67 -6.83 -3.09
N LEU A 329 15.77 -7.10 -3.80
CA LEU A 329 17.06 -6.52 -3.48
C LEU A 329 16.98 -5.00 -3.59
N ALA A 330 17.54 -4.30 -2.61
CA ALA A 330 17.49 -2.85 -2.61
C ALA A 330 18.84 -2.20 -2.29
N PHE A 331 19.36 -1.42 -3.23
CA PHE A 331 20.64 -0.73 -3.04
C PHE A 331 20.41 0.78 -2.87
N ASP A 332 20.95 1.38 -1.81
CA ASP A 332 20.82 2.81 -1.56
C ASP A 332 22.21 3.46 -1.54
N PRO A 333 22.51 4.35 -2.50
CA PRO A 333 23.82 5.00 -2.51
C PRO A 333 24.15 5.66 -1.16
N SER A 334 23.10 6.01 -0.41
CA SER A 334 23.24 6.64 0.89
C SER A 334 23.80 5.70 1.96
N ASN A 335 23.72 4.40 1.68
CA ASN A 335 24.27 3.39 2.61
C ASN A 335 25.78 3.44 2.44
N MET A 336 26.44 4.29 3.25
CA MET A 336 27.89 4.44 3.22
C MET A 336 28.41 4.40 4.65
N PRO A 337 29.42 3.56 4.93
CA PRO A 337 29.97 3.44 6.27
C PRO A 337 31.05 4.50 6.52
N PRO A 338 31.43 4.71 7.78
CA PRO A 338 32.46 5.71 8.08
C PRO A 338 33.69 5.42 7.22
N GLY A 339 34.28 6.46 6.64
CA GLY A 339 35.45 6.26 5.81
C GLY A 339 35.11 6.45 4.33
N ILE A 340 33.81 6.49 4.03
CA ILE A 340 33.34 6.70 2.66
C ILE A 340 32.18 7.70 2.73
N GLU A 341 32.27 8.76 1.93
CA GLU A 341 31.23 9.79 1.92
C GLU A 341 30.95 10.29 0.50
N PRO A 342 29.85 11.04 0.33
CA PRO A 342 29.51 11.54 -1.01
C PRO A 342 30.30 12.81 -1.34
N SER A 343 30.39 13.13 -2.62
CA SER A 343 31.06 14.35 -3.07
C SER A 343 29.92 15.30 -3.42
N PRO A 344 30.23 16.54 -3.84
CA PRO A 344 29.19 17.50 -4.21
C PRO A 344 28.45 17.20 -5.52
N ASP A 345 28.88 16.16 -6.25
CA ASP A 345 28.23 15.76 -7.52
C ASP A 345 26.71 15.91 -7.40
N LYS A 346 26.14 16.88 -8.13
CA LYS A 346 24.70 17.12 -8.09
C LYS A 346 23.86 15.87 -8.33
N MET A 347 24.32 15.01 -9.24
CA MET A 347 23.61 13.78 -9.55
C MET A 347 23.65 12.83 -8.35
N LEU A 348 24.83 12.63 -7.78
CA LEU A 348 24.96 11.76 -6.62
C LEU A 348 24.10 12.29 -5.47
N GLN A 349 24.12 13.61 -5.27
CA GLN A 349 23.34 14.24 -4.20
C GLN A 349 21.86 13.87 -4.34
N GLY A 350 21.37 13.92 -5.58
CA GLY A 350 19.98 13.57 -5.80
C GLY A 350 19.70 12.10 -5.50
N ARG A 351 20.66 11.23 -5.84
CA ARG A 351 20.52 9.80 -5.60
C ARG A 351 20.46 9.46 -4.11
N LEU A 352 21.05 10.32 -3.27
CA LEU A 352 21.03 10.07 -1.83
C LEU A 352 19.59 10.01 -1.33
N PHE A 353 18.71 10.78 -1.97
CA PHE A 353 17.30 10.81 -1.61
C PHE A 353 16.45 9.77 -2.34
N ALA A 354 16.57 9.73 -3.66
CA ALA A 354 15.76 8.85 -4.50
C ALA A 354 15.65 7.34 -4.19
N TYR A 355 16.76 6.67 -3.92
CA TYR A 355 16.70 5.24 -3.69
C TYR A 355 15.95 4.79 -2.43
N PRO A 356 16.30 5.35 -1.26
CA PRO A 356 15.55 4.89 -0.09
C PRO A 356 14.08 5.26 -0.26
N ASP A 357 13.83 6.38 -0.94
CA ASP A 357 12.47 6.85 -1.19
C ASP A 357 11.67 5.91 -2.08
N THR A 358 12.25 5.49 -3.21
CA THR A 358 11.55 4.59 -4.10
C THR A 358 11.40 3.21 -3.45
N HIS A 359 12.37 2.83 -2.61
CA HIS A 359 12.30 1.53 -1.94
C HIS A 359 11.16 1.46 -0.94
N ARG A 360 10.90 2.56 -0.24
CA ARG A 360 9.81 2.58 0.72
C ARG A 360 8.50 2.35 -0.01
N HIS A 361 8.44 2.77 -1.28
CA HIS A 361 7.27 2.61 -2.14
C HIS A 361 7.18 1.22 -2.77
N ARG A 362 8.23 0.83 -3.49
CA ARG A 362 8.28 -0.46 -4.19
C ARG A 362 8.24 -1.68 -3.26
N LEU A 363 8.98 -1.63 -2.16
CA LEU A 363 9.03 -2.74 -1.24
C LEU A 363 8.17 -2.49 -0.01
N GLY A 364 8.42 -1.39 0.68
CA GLY A 364 7.63 -1.08 1.86
C GLY A 364 8.43 -0.29 2.88
N PRO A 365 7.76 0.35 3.84
CA PRO A 365 8.49 1.12 4.85
C PRO A 365 9.62 0.34 5.51
N ASN A 366 9.39 -0.94 5.77
CA ASN A 366 10.39 -1.77 6.42
C ASN A 366 11.19 -2.70 5.50
N TYR A 367 11.47 -2.22 4.29
CA TYR A 367 12.21 -2.99 3.31
C TYR A 367 13.61 -3.38 3.77
N LEU A 368 14.17 -2.65 4.73
CA LEU A 368 15.49 -2.98 5.24
C LEU A 368 15.45 -4.21 6.14
N GLN A 369 14.24 -4.70 6.43
CA GLN A 369 14.06 -5.87 7.27
C GLN A 369 13.91 -7.13 6.42
N ILE A 370 13.83 -6.95 5.11
CA ILE A 370 13.75 -8.08 4.19
C ILE A 370 15.17 -8.64 4.30
N PRO A 371 15.30 -9.94 4.57
CA PRO A 371 16.58 -10.63 4.72
C PRO A 371 17.75 -10.18 3.84
N VAL A 372 17.55 -10.16 2.53
CA VAL A 372 18.65 -9.79 1.64
C VAL A 372 19.07 -8.34 1.79
N ASN A 373 18.21 -7.51 2.38
CA ASN A 373 18.55 -6.10 2.56
C ASN A 373 19.02 -5.77 3.98
N CYS A 374 18.92 -6.73 4.89
CA CYS A 374 19.33 -6.51 6.27
C CYS A 374 20.85 -6.42 6.45
N PRO A 375 21.32 -5.45 7.25
CA PRO A 375 22.77 -5.34 7.47
C PRO A 375 23.05 -6.40 8.54
N TYR A 376 23.00 -7.66 8.13
CA TYR A 376 23.17 -8.77 9.05
C TYR A 376 24.53 -8.91 9.72
N ARG A 377 25.52 -8.15 9.27
CA ARG A 377 26.85 -8.24 9.87
C ARG A 377 27.07 -7.07 10.82
N ALA A 378 26.00 -6.29 11.02
CA ALA A 378 26.07 -5.16 11.94
C ALA A 378 24.95 -5.32 12.94
N ARG A 379 25.02 -4.54 14.02
CA ARG A 379 23.99 -4.58 15.05
C ARG A 379 23.13 -3.35 14.87
N VAL A 380 21.94 -3.52 14.28
CA VAL A 380 21.06 -2.38 14.09
C VAL A 380 20.42 -2.04 15.42
N ALA A 381 20.65 -0.82 15.88
CA ALA A 381 20.09 -0.35 17.15
C ALA A 381 19.83 1.13 17.01
N ASN A 382 18.59 1.55 17.23
CA ASN A 382 18.22 2.94 17.12
C ASN A 382 16.89 3.23 17.79
N TYR A 383 16.29 4.36 17.44
CA TYR A 383 15.02 4.75 18.03
C TYR A 383 13.87 4.73 17.04
N GLN A 384 14.04 3.94 16.00
CA GLN A 384 13.02 3.76 14.97
C GLN A 384 12.14 2.58 15.38
N ARG A 385 10.83 2.73 15.20
CA ARG A 385 9.88 1.70 15.59
C ARG A 385 8.67 1.61 14.66
N ASP A 386 8.02 0.45 14.71
CA ASP A 386 6.80 0.16 13.99
C ASP A 386 6.84 0.14 12.45
N GLY A 387 5.74 0.58 11.85
CA GLY A 387 5.62 0.58 10.40
C GLY A 387 5.00 -0.74 9.93
N PRO A 388 4.39 -0.78 8.74
CA PRO A 388 3.79 -2.04 8.27
C PRO A 388 4.79 -3.17 8.10
N MET A 389 4.31 -4.40 8.26
CA MET A 389 5.15 -5.59 8.15
C MET A 389 6.39 -5.48 9.01
N CYS A 390 6.17 -5.18 10.29
CA CYS A 390 7.24 -5.04 11.26
C CYS A 390 7.66 -6.43 11.75
N MET A 391 8.88 -6.83 11.42
CA MET A 391 9.39 -8.14 11.80
C MET A 391 10.15 -8.19 13.12
N MET A 392 10.85 -9.30 13.34
CA MET A 392 11.64 -9.50 14.55
C MET A 392 10.88 -9.07 15.80
N ASP A 393 11.55 -8.35 16.70
CA ASP A 393 10.92 -7.91 17.93
C ASP A 393 10.64 -6.41 17.96
N ASN A 394 10.95 -5.72 16.87
CA ASN A 394 10.73 -4.29 16.80
C ASN A 394 11.52 -3.63 17.94
N GLN A 395 12.67 -4.23 18.25
CA GLN A 395 13.60 -3.78 19.28
C GLN A 395 13.03 -3.89 20.71
N GLY A 396 12.09 -4.81 20.87
CA GLY A 396 11.49 -5.08 22.17
C GLY A 396 11.01 -3.88 22.96
N GLY A 397 11.31 -3.88 24.26
CA GLY A 397 10.87 -2.80 25.12
C GLY A 397 11.91 -1.71 25.39
N ALA A 398 12.93 -1.63 24.54
CA ALA A 398 13.97 -0.62 24.71
C ALA A 398 13.41 0.79 24.64
N PRO A 399 13.97 1.71 25.45
CA PRO A 399 13.51 3.10 25.45
C PRO A 399 13.49 3.58 23.99
N ASN A 400 12.40 4.23 23.58
CA ASN A 400 12.28 4.64 22.18
C ASN A 400 12.52 6.12 21.86
N TYR A 401 13.14 6.84 22.79
CA TYR A 401 13.44 8.27 22.57
C TYR A 401 14.89 8.55 22.97
N TYR A 402 15.50 9.51 22.27
CA TYR A 402 16.90 9.88 22.51
C TYR A 402 16.99 11.40 22.63
N PRO A 403 17.73 11.90 23.64
CA PRO A 403 18.48 11.15 24.64
C PRO A 403 17.59 10.61 25.75
N ASN A 404 18.11 9.63 26.49
CA ASN A 404 17.37 9.03 27.58
C ASN A 404 18.35 8.63 28.68
N SER A 405 17.81 8.34 29.87
CA SER A 405 18.64 7.96 31.00
C SER A 405 18.51 6.47 31.29
N PHE A 406 18.12 5.69 30.28
CA PHE A 406 17.91 4.26 30.49
C PHE A 406 18.80 3.29 29.73
N SER A 407 20.00 3.76 29.38
CA SER A 407 21.02 2.95 28.71
C SER A 407 20.74 2.45 27.30
N ALA A 408 19.83 3.10 26.58
CA ALA A 408 19.52 2.69 25.21
C ALA A 408 20.70 3.15 24.32
N PRO A 409 20.72 2.76 23.04
CA PRO A 409 21.79 3.14 22.11
C PRO A 409 22.31 4.59 22.15
N GLU A 410 23.61 4.73 21.93
CA GLU A 410 24.26 6.05 21.93
C GLU A 410 24.99 6.29 20.62
N HIS A 411 24.99 7.53 20.15
CA HIS A 411 25.69 7.86 18.92
C HIS A 411 27.18 7.79 19.24
N GLN A 412 28.00 7.63 18.21
CA GLN A 412 29.45 7.51 18.39
C GLN A 412 30.21 8.57 17.60
N PRO A 413 30.78 9.56 18.32
CA PRO A 413 31.55 10.66 17.73
C PRO A 413 32.56 10.28 16.66
N SER A 414 33.18 9.12 16.80
CA SER A 414 34.16 8.66 15.82
C SER A 414 33.53 8.45 14.45
N ALA A 415 32.20 8.48 14.40
CA ALA A 415 31.50 8.27 13.14
C ALA A 415 31.09 9.59 12.48
N LEU A 416 31.45 10.71 13.10
CA LEU A 416 31.11 12.02 12.55
C LEU A 416 31.69 12.16 11.16
N GLU A 417 30.95 12.83 10.29
CA GLU A 417 31.38 13.03 8.91
C GLU A 417 32.48 14.07 8.79
N HIS A 418 33.33 13.90 7.77
CA HIS A 418 34.43 14.82 7.51
C HIS A 418 33.84 16.19 7.20
N ARG A 419 34.41 17.24 7.77
CA ARG A 419 33.88 18.58 7.51
C ARG A 419 34.57 19.29 6.35
N THR A 420 33.76 19.70 5.39
CA THR A 420 34.24 20.41 4.20
C THR A 420 33.65 21.80 4.20
N HIS A 421 34.43 22.78 3.76
CA HIS A 421 33.96 24.16 3.73
C HIS A 421 33.36 24.55 2.38
N PHE A 422 32.23 25.25 2.43
CA PHE A 422 31.56 25.75 1.24
C PHE A 422 31.10 27.17 1.50
N SER A 423 31.07 27.98 0.46
CA SER A 423 30.60 29.35 0.58
C SER A 423 30.11 29.78 -0.79
N GLY A 424 29.03 30.56 -0.79
CA GLY A 424 28.45 31.03 -2.04
C GLY A 424 26.98 31.25 -1.82
N ASP A 425 26.30 31.80 -2.82
CA ASP A 425 24.88 32.04 -2.72
C ASP A 425 24.09 30.76 -2.87
N VAL A 426 22.88 30.77 -2.35
CA VAL A 426 22.00 29.63 -2.50
C VAL A 426 21.19 29.95 -3.74
N GLN A 427 21.46 29.25 -4.82
CA GLN A 427 20.72 29.47 -6.05
C GLN A 427 20.87 28.27 -6.96
N ARG A 428 20.17 28.32 -8.10
CA ARG A 428 20.23 27.24 -9.05
C ARG A 428 21.25 27.60 -10.13
N PHE A 429 22.49 27.16 -9.92
CA PHE A 429 23.58 27.45 -10.85
C PHE A 429 23.46 26.62 -12.13
N ASN A 430 23.43 27.29 -13.27
CA ASN A 430 23.29 26.60 -14.55
C ASN A 430 24.55 25.82 -14.92
N SER A 431 24.40 24.52 -15.17
CA SER A 431 25.54 23.68 -15.53
C SER A 431 25.35 23.10 -16.93
N ALA A 432 24.34 23.60 -17.63
CA ALA A 432 24.05 23.11 -18.98
C ALA A 432 25.20 23.28 -19.98
N ASN A 433 26.01 24.30 -19.78
CA ASN A 433 27.11 24.58 -20.71
C ASN A 433 28.52 24.30 -20.16
N ASP A 434 28.64 23.28 -19.33
CA ASP A 434 29.92 22.89 -18.74
C ASP A 434 30.73 21.98 -19.66
N ASP A 435 31.21 22.53 -20.77
CA ASP A 435 31.99 21.78 -21.75
C ASP A 435 31.37 20.42 -22.03
N ASN A 436 30.64 20.32 -23.14
CA ASN A 436 29.98 19.08 -23.49
C ASN A 436 30.68 18.32 -24.62
N VAL A 437 31.84 18.81 -25.07
CA VAL A 437 32.50 18.16 -26.21
C VAL A 437 33.96 17.73 -26.09
N THR A 438 34.75 18.41 -25.28
CA THR A 438 36.17 18.07 -25.16
C THR A 438 36.51 16.60 -24.97
N GLN A 439 35.97 15.96 -23.94
CA GLN A 439 36.27 14.55 -23.70
C GLN A 439 35.60 13.65 -24.74
N VAL A 440 34.49 14.12 -25.30
CA VAL A 440 33.76 13.36 -26.31
C VAL A 440 34.62 13.23 -27.56
N ARG A 441 35.33 14.32 -27.88
CA ARG A 441 36.20 14.37 -29.05
C ARG A 441 37.33 13.36 -28.85
N THR A 442 37.87 13.31 -27.65
CA THR A 442 38.94 12.38 -27.32
C THR A 442 38.46 10.94 -27.47
N PHE A 443 37.24 10.68 -27.00
CA PHE A 443 36.67 9.35 -27.10
C PHE A 443 36.50 8.96 -28.56
N TYR A 444 35.93 9.87 -29.34
CA TYR A 444 35.69 9.62 -30.75
C TYR A 444 36.95 9.40 -31.58
N LEU A 445 37.98 10.22 -31.34
CA LEU A 445 39.22 10.13 -32.11
C LEU A 445 40.32 9.24 -31.56
N LYS A 446 40.40 9.09 -30.25
CA LYS A 446 41.45 8.28 -29.61
C LYS A 446 41.03 6.92 -29.07
N VAL A 447 39.96 6.89 -28.28
CA VAL A 447 39.51 5.64 -27.70
C VAL A 447 39.02 4.65 -28.76
N LEU A 448 38.43 5.19 -29.83
CA LEU A 448 37.93 4.35 -30.91
C LEU A 448 38.87 4.39 -32.11
N ASN A 449 38.69 3.44 -33.03
CA ASN A 449 39.47 3.39 -34.25
C ASN A 449 38.49 3.52 -35.41
N GLU A 450 38.99 3.50 -36.64
CA GLU A 450 38.13 3.63 -37.81
C GLU A 450 36.99 2.63 -37.87
N GLU A 451 37.29 1.35 -37.63
CA GLU A 451 36.27 0.33 -37.68
C GLU A 451 35.19 0.59 -36.62
N GLN A 452 35.62 1.00 -35.44
CA GLN A 452 34.70 1.29 -34.35
C GLN A 452 33.89 2.55 -34.60
N ARG A 453 34.48 3.55 -35.24
CA ARG A 453 33.74 4.78 -35.52
C ARG A 453 32.67 4.49 -36.56
N LYS A 454 32.98 3.58 -37.48
CA LYS A 454 32.04 3.23 -38.53
C LYS A 454 30.76 2.63 -37.94
N ARG A 455 30.90 1.65 -37.06
CA ARG A 455 29.75 1.02 -36.44
C ARG A 455 29.01 2.01 -35.55
N LEU A 456 29.76 2.83 -34.82
CA LEU A 456 29.15 3.84 -33.95
C LEU A 456 28.15 4.70 -34.70
N CYS A 457 28.59 5.28 -35.82
CA CYS A 457 27.71 6.13 -36.62
C CYS A 457 26.57 5.36 -37.27
N GLU A 458 26.81 4.11 -37.62
CA GLU A 458 25.74 3.30 -38.22
C GLU A 458 24.69 3.02 -37.14
N ASN A 459 25.14 2.72 -35.92
CA ASN A 459 24.22 2.43 -34.83
C ASN A 459 23.37 3.66 -34.50
N ILE A 460 24.01 4.83 -34.44
CA ILE A 460 23.32 6.07 -34.16
C ILE A 460 22.32 6.38 -35.27
N ALA A 461 22.80 6.40 -36.50
CA ALA A 461 21.93 6.70 -37.64
C ALA A 461 20.76 5.74 -37.76
N GLY A 462 21.00 4.47 -37.45
CA GLY A 462 19.95 3.47 -37.54
C GLY A 462 18.78 3.77 -36.63
N HIS A 463 19.04 4.44 -35.51
CA HIS A 463 18.00 4.80 -34.56
C HIS A 463 17.48 6.22 -34.82
N LEU A 464 18.40 7.15 -35.01
CA LEU A 464 18.07 8.55 -35.24
C LEU A 464 17.24 8.78 -36.50
N LYS A 465 17.37 7.90 -37.48
CA LYS A 465 16.63 8.05 -38.74
C LYS A 465 15.12 8.13 -38.56
N ASP A 466 14.61 7.53 -37.48
CA ASP A 466 13.17 7.53 -37.24
C ASP A 466 12.62 8.79 -36.58
N ALA A 467 13.50 9.74 -36.28
CA ALA A 467 13.09 11.00 -35.67
C ALA A 467 12.79 12.00 -36.78
N GLN A 468 11.98 13.01 -36.47
CA GLN A 468 11.64 14.04 -37.45
C GLN A 468 12.91 14.74 -37.93
N LEU A 469 12.86 15.30 -39.13
CA LEU A 469 14.01 15.98 -39.71
C LEU A 469 14.61 17.09 -38.86
N PHE A 470 13.78 17.91 -38.23
CA PHE A 470 14.31 19.01 -37.43
C PHE A 470 15.11 18.48 -36.24
N ILE A 471 14.73 17.32 -35.73
CA ILE A 471 15.45 16.71 -34.62
C ILE A 471 16.76 16.12 -35.13
N GLN A 472 16.72 15.51 -36.31
CA GLN A 472 17.92 14.93 -36.91
C GLN A 472 18.95 16.03 -37.13
N LYS A 473 18.48 17.19 -37.60
CA LYS A 473 19.39 18.31 -37.86
C LYS A 473 20.08 18.78 -36.59
N LYS A 474 19.32 19.00 -35.53
CA LYS A 474 19.90 19.47 -34.28
C LYS A 474 20.86 18.42 -33.70
N ALA A 475 20.48 17.16 -33.76
CA ALA A 475 21.31 16.08 -33.25
C ALA A 475 22.66 16.07 -33.99
N VAL A 476 22.60 16.06 -35.32
CA VAL A 476 23.81 16.06 -36.13
C VAL A 476 24.66 17.30 -35.84
N LYS A 477 24.00 18.41 -35.55
CA LYS A 477 24.68 19.67 -35.23
C LYS A 477 25.56 19.46 -34.00
N ASN A 478 25.04 18.76 -32.99
CA ASN A 478 25.79 18.52 -31.78
C ASN A 478 26.95 17.57 -32.05
N PHE A 479 26.72 16.57 -32.90
CA PHE A 479 27.79 15.62 -33.22
C PHE A 479 28.92 16.33 -33.95
N SER A 480 28.56 17.29 -34.81
CA SER A 480 29.56 18.05 -35.55
C SER A 480 30.36 18.91 -34.58
N ASP A 481 29.70 19.37 -33.51
CA ASP A 481 30.37 20.20 -32.51
C ASP A 481 31.48 19.41 -31.84
N VAL A 482 31.31 18.08 -31.78
CA VAL A 482 32.33 17.21 -31.20
C VAL A 482 33.46 17.15 -32.22
N HIS A 483 33.08 16.79 -33.45
CA HIS A 483 34.02 16.71 -34.56
C HIS A 483 33.23 16.73 -35.85
N PRO A 484 33.64 17.56 -36.83
CA PRO A 484 32.94 17.67 -38.11
C PRO A 484 32.64 16.33 -38.76
N GLU A 485 33.61 15.42 -38.74
CA GLU A 485 33.45 14.10 -39.34
C GLU A 485 32.39 13.26 -38.61
N TYR A 486 32.35 13.39 -37.29
CA TYR A 486 31.39 12.66 -36.48
C TYR A 486 29.99 12.98 -37.01
N GLY A 487 29.73 14.27 -37.23
CA GLY A 487 28.44 14.70 -37.73
C GLY A 487 28.19 14.39 -39.19
N SER A 488 29.19 14.59 -40.05
CA SER A 488 29.00 14.32 -41.47
C SER A 488 28.82 12.84 -41.76
N ARG A 489 29.54 11.97 -41.05
CA ARG A 489 29.39 10.54 -41.27
C ARG A 489 27.98 10.12 -40.93
N ILE A 490 27.46 10.63 -39.82
CA ILE A 490 26.10 10.31 -39.42
C ILE A 490 25.10 10.90 -40.43
N GLN A 491 25.35 12.13 -40.87
CA GLN A 491 24.45 12.78 -41.83
C GLN A 491 24.38 12.01 -43.15
N ALA A 492 25.51 11.44 -43.58
CA ALA A 492 25.54 10.67 -44.82
C ALA A 492 24.65 9.44 -44.70
N LEU A 493 24.73 8.75 -43.57
CA LEU A 493 23.91 7.57 -43.35
C LEU A 493 22.43 7.96 -43.28
N LEU A 494 22.15 9.07 -42.61
CA LEU A 494 20.78 9.56 -42.48
C LEU A 494 20.20 9.84 -43.86
N ASP A 495 20.98 10.49 -44.72
CA ASP A 495 20.51 10.82 -46.06
C ASP A 495 20.11 9.54 -46.79
N LYS A 496 20.92 8.50 -46.65
CA LYS A 496 20.63 7.22 -47.28
C LYS A 496 19.31 6.70 -46.73
N TYR A 497 19.18 6.72 -45.40
CA TYR A 497 17.96 6.25 -44.75
C TYR A 497 16.71 7.02 -45.17
N ASN A 498 16.78 8.34 -45.13
CA ASN A 498 15.64 9.17 -45.51
C ASN A 498 15.37 9.09 -47.01
N GLU A 499 16.16 8.27 -47.71
CA GLU A 499 16.04 8.10 -49.15
C GLU A 499 16.58 9.32 -49.90
N ASN B 1 -36.92 19.58 19.06
CA ASN B 1 -35.78 19.83 18.14
C ASN B 1 -34.51 20.08 18.95
N ARG B 2 -33.36 19.73 18.38
CA ARG B 2 -32.07 19.92 19.07
C ARG B 2 -31.03 20.68 18.25
N ASP B 3 -29.77 20.57 18.67
CA ASP B 3 -28.67 21.26 17.99
C ASP B 3 -28.50 20.74 16.56
N PRO B 4 -28.02 21.59 15.65
CA PRO B 4 -27.81 21.20 14.26
C PRO B 4 -26.97 19.93 14.04
N ALA B 5 -25.88 19.79 14.78
CA ALA B 5 -25.03 18.60 14.63
C ALA B 5 -25.86 17.33 14.85
N SER B 6 -26.69 17.35 15.89
CA SER B 6 -27.52 16.20 16.22
C SER B 6 -28.57 15.92 15.14
N ASP B 7 -29.06 16.96 14.49
CA ASP B 7 -30.08 16.83 13.45
C ASP B 7 -29.50 16.65 12.04
N GLN B 8 -28.25 16.21 11.97
CA GLN B 8 -27.60 16.01 10.68
C GLN B 8 -28.44 15.15 9.74
N MET B 9 -28.84 13.95 10.20
CA MET B 9 -29.64 13.07 9.35
C MET B 9 -31.03 13.61 9.09
N LYS B 10 -31.66 14.13 10.13
CA LYS B 10 -33.00 14.70 10.00
C LYS B 10 -32.98 15.75 8.89
N HIS B 11 -31.99 16.62 8.91
CA HIS B 11 -31.88 17.67 7.89
C HIS B 11 -31.61 17.11 6.49
N TRP B 12 -30.79 16.06 6.41
CA TRP B 12 -30.48 15.46 5.10
C TRP B 12 -31.75 14.92 4.46
N LYS B 13 -32.60 14.32 5.29
CA LYS B 13 -33.85 13.74 4.83
C LYS B 13 -34.83 14.80 4.32
N GLU B 14 -35.08 15.81 5.13
CA GLU B 14 -36.01 16.85 4.72
C GLU B 14 -35.53 17.64 3.52
N GLN B 15 -34.22 17.73 3.34
CA GLN B 15 -33.70 18.48 2.21
C GLN B 15 -33.88 17.72 0.90
N ARG B 16 -34.19 16.42 1.00
CA ARG B 16 -34.41 15.62 -0.19
C ARG B 16 -35.88 15.60 -0.58
N ALA B 17 -36.60 16.61 -0.10
CA ALA B 17 -38.02 16.78 -0.38
C ALA B 17 -38.80 15.49 -0.52
N ALA B 18 -39.49 15.34 -1.64
CA ALA B 18 -40.28 14.15 -1.91
C ALA B 18 -39.58 13.23 -2.90
N GLN B 19 -38.33 13.53 -3.22
CA GLN B 19 -37.56 12.73 -4.15
C GLN B 19 -37.55 11.27 -3.69
N LYS B 20 -37.77 10.34 -4.61
CA LYS B 20 -37.75 8.94 -4.27
C LYS B 20 -36.28 8.62 -3.95
N PRO B 21 -36.04 7.67 -3.04
CA PRO B 21 -34.64 7.36 -2.72
C PRO B 21 -33.97 6.74 -3.95
N ASP B 22 -32.66 6.92 -4.07
CA ASP B 22 -31.93 6.37 -5.20
C ASP B 22 -31.94 4.85 -5.12
N VAL B 23 -31.62 4.21 -6.23
CA VAL B 23 -31.55 2.76 -6.29
C VAL B 23 -30.23 2.32 -5.64
N LEU B 24 -30.31 1.35 -4.74
CA LEU B 24 -29.13 0.83 -4.07
C LEU B 24 -28.35 -0.06 -5.05
N THR B 25 -27.08 0.28 -5.27
CA THR B 25 -26.25 -0.47 -6.21
C THR B 25 -24.95 -1.00 -5.63
N THR B 26 -24.28 -1.85 -6.40
CA THR B 26 -22.98 -2.38 -6.01
C THR B 26 -21.98 -1.29 -6.39
N GLY B 27 -20.71 -1.50 -6.06
CA GLY B 27 -19.71 -0.50 -6.41
C GLY B 27 -19.61 -0.34 -7.92
N GLY B 28 -19.93 -1.41 -8.65
CA GLY B 28 -19.90 -1.37 -10.10
C GLY B 28 -21.16 -0.81 -10.74
N GLY B 29 -22.07 -0.32 -9.91
CA GLY B 29 -23.30 0.28 -10.41
C GLY B 29 -24.46 -0.64 -10.71
N ASN B 30 -24.34 -1.93 -10.38
CA ASN B 30 -25.41 -2.89 -10.63
C ASN B 30 -26.47 -2.80 -9.53
N PRO B 31 -27.74 -2.63 -9.91
CA PRO B 31 -28.83 -2.54 -8.94
C PRO B 31 -28.84 -3.76 -8.04
N VAL B 32 -29.18 -3.56 -6.76
CA VAL B 32 -29.24 -4.67 -5.81
C VAL B 32 -30.68 -5.05 -5.51
N GLY B 33 -30.97 -6.34 -5.62
CA GLY B 33 -32.32 -6.83 -5.38
C GLY B 33 -32.71 -6.92 -3.92
N ASP B 34 -31.78 -7.41 -3.10
CA ASP B 34 -32.00 -7.56 -1.67
C ASP B 34 -30.63 -7.51 -0.99
N LYS B 35 -30.37 -6.46 -0.23
CA LYS B 35 -29.09 -6.33 0.45
C LYS B 35 -29.19 -6.59 1.95
N LEU B 36 -30.19 -7.36 2.36
CA LEU B 36 -30.39 -7.68 3.77
C LEU B 36 -30.26 -9.19 4.04
N ASN B 37 -30.43 -10.00 3.00
CA ASN B 37 -30.33 -11.44 3.16
C ASN B 37 -29.31 -12.04 2.20
N SER B 38 -28.37 -12.81 2.74
CA SER B 38 -27.32 -13.42 1.95
C SER B 38 -27.83 -14.58 1.08
N LEU B 39 -27.06 -14.87 0.03
CA LEU B 39 -27.39 -15.92 -0.92
C LEU B 39 -26.89 -17.27 -0.38
N THR B 40 -27.82 -18.12 0.02
CA THR B 40 -27.45 -19.42 0.58
C THR B 40 -28.15 -20.60 -0.10
N VAL B 41 -27.69 -21.80 0.22
CA VAL B 41 -28.28 -23.00 -0.34
C VAL B 41 -29.28 -23.47 0.72
N GLY B 42 -30.54 -23.08 0.52
CA GLY B 42 -31.56 -23.45 1.49
C GLY B 42 -31.53 -22.43 2.62
N PRO B 43 -32.60 -22.35 3.42
CA PRO B 43 -32.74 -21.42 4.56
C PRO B 43 -31.63 -21.53 5.59
N ARG B 44 -31.16 -22.75 5.84
CA ARG B 44 -30.11 -22.97 6.83
C ARG B 44 -28.87 -23.60 6.21
N GLY B 45 -28.56 -23.18 4.99
CA GLY B 45 -27.40 -23.69 4.30
C GLY B 45 -26.26 -22.70 4.19
N PRO B 46 -25.10 -23.13 3.64
CA PRO B 46 -23.88 -22.32 3.44
C PRO B 46 -24.02 -21.14 2.48
N LEU B 47 -23.10 -20.19 2.64
CA LEU B 47 -23.03 -18.96 1.84
C LEU B 47 -22.32 -19.24 0.51
N LEU B 48 -22.80 -18.63 -0.57
CA LEU B 48 -22.21 -18.83 -1.90
C LEU B 48 -21.28 -17.71 -2.34
N VAL B 49 -20.21 -18.06 -3.07
CA VAL B 49 -19.25 -17.09 -3.57
C VAL B 49 -19.99 -16.20 -4.57
N GLN B 50 -21.00 -16.81 -5.19
CA GLN B 50 -21.85 -16.17 -6.17
C GLN B 50 -22.54 -14.91 -5.63
N ASP B 51 -22.54 -14.75 -4.30
CA ASP B 51 -23.16 -13.55 -3.72
C ASP B 51 -22.12 -12.44 -3.80
N VAL B 52 -22.05 -11.78 -4.95
CA VAL B 52 -21.08 -10.71 -5.17
C VAL B 52 -21.56 -9.39 -4.57
N VAL B 53 -22.82 -9.35 -4.14
CA VAL B 53 -23.34 -8.15 -3.51
C VAL B 53 -22.68 -8.11 -2.13
N PHE B 54 -22.65 -9.27 -1.47
CA PHE B 54 -22.03 -9.38 -0.15
C PHE B 54 -20.53 -9.09 -0.22
N THR B 55 -19.83 -9.77 -1.13
CA THR B 55 -18.39 -9.58 -1.25
C THR B 55 -18.00 -8.14 -1.61
N ASP B 56 -18.70 -7.56 -2.57
CA ASP B 56 -18.45 -6.17 -2.99
C ASP B 56 -18.52 -5.25 -1.78
N GLU B 57 -19.61 -5.34 -1.03
CA GLU B 57 -19.80 -4.48 0.15
C GLU B 57 -18.84 -4.78 1.31
N MET B 58 -18.65 -6.05 1.62
CA MET B 58 -17.77 -6.43 2.72
C MET B 58 -16.31 -6.12 2.44
N ALA B 59 -15.89 -6.34 1.19
CA ALA B 59 -14.51 -6.05 0.82
C ALA B 59 -14.21 -4.56 0.99
N HIS B 60 -15.19 -3.71 0.70
CA HIS B 60 -14.96 -2.27 0.85
C HIS B 60 -14.95 -1.91 2.34
N PHE B 61 -15.86 -2.49 3.10
CA PHE B 61 -15.93 -2.24 4.54
C PHE B 61 -14.58 -2.63 5.16
N ASP B 62 -14.04 -3.76 4.71
CA ASP B 62 -12.77 -4.27 5.21
C ASP B 62 -11.60 -3.33 4.92
N ARG B 63 -11.79 -2.39 4.01
CA ARG B 63 -10.74 -1.45 3.64
C ARG B 63 -11.05 0.03 3.92
N GLU B 64 -12.01 0.28 4.80
CA GLU B 64 -12.39 1.66 5.13
C GLU B 64 -11.32 2.50 5.79
N ARG B 65 -10.48 1.89 6.62
CA ARG B 65 -9.47 2.64 7.36
C ARG B 65 -8.14 2.85 6.68
N ILE B 66 -7.54 4.00 6.95
CA ILE B 66 -6.24 4.36 6.43
C ILE B 66 -5.46 4.73 7.70
N PRO B 67 -4.12 4.71 7.65
CA PRO B 67 -3.40 5.06 8.88
C PRO B 67 -3.72 6.48 9.34
N GLU B 68 -3.80 6.69 10.65
CA GLU B 68 -4.09 8.02 11.16
C GLU B 68 -2.81 8.85 11.09
N ARG B 69 -2.93 10.17 11.17
CA ARG B 69 -1.77 11.04 11.13
C ARG B 69 -0.83 10.58 12.25
N VAL B 70 0.46 10.52 11.96
CA VAL B 70 1.43 10.07 12.97
C VAL B 70 1.36 10.97 14.22
N VAL B 71 1.00 12.23 14.03
CA VAL B 71 0.80 13.18 15.13
C VAL B 71 -0.39 14.04 14.72
N HIS B 72 -1.09 14.61 15.69
CA HIS B 72 -2.27 15.44 15.40
C HIS B 72 -3.39 14.58 14.80
N ALA B 73 -3.49 13.32 15.21
CA ALA B 73 -4.50 12.42 14.67
C ALA B 73 -5.95 12.84 14.98
N LYS B 74 -6.18 13.43 16.15
CA LYS B 74 -7.53 13.85 16.54
C LYS B 74 -7.78 15.32 16.16
N GLY B 75 -8.74 15.55 15.28
CA GLY B 75 -9.02 16.91 14.86
C GLY B 75 -10.38 17.20 14.25
N ALA B 76 -10.56 18.46 13.86
CA ALA B 76 -11.81 18.93 13.27
C ALA B 76 -11.47 19.87 12.11
N GLY B 77 -12.34 19.91 11.11
CA GLY B 77 -12.08 20.75 9.96
C GLY B 77 -13.24 21.64 9.56
N ALA B 78 -12.92 22.72 8.85
CA ALA B 78 -13.92 23.67 8.39
C ALA B 78 -13.34 24.42 7.21
N PHE B 79 -14.21 25.08 6.44
CA PHE B 79 -13.76 25.82 5.27
C PHE B 79 -14.29 27.25 5.29
N GLY B 80 -13.64 28.10 4.52
CA GLY B 80 -14.05 29.49 4.45
C GLY B 80 -13.19 30.26 3.48
N TYR B 81 -12.81 31.47 3.85
CA TYR B 81 -11.99 32.28 2.97
C TYR B 81 -11.06 33.19 3.75
N PHE B 82 -10.06 33.70 3.03
CA PHE B 82 -9.11 34.65 3.58
C PHE B 82 -9.38 35.92 2.80
N GLU B 83 -9.38 37.05 3.49
CA GLU B 83 -9.61 38.32 2.84
C GLU B 83 -8.53 39.32 3.23
N VAL B 84 -7.96 39.99 2.23
CA VAL B 84 -6.93 40.97 2.50
C VAL B 84 -7.59 42.25 2.99
N THR B 85 -7.11 42.78 4.11
CA THR B 85 -7.66 44.02 4.66
C THR B 85 -6.63 45.13 4.63
N HIS B 86 -5.35 44.75 4.52
CA HIS B 86 -4.27 45.72 4.47
C HIS B 86 -3.26 45.40 3.38
N ASP B 87 -2.48 46.41 3.02
CA ASP B 87 -1.47 46.28 1.97
C ASP B 87 -0.08 45.96 2.51
N ILE B 88 0.42 44.77 2.21
CA ILE B 88 1.77 44.39 2.65
C ILE B 88 2.59 44.01 1.44
N THR B 89 2.16 44.48 0.27
CA THR B 89 2.84 44.19 -0.98
C THR B 89 4.28 44.70 -1.00
N ARG B 90 4.63 45.59 -0.08
CA ARG B 90 6.00 46.09 -0.05
C ARG B 90 6.92 45.04 0.57
N TYR B 91 6.33 44.04 1.20
CA TYR B 91 7.08 42.95 1.83
C TYR B 91 7.00 41.65 1.01
N SER B 92 5.81 41.35 0.49
CA SER B 92 5.62 40.12 -0.28
C SER B 92 4.81 40.28 -1.56
N LYS B 93 5.32 39.72 -2.64
CA LYS B 93 4.67 39.77 -3.94
C LYS B 93 3.65 38.63 -4.09
N ALA B 94 3.44 37.88 -3.02
CA ALA B 94 2.48 36.77 -3.07
C ALA B 94 1.12 37.23 -3.56
N LYS B 95 0.58 36.53 -4.56
CA LYS B 95 -0.72 36.88 -5.12
C LYS B 95 -1.83 36.88 -4.08
N VAL B 96 -1.69 36.05 -3.05
CA VAL B 96 -2.68 35.98 -2.00
C VAL B 96 -2.84 37.31 -1.26
N PHE B 97 -1.80 38.16 -1.29
CA PHE B 97 -1.83 39.46 -0.62
C PHE B 97 -1.95 40.59 -1.65
N GLU B 98 -2.16 40.21 -2.90
CA GLU B 98 -2.27 41.11 -4.04
C GLU B 98 -2.98 42.46 -3.85
N HIS B 99 -4.19 42.46 -3.32
CA HIS B 99 -4.89 43.73 -3.13
C HIS B 99 -6.00 43.67 -2.10
N ILE B 100 -6.21 44.78 -1.41
CA ILE B 100 -7.25 44.86 -0.39
C ILE B 100 -8.59 44.40 -0.94
N GLY B 101 -9.27 43.55 -0.18
CA GLY B 101 -10.56 43.03 -0.59
C GLY B 101 -10.44 41.69 -1.30
N LYS B 102 -9.22 41.33 -1.69
CA LYS B 102 -8.95 40.08 -2.38
C LYS B 102 -9.27 38.85 -1.53
N ARG B 103 -10.16 38.00 -2.01
CA ARG B 103 -10.53 36.79 -1.27
C ARG B 103 -9.94 35.52 -1.86
N THR B 104 -9.51 34.63 -0.97
CA THR B 104 -8.94 33.34 -1.37
C THR B 104 -9.59 32.27 -0.52
N PRO B 105 -10.12 31.19 -1.14
CA PRO B 105 -10.75 30.15 -0.34
C PRO B 105 -9.73 29.43 0.55
N ILE B 106 -10.17 28.99 1.71
CA ILE B 106 -9.27 28.28 2.63
C ILE B 106 -9.92 27.05 3.24
N ALA B 107 -9.05 26.15 3.74
CA ALA B 107 -9.47 24.93 4.41
C ALA B 107 -8.67 24.95 5.70
N VAL B 108 -9.29 24.56 6.81
CA VAL B 108 -8.60 24.57 8.08
C VAL B 108 -8.87 23.30 8.89
N ARG B 109 -7.85 22.83 9.61
CA ARG B 109 -8.01 21.67 10.47
C ARG B 109 -7.37 21.99 11.81
N PHE B 110 -8.13 21.74 12.87
CA PHE B 110 -7.68 21.96 14.24
C PHE B 110 -7.43 20.57 14.79
N SER B 111 -6.63 20.46 15.84
CA SER B 111 -6.34 19.14 16.40
C SER B 111 -5.47 19.21 17.65
N THR B 112 -5.35 18.07 18.33
CA THR B 112 -4.48 17.96 19.48
C THR B 112 -3.21 17.35 18.88
N VAL B 113 -2.29 16.88 19.71
CA VAL B 113 -1.04 16.33 19.19
C VAL B 113 -0.76 14.85 19.44
N ALA B 114 -0.68 14.47 20.71
CA ALA B 114 -0.36 13.09 21.09
C ALA B 114 -1.44 12.01 20.98
N GLY B 115 -2.68 12.37 21.30
CA GLY B 115 -3.76 11.39 21.26
C GLY B 115 -4.10 10.80 19.91
N GLU B 116 -4.59 9.56 19.90
CA GLU B 116 -4.98 8.88 18.67
C GLU B 116 -6.39 9.32 18.26
N SER B 117 -6.88 8.80 17.14
CA SER B 117 -8.20 9.15 16.64
C SER B 117 -9.36 9.05 17.63
N GLY B 118 -9.28 8.13 18.57
CA GLY B 118 -10.38 7.99 19.53
C GLY B 118 -10.22 8.78 20.82
N SER B 119 -9.13 9.52 20.95
CA SER B 119 -8.85 10.29 22.16
C SER B 119 -9.79 11.49 22.35
N ALA B 120 -9.70 12.11 23.53
CA ALA B 120 -10.55 13.26 23.88
C ALA B 120 -10.00 14.60 23.44
N ASP B 121 -10.90 15.53 23.12
CA ASP B 121 -10.53 16.86 22.67
C ASP B 121 -10.01 17.78 23.77
N THR B 122 -10.67 17.75 24.93
CA THR B 122 -10.29 18.61 26.04
C THR B 122 -9.21 18.06 26.96
N VAL B 123 -8.00 17.93 26.42
CA VAL B 123 -6.85 17.45 27.18
C VAL B 123 -5.70 18.44 27.00
N ARG B 124 -4.79 18.48 27.95
CA ARG B 124 -3.65 19.40 27.86
C ARG B 124 -2.77 18.94 26.70
N ASP B 125 -2.48 19.85 25.78
CA ASP B 125 -1.68 19.50 24.61
C ASP B 125 -1.65 20.72 23.69
N PRO B 126 -0.62 20.84 22.84
CA PRO B 126 -0.60 22.00 21.94
C PRO B 126 -1.79 21.78 21.01
N ARG B 127 -2.12 22.77 20.19
CA ARG B 127 -3.23 22.63 19.26
C ARG B 127 -2.77 22.95 17.85
N GLY B 128 -3.07 22.04 16.92
CA GLY B 128 -2.70 22.29 15.53
C GLY B 128 -3.72 23.25 14.95
N PHE B 129 -3.27 24.14 14.07
CA PHE B 129 -4.14 25.13 13.44
C PHE B 129 -3.57 25.35 12.03
N ALA B 130 -3.80 24.37 11.17
CA ALA B 130 -3.31 24.40 9.80
C ALA B 130 -4.29 25.07 8.86
N VAL B 131 -3.77 25.96 8.02
CA VAL B 131 -4.58 26.70 7.06
C VAL B 131 -4.07 26.50 5.64
N LYS B 132 -4.96 26.07 4.76
CA LYS B 132 -4.62 25.86 3.35
C LYS B 132 -5.27 26.96 2.52
N PHE B 133 -4.46 27.77 1.85
CA PHE B 133 -4.96 28.84 1.00
C PHE B 133 -4.86 28.36 -0.45
N TYR B 134 -5.98 28.23 -1.14
CA TYR B 134 -5.95 27.78 -2.53
C TYR B 134 -5.74 29.01 -3.41
N THR B 135 -4.48 29.38 -3.63
CA THR B 135 -4.17 30.56 -4.43
C THR B 135 -3.97 30.30 -5.91
N GLU B 136 -3.86 31.38 -6.67
CA GLU B 136 -3.65 31.32 -8.11
C GLU B 136 -2.28 30.74 -8.41
N ASP B 137 -1.35 30.94 -7.48
CA ASP B 137 0.01 30.42 -7.62
C ASP B 137 0.15 29.10 -6.87
N GLY B 138 -0.95 28.35 -6.83
CA GLY B 138 -0.94 27.07 -6.15
C GLY B 138 -1.34 27.18 -4.69
N ASN B 139 -1.32 26.06 -3.98
CA ASN B 139 -1.69 26.10 -2.58
C ASN B 139 -0.56 26.58 -1.70
N TRP B 140 -0.93 27.34 -0.67
CA TRP B 140 0.01 27.83 0.32
C TRP B 140 -0.49 27.24 1.63
N ASP B 141 0.31 26.38 2.23
CA ASP B 141 -0.07 25.75 3.49
C ASP B 141 0.66 26.39 4.65
N LEU B 142 -0.11 27.04 5.52
CA LEU B 142 0.45 27.67 6.71
C LEU B 142 0.06 26.68 7.80
N VAL B 143 0.97 25.77 8.10
CA VAL B 143 0.73 24.71 9.08
C VAL B 143 1.17 25.15 10.47
N GLY B 144 0.29 25.87 11.16
CA GLY B 144 0.66 26.36 12.49
C GLY B 144 0.05 25.67 13.68
N ASN B 145 0.35 26.21 14.86
CA ASN B 145 -0.15 25.70 16.12
C ASN B 145 -0.73 26.87 16.90
N ASN B 146 -1.27 26.58 18.08
CA ASN B 146 -1.86 27.61 18.94
C ASN B 146 -0.79 28.24 19.82
N THR B 147 0.47 28.02 19.47
CA THR B 147 1.60 28.57 20.20
C THR B 147 2.63 29.11 19.21
N PRO B 148 3.35 30.17 19.59
CA PRO B 148 4.37 30.77 18.71
C PRO B 148 5.71 30.04 18.75
N ILE B 149 5.85 29.12 19.70
CA ILE B 149 7.09 28.37 19.87
C ILE B 149 6.89 26.86 19.93
N PHE B 150 7.98 26.14 20.16
CA PHE B 150 7.91 24.68 20.25
C PHE B 150 8.93 24.16 21.26
N PHE B 151 8.84 22.87 21.60
CA PHE B 151 9.72 22.24 22.57
C PHE B 151 11.18 22.01 22.20
N ILE B 152 11.46 21.88 20.90
CA ILE B 152 12.83 21.64 20.45
C ILE B 152 13.22 22.54 19.29
N ARG B 153 14.52 22.61 19.00
CA ARG B 153 15.00 23.47 17.92
C ARG B 153 15.74 22.76 16.78
N ASP B 154 15.74 21.43 16.78
CA ASP B 154 16.37 20.67 15.70
C ASP B 154 15.47 19.47 15.39
N ALA B 155 15.14 19.30 14.11
CA ALA B 155 14.28 18.21 13.66
C ALA B 155 14.74 16.80 14.04
N LEU B 156 16.03 16.60 14.25
CA LEU B 156 16.53 15.28 14.63
C LEU B 156 15.94 14.78 15.95
N LEU B 157 15.45 15.70 16.78
CA LEU B 157 14.87 15.31 18.05
C LEU B 157 13.36 15.16 17.99
N PHE B 158 12.76 15.48 16.86
CA PHE B 158 11.30 15.40 16.75
C PHE B 158 10.74 14.00 16.96
N PRO B 159 11.23 12.99 16.21
CA PRO B 159 10.69 11.63 16.41
C PRO B 159 10.76 11.21 17.88
N SER B 160 11.90 11.46 18.51
CA SER B 160 12.07 11.11 19.93
C SER B 160 11.13 11.90 20.82
N PHE B 161 10.93 13.18 20.53
CA PHE B 161 10.01 13.96 21.37
C PHE B 161 8.62 13.38 21.28
N ILE B 162 8.16 13.10 20.07
CA ILE B 162 6.82 12.55 19.86
C ILE B 162 6.69 11.18 20.54
N HIS B 163 7.72 10.35 20.40
CA HIS B 163 7.71 9.03 21.04
C HIS B 163 7.56 9.16 22.55
N SER B 164 8.27 10.12 23.14
CA SER B 164 8.22 10.32 24.59
C SER B 164 6.84 10.79 25.05
N GLN B 165 6.12 11.46 24.15
CA GLN B 165 4.79 11.95 24.43
C GLN B 165 3.71 10.89 24.17
N LYS B 166 4.11 9.82 23.48
CA LYS B 166 3.16 8.77 23.14
C LYS B 166 3.15 7.65 24.19
N ARG B 167 2.89 6.43 23.73
CA ARG B 167 2.81 5.28 24.63
C ARG B 167 4.08 4.48 24.76
N ASN B 168 4.27 3.88 25.92
CA ASN B 168 5.43 3.03 26.20
C ASN B 168 5.38 1.91 25.15
N PRO B 169 6.52 1.60 24.53
CA PRO B 169 6.57 0.56 23.49
C PRO B 169 6.19 -0.84 23.93
N GLN B 170 6.22 -1.11 25.23
CA GLN B 170 5.85 -2.43 25.71
C GLN B 170 4.46 -2.48 26.35
N THR B 171 4.16 -1.52 27.23
CA THR B 171 2.87 -1.52 27.92
C THR B 171 1.76 -0.82 27.16
N HIS B 172 2.15 0.07 26.25
CA HIS B 172 1.21 0.84 25.44
C HIS B 172 0.48 1.85 26.33
N LEU B 173 1.13 2.23 27.42
CA LEU B 173 0.53 3.19 28.35
C LEU B 173 1.28 4.52 28.28
N LYS B 174 0.59 5.61 28.63
CA LYS B 174 1.24 6.92 28.67
C LYS B 174 2.28 6.72 29.75
N ASP B 175 3.46 7.31 29.57
CA ASP B 175 4.55 7.10 30.52
C ASP B 175 5.22 8.39 30.97
N PRO B 176 4.89 8.89 32.17
CA PRO B 176 5.51 10.12 32.65
C PRO B 176 7.05 10.08 32.71
N ASP B 177 7.63 8.90 32.91
CA ASP B 177 9.07 8.75 32.94
C ASP B 177 9.64 9.15 31.58
N MET B 178 9.03 8.65 30.51
CA MET B 178 9.47 8.97 29.16
C MET B 178 9.30 10.46 28.91
N VAL B 179 8.15 11.00 29.29
CA VAL B 179 7.83 12.41 29.10
C VAL B 179 8.84 13.35 29.76
N TRP B 180 9.02 13.21 31.06
CA TRP B 180 9.93 14.08 31.79
C TRP B 180 11.40 13.78 31.67
N ASP B 181 11.75 12.55 31.35
CA ASP B 181 13.16 12.23 31.18
C ASP B 181 13.60 13.02 29.95
N PHE B 182 12.81 12.96 28.88
CA PHE B 182 13.15 13.69 27.67
C PHE B 182 13.23 15.20 27.94
N TRP B 183 12.15 15.77 28.48
CA TRP B 183 12.15 17.20 28.75
C TRP B 183 13.23 17.65 29.71
N SER B 184 13.50 16.85 30.74
CA SER B 184 14.54 17.21 31.71
C SER B 184 15.93 17.16 31.09
N LEU B 185 16.12 16.25 30.13
CA LEU B 185 17.41 16.12 29.45
C LEU B 185 17.57 17.19 28.37
N ARG B 186 16.44 17.76 27.92
CA ARG B 186 16.46 18.78 26.88
C ARG B 186 15.77 20.06 27.36
N PRO B 187 16.44 20.85 28.21
CA PRO B 187 15.90 22.10 28.74
C PRO B 187 15.43 23.15 27.74
N GLU B 188 15.81 23.00 26.46
CA GLU B 188 15.37 23.97 25.47
C GLU B 188 13.84 23.96 25.45
N SER B 189 13.26 22.89 25.98
CA SER B 189 11.81 22.72 26.02
C SER B 189 11.12 23.58 27.08
N LEU B 190 11.91 24.16 27.99
CA LEU B 190 11.35 24.98 29.06
C LEU B 190 10.33 26.02 28.62
N HIS B 191 10.62 26.75 27.54
CA HIS B 191 9.72 27.79 27.07
C HIS B 191 8.34 27.27 26.71
N GLN B 192 8.26 26.27 25.84
CA GLN B 192 6.97 25.72 25.43
C GLN B 192 6.28 24.90 26.52
N VAL B 193 7.07 24.29 27.41
CA VAL B 193 6.49 23.53 28.51
C VAL B 193 5.77 24.51 29.41
N SER B 194 6.35 25.69 29.60
CA SER B 194 5.76 26.73 30.43
C SER B 194 4.42 27.16 29.82
N PHE B 195 4.39 27.28 28.50
CA PHE B 195 3.17 27.66 27.77
C PHE B 195 2.14 26.54 27.90
N LEU B 196 2.59 25.32 27.69
CA LEU B 196 1.74 24.13 27.74
C LEU B 196 1.02 23.94 29.06
N PHE B 197 1.74 24.10 30.17
CA PHE B 197 1.11 23.92 31.47
C PHE B 197 0.45 25.16 32.06
N SER B 198 0.22 26.16 31.20
CA SER B 198 -0.45 27.38 31.63
C SER B 198 -1.92 27.18 31.29
N ASP B 199 -2.74 28.22 31.45
CA ASP B 199 -4.16 28.09 31.14
C ASP B 199 -4.36 27.79 29.66
N ARG B 200 -3.49 28.34 28.82
CA ARG B 200 -3.58 28.16 27.38
C ARG B 200 -3.35 26.70 26.95
N GLY B 201 -2.97 25.85 27.90
CA GLY B 201 -2.74 24.45 27.60
C GLY B 201 -4.01 23.72 27.22
N ILE B 202 -5.16 24.25 27.63
CA ILE B 202 -6.44 23.63 27.32
C ILE B 202 -7.45 24.67 26.84
N PRO B 203 -7.41 25.00 25.54
CA PRO B 203 -8.35 25.98 25.00
C PRO B 203 -9.79 25.47 25.01
N ASP B 204 -10.74 26.38 25.13
CA ASP B 204 -12.16 26.02 25.13
C ASP B 204 -12.59 25.90 23.69
N GLY B 205 -12.43 24.72 23.11
CA GLY B 205 -12.81 24.54 21.72
C GLY B 205 -11.69 25.08 20.85
N HIS B 206 -11.94 25.22 19.55
CA HIS B 206 -10.93 25.71 18.63
C HIS B 206 -11.10 27.18 18.25
N ARG B 207 -12.27 27.73 18.53
CA ARG B 207 -12.55 29.11 18.18
C ARG B 207 -12.00 30.14 19.15
N HIS B 208 -11.55 29.69 20.32
CA HIS B 208 -11.03 30.61 21.33
C HIS B 208 -9.54 30.52 21.60
N MET B 209 -8.77 30.31 20.53
CA MET B 209 -7.31 30.23 20.65
C MET B 209 -6.69 30.92 19.43
N ASN B 210 -5.46 31.39 19.58
CA ASN B 210 -4.78 32.05 18.47
C ASN B 210 -4.05 31.01 17.63
N GLY B 211 -3.61 31.43 16.46
CA GLY B 211 -2.87 30.56 15.56
C GLY B 211 -1.55 31.25 15.27
N TYR B 212 -0.49 30.48 15.07
CA TYR B 212 0.83 31.04 14.79
C TYR B 212 1.55 30.21 13.75
N GLY B 213 2.38 30.86 12.94
CA GLY B 213 3.17 30.12 11.97
C GLY B 213 4.33 29.52 12.73
N SER B 214 4.60 30.12 13.89
CA SER B 214 5.68 29.71 14.79
C SER B 214 7.07 30.02 14.22
N HIS B 215 7.41 29.39 13.09
CA HIS B 215 8.71 29.58 12.46
C HIS B 215 8.89 30.97 11.89
N THR B 216 10.15 31.31 11.66
CA THR B 216 10.48 32.56 11.01
C THR B 216 10.39 32.15 9.54
N PHE B 217 9.69 32.94 8.73
CA PHE B 217 9.58 32.65 7.32
C PHE B 217 10.27 33.79 6.58
N LYS B 218 10.26 33.74 5.25
CA LYS B 218 10.88 34.78 4.45
C LYS B 218 9.87 35.33 3.46
N LEU B 219 9.80 36.66 3.36
CA LEU B 219 8.89 37.30 2.40
C LEU B 219 9.75 38.00 1.36
N VAL B 220 9.34 37.92 0.10
CA VAL B 220 10.07 38.53 -1.01
C VAL B 220 9.11 39.41 -1.82
N ASN B 221 9.52 40.65 -2.11
CA ASN B 221 8.64 41.54 -2.87
C ASN B 221 8.93 41.53 -4.37
N ALA B 222 8.15 42.31 -5.10
CA ALA B 222 8.27 42.40 -6.55
C ALA B 222 9.67 42.81 -7.01
N ASN B 223 10.37 43.59 -6.19
CA ASN B 223 11.72 44.04 -6.54
C ASN B 223 12.78 43.03 -6.13
N GLY B 224 12.36 41.88 -5.61
CA GLY B 224 13.30 40.87 -5.19
C GLY B 224 13.95 41.12 -3.85
N GLU B 225 13.40 42.05 -3.07
CA GLU B 225 13.93 42.34 -1.75
C GLU B 225 13.31 41.39 -0.73
N ALA B 226 14.11 40.95 0.24
CA ALA B 226 13.62 40.03 1.25
C ALA B 226 13.74 40.49 2.68
N VAL B 227 12.81 40.01 3.51
CA VAL B 227 12.78 40.30 4.93
C VAL B 227 12.30 39.01 5.58
N TYR B 228 12.54 38.87 6.87
CA TYR B 228 12.08 37.68 7.58
C TYR B 228 10.80 38.09 8.29
N CYS B 229 9.92 37.13 8.53
CA CYS B 229 8.66 37.44 9.18
C CYS B 229 8.15 36.29 10.03
N LYS B 230 7.06 36.55 10.72
CA LYS B 230 6.39 35.56 11.55
C LYS B 230 4.91 35.81 11.35
N PHE B 231 4.12 34.75 11.26
CA PHE B 231 2.69 34.87 11.07
C PHE B 231 1.93 34.69 12.37
N HIS B 232 0.97 35.57 12.61
CA HIS B 232 0.12 35.53 13.80
C HIS B 232 -1.34 35.68 13.40
N TYR B 233 -2.20 34.76 13.82
CA TYR B 233 -3.62 34.93 13.54
C TYR B 233 -4.41 34.81 14.85
N LYS B 234 -4.72 35.97 15.40
CA LYS B 234 -5.43 36.12 16.67
C LYS B 234 -6.92 35.88 16.54
N THR B 235 -7.50 35.15 17.50
CA THR B 235 -8.92 34.85 17.47
C THR B 235 -9.77 36.09 17.72
N ASP B 236 -10.77 36.31 16.86
CA ASP B 236 -11.65 37.46 17.02
C ASP B 236 -12.73 37.14 18.04
N GLN B 237 -12.77 35.89 18.51
CA GLN B 237 -13.75 35.46 19.49
C GLN B 237 -13.22 35.61 20.91
N GLY B 238 -11.92 35.90 21.02
CA GLY B 238 -11.32 36.07 22.32
C GLY B 238 -10.77 34.78 22.89
N ILE B 239 -9.70 34.90 23.66
CA ILE B 239 -9.07 33.76 24.28
C ILE B 239 -9.93 33.23 25.43
N LYS B 240 -10.22 31.93 25.39
CA LYS B 240 -11.01 31.28 26.42
C LYS B 240 -10.41 29.89 26.64
N ASN B 241 -10.26 29.52 27.92
CA ASN B 241 -9.69 28.22 28.25
C ASN B 241 -10.60 27.45 29.20
N LEU B 242 -10.39 26.14 29.28
CA LEU B 242 -11.16 25.29 30.16
C LEU B 242 -10.33 25.00 31.40
N SER B 243 -10.99 24.93 32.55
CA SER B 243 -10.29 24.64 33.79
C SER B 243 -9.95 23.15 33.74
N VAL B 244 -8.92 22.75 34.48
CA VAL B 244 -8.51 21.35 34.49
C VAL B 244 -9.71 20.47 34.86
N GLU B 245 -10.54 20.96 35.78
CA GLU B 245 -11.71 20.23 36.24
C GLU B 245 -12.72 19.98 35.11
N ASP B 246 -13.17 21.05 34.46
CA ASP B 246 -14.14 20.91 33.38
C ASP B 246 -13.57 20.16 32.17
N ALA B 247 -12.27 20.30 31.95
CA ALA B 247 -11.62 19.61 30.83
C ALA B 247 -11.71 18.11 31.09
N ALA B 248 -11.38 17.69 32.31
CA ALA B 248 -11.42 16.29 32.68
C ALA B 248 -12.84 15.73 32.58
N ARG B 249 -13.81 16.53 33.00
CA ARG B 249 -15.22 16.12 32.95
C ARG B 249 -15.66 15.91 31.50
N LEU B 250 -15.35 16.88 30.65
CA LEU B 250 -15.69 16.80 29.24
C LEU B 250 -14.93 15.68 28.54
N ALA B 251 -13.78 15.31 29.08
CA ALA B 251 -12.96 14.24 28.49
C ALA B 251 -13.78 12.96 28.29
N HIS B 252 -14.68 12.67 29.23
CA HIS B 252 -15.51 11.48 29.10
C HIS B 252 -16.94 11.83 28.73
N GLU B 253 -17.39 13.00 29.17
CA GLU B 253 -18.74 13.46 28.89
C GLU B 253 -18.91 13.71 27.38
N ASP B 254 -17.94 14.36 26.76
CA ASP B 254 -17.98 14.62 25.32
C ASP B 254 -16.57 14.66 24.76
N PRO B 255 -16.01 13.48 24.44
CA PRO B 255 -14.67 13.35 23.88
C PRO B 255 -14.50 14.20 22.63
N ASP B 256 -15.62 14.54 22.00
CA ASP B 256 -15.59 15.32 20.76
C ASP B 256 -16.10 16.74 20.94
N TYR B 257 -15.85 17.32 22.12
CA TYR B 257 -16.28 18.67 22.43
C TYR B 257 -15.89 19.69 21.35
N GLY B 258 -14.62 19.68 20.97
CA GLY B 258 -14.14 20.61 19.96
C GLY B 258 -14.82 20.43 18.62
N LEU B 259 -15.07 19.17 18.26
CA LEU B 259 -15.74 18.87 17.00
C LEU B 259 -17.13 19.46 16.92
N ARG B 260 -17.97 19.18 17.91
CA ARG B 260 -19.34 19.69 17.87
C ARG B 260 -19.45 21.19 18.10
N ASP B 261 -18.54 21.75 18.90
CA ASP B 261 -18.55 23.21 19.14
C ASP B 261 -18.38 23.94 17.82
N LEU B 262 -17.41 23.50 17.02
CA LEU B 262 -17.12 24.12 15.74
C LEU B 262 -18.23 23.91 14.71
N PHE B 263 -18.73 22.69 14.61
CA PHE B 263 -19.79 22.40 13.66
C PHE B 263 -21.03 23.23 13.94
N ASN B 264 -21.46 23.26 15.20
CA ASN B 264 -22.65 24.00 15.58
C ASN B 264 -22.50 25.50 15.41
N ALA B 265 -21.32 26.03 15.71
CA ALA B 265 -21.09 27.46 15.56
C ALA B 265 -21.29 27.86 14.11
N ILE B 266 -20.70 27.10 13.19
CA ILE B 266 -20.83 27.40 11.77
C ILE B 266 -22.25 27.13 11.28
N ALA B 267 -22.85 26.04 11.76
CA ALA B 267 -24.20 25.67 11.35
C ALA B 267 -25.23 26.72 11.74
N THR B 268 -24.97 27.45 12.83
CA THR B 268 -25.91 28.46 13.30
C THR B 268 -25.58 29.87 12.81
N GLY B 269 -24.62 29.98 11.89
CA GLY B 269 -24.24 31.27 11.37
C GLY B 269 -23.27 32.06 12.22
N ASN B 270 -22.78 31.43 13.29
CA ASN B 270 -21.83 32.07 14.18
C ASN B 270 -20.40 31.80 13.69
N TYR B 271 -20.15 32.14 12.43
CA TYR B 271 -18.85 31.91 11.82
C TYR B 271 -17.69 32.51 12.61
N PRO B 272 -16.70 31.68 12.97
CA PRO B 272 -15.55 32.18 13.73
C PRO B 272 -14.53 32.82 12.79
N SER B 273 -13.76 33.78 13.31
CA SER B 273 -12.75 34.44 12.48
C SER B 273 -11.48 34.76 13.26
N TRP B 274 -10.42 35.03 12.51
CA TRP B 274 -9.12 35.35 13.08
C TRP B 274 -8.51 36.48 12.26
N THR B 275 -7.72 37.33 12.91
CA THR B 275 -7.06 38.44 12.22
C THR B 275 -5.59 38.07 12.01
N LEU B 276 -5.18 38.04 10.75
CA LEU B 276 -3.81 37.68 10.40
C LEU B 276 -2.87 38.90 10.43
N TYR B 277 -1.78 38.77 11.17
CA TYR B 277 -0.78 39.81 11.30
C TYR B 277 0.57 39.21 10.93
N ILE B 278 1.56 40.07 10.74
CA ILE B 278 2.92 39.61 10.49
C ILE B 278 3.88 40.52 11.23
N GLN B 279 5.00 39.94 11.64
CA GLN B 279 6.05 40.69 12.30
C GLN B 279 7.13 40.69 11.24
N VAL B 280 7.87 41.78 11.10
CA VAL B 280 8.92 41.85 10.11
C VAL B 280 10.27 42.14 10.75
N MET B 281 11.29 41.42 10.29
CA MET B 281 12.65 41.59 10.79
C MET B 281 13.54 41.63 9.55
N THR B 282 14.32 42.69 9.40
CA THR B 282 15.19 42.80 8.24
C THR B 282 16.40 41.88 8.44
N PHE B 283 17.10 41.58 7.35
CA PHE B 283 18.27 40.73 7.44
C PHE B 283 19.32 41.32 8.36
N SER B 284 19.40 42.66 8.39
CA SER B 284 20.38 43.32 9.26
C SER B 284 20.02 43.08 10.71
N GLU B 285 18.74 43.24 11.03
CA GLU B 285 18.26 43.03 12.38
C GLU B 285 18.45 41.58 12.82
N ALA B 286 18.23 40.63 11.92
CA ALA B 286 18.38 39.22 12.24
C ALA B 286 19.82 38.89 12.62
N GLU B 287 20.76 39.66 12.10
CA GLU B 287 22.17 39.44 12.40
C GLU B 287 22.56 40.04 13.74
N ILE B 288 21.69 40.87 14.30
CA ILE B 288 21.98 41.50 15.58
C ILE B 288 21.09 40.99 16.70
N PHE B 289 20.04 40.27 16.33
CA PHE B 289 19.11 39.70 17.31
C PHE B 289 19.93 38.99 18.39
N PRO B 290 19.59 39.18 19.67
CA PRO B 290 20.32 38.55 20.79
C PRO B 290 20.32 37.02 20.84
N PHE B 291 19.39 36.38 20.14
CA PHE B 291 19.30 34.92 20.10
C PHE B 291 19.32 34.54 18.62
N ASN B 292 19.09 33.27 18.33
CA ASN B 292 19.03 32.84 16.95
C ASN B 292 17.63 33.24 16.50
N PRO B 293 17.53 34.13 15.50
CA PRO B 293 16.22 34.58 15.02
C PRO B 293 15.42 33.40 14.45
N PHE B 294 16.13 32.32 14.11
CA PHE B 294 15.52 31.14 13.53
C PHE B 294 15.37 30.00 14.54
N ASP B 295 15.50 30.34 15.83
CA ASP B 295 15.36 29.36 16.91
C ASP B 295 13.87 29.25 17.27
N LEU B 296 13.28 28.10 17.00
CA LEU B 296 11.85 27.88 17.26
C LEU B 296 11.44 27.96 18.73
N THR B 297 12.40 28.00 19.64
CA THR B 297 12.08 28.09 21.07
C THR B 297 12.10 29.54 21.51
N LYS B 298 12.21 30.44 20.54
CA LYS B 298 12.26 31.88 20.82
C LYS B 298 11.15 32.63 20.10
N VAL B 299 10.73 33.74 20.71
CA VAL B 299 9.71 34.59 20.12
C VAL B 299 10.39 35.92 19.79
N TRP B 300 9.74 36.73 18.96
CA TRP B 300 10.27 38.05 18.62
C TRP B 300 9.44 39.03 19.46
N PRO B 301 10.05 39.70 20.43
CA PRO B 301 9.30 40.66 21.27
C PRO B 301 8.47 41.63 20.42
N HIS B 302 7.19 41.74 20.74
CA HIS B 302 6.29 42.62 20.00
C HIS B 302 6.69 44.10 20.10
N GLY B 303 7.31 44.47 21.21
CA GLY B 303 7.74 45.85 21.39
C GLY B 303 8.79 46.23 20.36
N ASP B 304 9.63 45.29 19.99
CA ASP B 304 10.69 45.55 19.03
C ASP B 304 10.21 45.25 17.60
N TYR B 305 9.28 44.29 17.48
CA TYR B 305 8.75 43.90 16.18
C TYR B 305 7.22 43.83 16.28
N PRO B 306 6.55 44.97 16.15
CA PRO B 306 5.08 45.05 16.23
C PRO B 306 4.36 44.29 15.13
N LEU B 307 3.15 43.84 15.47
CA LEU B 307 2.31 43.11 14.54
C LEU B 307 1.75 44.03 13.48
N ILE B 308 1.83 43.60 12.22
CA ILE B 308 1.33 44.37 11.09
C ILE B 308 0.07 43.67 10.57
N PRO B 309 -1.06 44.40 10.48
CA PRO B 309 -2.32 43.82 10.00
C PRO B 309 -2.22 43.39 8.54
N VAL B 310 -2.79 42.23 8.22
CA VAL B 310 -2.76 41.72 6.85
C VAL B 310 -4.17 41.43 6.32
N GLY B 311 -4.93 40.60 7.03
CA GLY B 311 -6.27 40.28 6.58
C GLY B 311 -7.07 39.48 7.59
N LYS B 312 -8.16 38.87 7.14
CA LYS B 312 -9.02 38.08 8.01
C LYS B 312 -9.26 36.66 7.50
N LEU B 313 -9.32 35.72 8.43
CA LEU B 313 -9.60 34.32 8.13
C LEU B 313 -11.02 34.04 8.66
N VAL B 314 -11.90 33.60 7.77
CA VAL B 314 -13.28 33.32 8.15
C VAL B 314 -13.69 31.89 7.80
N LEU B 315 -14.23 31.16 8.78
CA LEU B 315 -14.68 29.80 8.54
C LEU B 315 -16.21 29.82 8.55
N ASN B 316 -16.81 29.60 7.38
CA ASN B 316 -18.27 29.64 7.27
C ASN B 316 -18.89 28.43 6.58
N ARG B 317 -18.14 27.36 6.46
CA ARG B 317 -18.67 26.18 5.79
C ARG B 317 -18.18 24.88 6.45
N ASN B 318 -19.13 24.05 6.87
CA ASN B 318 -18.80 22.77 7.49
C ASN B 318 -18.54 21.75 6.40
N PRO B 319 -17.75 20.72 6.71
CA PRO B 319 -17.53 19.73 5.65
C PRO B 319 -18.83 18.96 5.48
N VAL B 320 -19.03 18.35 4.33
CA VAL B 320 -20.24 17.56 4.09
C VAL B 320 -19.93 16.12 4.45
N ASN B 321 -18.71 15.70 4.13
CA ASN B 321 -18.27 14.34 4.47
C ASN B 321 -16.90 14.44 5.13
N TYR B 322 -16.87 14.15 6.42
CA TYR B 322 -15.65 14.25 7.20
C TYR B 322 -14.44 13.48 6.66
N PHE B 323 -14.61 12.20 6.40
CA PHE B 323 -13.48 11.42 5.90
C PHE B 323 -12.87 12.04 4.66
N ALA B 324 -13.71 12.27 3.64
CA ALA B 324 -13.25 12.83 2.37
C ALA B 324 -12.63 14.22 2.47
N GLU B 325 -13.26 15.10 3.25
CA GLU B 325 -12.82 16.48 3.38
C GLU B 325 -11.89 16.83 4.54
N VAL B 326 -11.92 16.05 5.62
CA VAL B 326 -11.06 16.36 6.75
C VAL B 326 -10.00 15.30 7.07
N GLU B 327 -10.42 14.04 7.16
CA GLU B 327 -9.44 12.99 7.45
C GLU B 327 -8.37 12.96 6.37
N GLN B 328 -8.77 13.18 5.12
CA GLN B 328 -7.82 13.18 4.00
C GLN B 328 -7.08 14.49 3.73
N LEU B 329 -7.39 15.54 4.49
CA LEU B 329 -6.71 16.83 4.29
C LEU B 329 -5.20 16.67 4.51
N ALA B 330 -4.41 17.25 3.61
CA ALA B 330 -2.96 17.16 3.69
C ALA B 330 -2.35 18.56 3.56
N PHE B 331 -1.64 18.98 4.60
CA PHE B 331 -0.99 20.29 4.61
C PHE B 331 0.52 20.10 4.51
N ASP B 332 1.15 20.78 3.56
CA ASP B 332 2.61 20.68 3.37
C ASP B 332 3.27 22.04 3.52
N PRO B 333 4.12 22.22 4.54
CA PRO B 333 4.79 23.51 4.72
C PRO B 333 5.59 23.90 3.46
N SER B 334 5.96 22.91 2.67
CA SER B 334 6.72 23.17 1.44
C SER B 334 5.83 23.81 0.38
N ASN B 335 4.51 23.75 0.57
CA ASN B 335 3.59 24.36 -0.37
C ASN B 335 3.64 25.87 -0.12
N MET B 336 4.56 26.53 -0.82
CA MET B 336 4.72 27.97 -0.69
C MET B 336 4.71 28.60 -2.09
N PRO B 337 3.96 29.69 -2.27
CA PRO B 337 3.89 30.36 -3.57
C PRO B 337 4.96 31.46 -3.65
N PRO B 338 5.26 31.92 -4.88
CA PRO B 338 6.27 32.97 -5.00
C PRO B 338 5.90 34.12 -4.05
N GLY B 339 6.89 34.66 -3.36
CA GLY B 339 6.63 35.75 -2.42
C GLY B 339 6.77 35.29 -0.98
N ILE B 340 6.72 33.98 -0.78
CA ILE B 340 6.85 33.37 0.55
C ILE B 340 7.88 32.24 0.45
N GLU B 341 8.87 32.27 1.33
CA GLU B 341 9.92 31.26 1.33
C GLU B 341 10.27 30.87 2.75
N PRO B 342 11.00 29.76 2.93
CA PRO B 342 11.34 29.36 4.30
C PRO B 342 12.60 30.07 4.78
N SER B 343 12.85 29.98 6.08
CA SER B 343 14.04 30.58 6.67
C SER B 343 14.95 29.40 6.97
N PRO B 344 16.19 29.66 7.43
CA PRO B 344 17.08 28.53 7.72
C PRO B 344 16.76 27.78 9.03
N ASP B 345 15.64 28.12 9.65
CA ASP B 345 15.19 27.45 10.88
C ASP B 345 15.35 25.94 10.66
N LYS B 346 16.18 25.30 11.49
CA LYS B 346 16.43 23.86 11.36
C LYS B 346 15.16 23.01 11.41
N MET B 347 14.22 23.38 12.28
CA MET B 347 12.98 22.64 12.41
C MET B 347 12.14 22.76 11.13
N LEU B 348 11.96 23.99 10.66
CA LEU B 348 11.19 24.21 9.44
C LEU B 348 11.81 23.45 8.27
N GLN B 349 13.14 23.47 8.19
CA GLN B 349 13.83 22.78 7.11
C GLN B 349 13.46 21.30 7.11
N GLY B 350 13.34 20.72 8.30
CA GLY B 350 12.97 19.32 8.40
C GLY B 350 11.55 19.06 7.96
N ARG B 351 10.66 19.99 8.29
CA ARG B 351 9.25 19.87 7.92
C ARG B 351 9.08 19.95 6.41
N LEU B 352 10.00 20.64 5.74
CA LEU B 352 9.91 20.74 4.28
C LEU B 352 9.83 19.35 3.67
N PHE B 353 10.59 18.43 4.26
CA PHE B 353 10.62 17.05 3.79
C PHE B 353 9.53 16.15 4.38
N ALA B 354 9.41 16.17 5.70
CA ALA B 354 8.48 15.29 6.43
C ALA B 354 7.01 15.22 6.03
N TYR B 355 6.39 16.35 5.74
CA TYR B 355 4.97 16.33 5.42
C TYR B 355 4.60 15.66 4.10
N PRO B 356 5.19 16.09 2.98
CA PRO B 356 4.81 15.42 1.73
C PRO B 356 5.16 13.92 1.84
N ASP B 357 6.23 13.64 2.56
CA ASP B 357 6.70 12.29 2.76
C ASP B 357 5.67 11.44 3.50
N THR B 358 5.21 11.91 4.65
CA THR B 358 4.23 11.11 5.37
C THR B 358 2.90 11.05 4.62
N HIS B 359 2.62 12.08 3.82
CA HIS B 359 1.37 12.09 3.06
C HIS B 359 1.36 11.05 1.96
N ARG B 360 2.52 10.80 1.34
CA ARG B 360 2.61 9.79 0.29
C ARG B 360 2.35 8.42 0.92
N HIS B 361 2.64 8.29 2.20
CA HIS B 361 2.41 7.03 2.91
C HIS B 361 0.97 6.90 3.41
N ARG B 362 0.53 7.88 4.19
CA ARG B 362 -0.80 7.91 4.78
C ARG B 362 -1.97 7.93 3.79
N LEU B 363 -1.87 8.78 2.78
CA LEU B 363 -2.92 8.91 1.77
C LEU B 363 -2.56 8.13 0.50
N GLY B 364 -1.37 8.39 -0.03
CA GLY B 364 -0.94 7.70 -1.23
C GLY B 364 -0.12 8.61 -2.12
N PRO B 365 0.66 8.05 -3.07
CA PRO B 365 1.49 8.84 -3.99
C PRO B 365 0.76 10.02 -4.65
N ASN B 366 -0.49 9.83 -5.02
CA ASN B 366 -1.25 10.89 -5.69
C ASN B 366 -2.24 11.60 -4.78
N TYR B 367 -1.84 11.82 -3.53
CA TYR B 367 -2.73 12.47 -2.56
C TYR B 367 -3.10 13.90 -2.95
N LEU B 368 -2.29 14.53 -3.80
CA LEU B 368 -2.59 15.89 -4.21
C LEU B 368 -3.74 15.92 -5.22
N GLN B 369 -4.20 14.74 -5.61
CA GLN B 369 -5.31 14.61 -6.56
C GLN B 369 -6.63 14.43 -5.83
N ILE B 370 -6.56 14.27 -4.51
CA ILE B 370 -7.75 14.15 -3.69
C ILE B 370 -8.37 15.55 -3.75
N PRO B 371 -9.66 15.65 -4.06
CA PRO B 371 -10.32 16.95 -4.14
C PRO B 371 -9.89 18.04 -3.16
N VAL B 372 -10.01 17.77 -1.87
CA VAL B 372 -9.66 18.77 -0.87
C VAL B 372 -8.19 19.21 -0.94
N ASN B 373 -7.32 18.35 -1.46
CA ASN B 373 -5.91 18.70 -1.55
C ASN B 373 -5.48 19.29 -2.89
N CYS B 374 -6.37 19.30 -3.87
CA CYS B 374 -6.04 19.81 -5.21
C CYS B 374 -5.93 21.34 -5.21
N PRO B 375 -4.91 21.88 -5.90
CA PRO B 375 -4.79 23.34 -5.94
C PRO B 375 -5.73 23.75 -7.08
N TYR B 376 -7.04 23.69 -6.80
CA TYR B 376 -8.03 23.98 -7.82
C TYR B 376 -8.11 25.40 -8.36
N ARG B 377 -7.43 26.35 -7.73
CA ARG B 377 -7.44 27.73 -8.21
C ARG B 377 -6.23 27.95 -9.12
N ALA B 378 -5.42 26.90 -9.28
CA ALA B 378 -4.23 26.99 -10.12
C ALA B 378 -4.34 25.95 -11.23
N ARG B 379 -3.40 25.98 -12.16
CA ARG B 379 -3.40 25.03 -13.25
C ARG B 379 -2.18 24.14 -13.09
N VAL B 380 -2.38 22.93 -12.61
CA VAL B 380 -1.26 22.01 -12.42
C VAL B 380 -0.83 21.46 -13.77
N ALA B 381 0.39 21.80 -14.17
CA ALA B 381 0.93 21.36 -15.44
C ALA B 381 2.42 21.08 -15.23
N ASN B 382 2.82 19.83 -15.49
CA ASN B 382 4.22 19.47 -15.30
C ASN B 382 4.58 18.20 -16.06
N TYR B 383 5.68 17.58 -15.63
CA TYR B 383 6.14 16.37 -16.28
C TYR B 383 6.07 15.15 -15.38
N GLN B 384 5.20 15.23 -14.39
CA GLN B 384 4.97 14.14 -13.45
C GLN B 384 3.85 13.29 -14.03
N ARG B 385 3.98 11.97 -13.90
CA ARG B 385 2.97 11.07 -14.46
C ARG B 385 2.77 9.80 -13.65
N ASP B 386 1.62 9.16 -13.89
CA ASP B 386 1.27 7.88 -13.31
C ASP B 386 1.15 7.79 -11.79
N GLY B 387 1.55 6.65 -11.25
CA GLY B 387 1.46 6.44 -9.81
C GLY B 387 0.12 5.79 -9.48
N PRO B 388 0.02 5.06 -8.35
CA PRO B 388 -1.24 4.41 -7.98
C PRO B 388 -2.42 5.36 -7.82
N MET B 389 -3.61 4.86 -8.17
CA MET B 389 -4.84 5.63 -8.08
C MET B 389 -4.72 6.97 -8.78
N CYS B 390 -4.35 6.91 -10.07
CA CYS B 390 -4.20 8.11 -10.87
C CYS B 390 -5.56 8.53 -11.42
N MET B 391 -6.03 9.69 -11.00
CA MET B 391 -7.32 10.21 -11.46
C MET B 391 -7.16 11.22 -12.60
N MET B 392 -8.27 11.83 -12.97
CA MET B 392 -8.28 12.83 -14.03
C MET B 392 -7.84 12.20 -15.35
N ASP B 393 -6.97 12.88 -16.09
CA ASP B 393 -6.52 12.33 -17.37
C ASP B 393 -5.01 12.11 -17.41
N ASN B 394 -4.36 12.28 -16.26
CA ASN B 394 -2.91 12.07 -16.16
C ASN B 394 -2.18 12.98 -17.15
N GLN B 395 -2.76 14.15 -17.37
CA GLN B 395 -2.24 15.17 -18.29
C GLN B 395 -2.24 14.74 -19.76
N GLY B 396 -3.09 13.76 -20.06
CA GLY B 396 -3.27 13.26 -21.41
C GLY B 396 -2.06 12.79 -22.20
N GLY B 397 -1.98 13.24 -23.45
CA GLY B 397 -0.87 12.85 -24.31
C GLY B 397 0.25 13.88 -24.40
N ALA B 398 0.26 14.83 -23.46
CA ALA B 398 1.27 15.87 -23.46
C ALA B 398 2.70 15.34 -23.30
N PRO B 399 3.66 15.91 -24.03
CA PRO B 399 5.06 15.47 -23.94
C PRO B 399 5.41 15.38 -22.45
N ASN B 400 6.04 14.27 -22.05
CA ASN B 400 6.36 14.05 -20.65
C ASN B 400 7.81 14.25 -20.22
N TYR B 401 8.60 14.93 -21.04
CA TYR B 401 10.00 15.17 -20.69
C TYR B 401 10.33 16.63 -20.95
N TYR B 402 11.22 17.17 -20.12
CA TYR B 402 11.62 18.56 -20.22
C TYR B 402 13.15 18.65 -20.22
N PRO B 403 13.72 19.49 -21.10
CA PRO B 403 13.04 20.34 -22.09
C PRO B 403 12.54 19.52 -23.28
N ASN B 404 11.66 20.12 -24.08
CA ASN B 404 11.12 19.46 -25.26
C ASN B 404 10.80 20.53 -26.30
N SER B 405 10.62 20.09 -27.54
CA SER B 405 10.35 21.01 -28.64
C SER B 405 8.88 20.97 -29.05
N PHE B 406 8.00 20.55 -28.15
CA PHE B 406 6.60 20.41 -28.50
C PHE B 406 5.61 21.28 -27.74
N SER B 407 6.10 22.39 -27.20
CA SER B 407 5.26 23.36 -26.50
C SER B 407 4.59 22.90 -25.20
N ALA B 408 5.21 21.97 -24.50
CA ALA B 408 4.65 21.50 -23.24
C ALA B 408 5.00 22.58 -22.20
N PRO B 409 4.53 22.43 -20.94
CA PRO B 409 4.80 23.42 -19.87
C PRO B 409 6.23 23.95 -19.77
N GLU B 410 6.36 25.25 -19.53
CA GLU B 410 7.66 25.90 -19.40
C GLU B 410 7.84 26.52 -18.01
N HIS B 411 9.06 26.45 -17.48
CA HIS B 411 9.30 27.04 -16.17
C HIS B 411 9.25 28.56 -16.34
N GLN B 412 9.05 29.28 -15.24
CA GLN B 412 8.93 30.73 -15.27
C GLN B 412 9.94 31.41 -14.34
N PRO B 413 11.02 31.97 -14.91
CA PRO B 413 12.05 32.65 -14.12
C PRO B 413 11.54 33.63 -13.07
N SER B 414 10.34 34.15 -13.27
CA SER B 414 9.74 35.08 -12.30
C SER B 414 9.59 34.39 -10.95
N ALA B 415 9.45 33.07 -10.99
CA ALA B 415 9.26 32.28 -9.78
C ALA B 415 10.55 31.87 -9.07
N LEU B 416 11.70 32.23 -9.63
CA LEU B 416 12.97 31.89 -9.00
C LEU B 416 13.03 32.40 -7.56
N GLU B 417 13.60 31.59 -6.68
CA GLU B 417 13.71 31.94 -5.27
C GLU B 417 14.76 33.00 -4.99
N HIS B 418 14.59 33.72 -3.88
CA HIS B 418 15.52 34.77 -3.46
C HIS B 418 16.83 34.11 -3.07
N ARG B 419 17.95 34.80 -3.31
CA ARG B 419 19.26 34.24 -3.00
C ARG B 419 19.94 34.82 -1.75
N THR B 420 20.46 33.93 -0.91
CA THR B 420 21.14 34.31 0.32
C THR B 420 22.54 33.69 0.31
N HIS B 421 23.54 34.43 0.77
CA HIS B 421 24.90 33.91 0.80
C HIS B 421 25.17 33.19 2.11
N PHE B 422 25.81 32.03 2.02
CA PHE B 422 26.16 31.27 3.21
C PHE B 422 27.62 30.84 3.10
N SER B 423 28.29 30.78 4.24
CA SER B 423 29.69 30.41 4.30
C SER B 423 29.91 29.59 5.57
N GLY B 424 30.40 28.37 5.41
CA GLY B 424 30.64 27.53 6.58
C GLY B 424 30.97 26.11 6.21
N ASP B 425 31.38 25.34 7.22
CA ASP B 425 31.72 23.94 7.00
C ASP B 425 30.43 23.13 7.03
N VAL B 426 30.44 22.00 6.35
CA VAL B 426 29.29 21.11 6.35
C VAL B 426 29.49 20.36 7.66
N GLN B 427 28.68 20.68 8.66
CA GLN B 427 28.78 20.06 9.96
C GLN B 427 27.46 20.04 10.71
N ARG B 428 27.46 19.30 11.80
CA ARG B 428 26.30 19.20 12.67
C ARG B 428 26.64 20.15 13.81
N PHE B 429 26.21 21.40 13.67
CA PHE B 429 26.47 22.43 14.68
C PHE B 429 25.55 22.25 15.87
N ASN B 430 26.11 22.31 17.06
CA ASN B 430 25.32 22.11 18.27
C ASN B 430 24.46 23.32 18.64
N SER B 431 23.17 23.07 18.87
CA SER B 431 22.24 24.13 19.25
C SER B 431 21.58 23.81 20.58
N ALA B 432 22.02 22.73 21.21
CA ALA B 432 21.46 22.29 22.49
C ALA B 432 21.71 23.29 23.60
N ASN B 433 22.80 24.05 23.49
CA ASN B 433 23.15 25.00 24.52
C ASN B 433 22.88 26.46 24.21
N ASP B 434 21.98 26.73 23.27
CA ASP B 434 21.62 28.10 22.98
C ASP B 434 20.87 28.49 24.25
N ASP B 435 20.52 29.75 24.40
CA ASP B 435 19.81 30.20 25.60
C ASP B 435 18.51 29.43 25.80
N ASN B 436 18.40 28.71 26.91
CA ASN B 436 17.20 27.93 27.20
C ASN B 436 16.33 28.55 28.29
N VAL B 437 16.79 29.64 28.91
CA VAL B 437 16.04 30.20 30.02
C VAL B 437 15.61 31.67 30.01
N THR B 438 16.32 32.53 29.30
CA THR B 438 16.00 33.95 29.29
C THR B 438 14.56 34.34 28.94
N GLN B 439 14.05 33.90 27.80
CA GLN B 439 12.68 34.27 27.43
C GLN B 439 11.66 33.57 28.31
N VAL B 440 12.04 32.45 28.92
CA VAL B 440 11.13 31.70 29.78
C VAL B 440 10.97 32.47 31.10
N ARG B 441 12.04 33.12 31.53
CA ARG B 441 12.04 33.90 32.76
C ARG B 441 11.04 35.06 32.62
N THR B 442 11.09 35.75 31.48
CA THR B 442 10.19 36.87 31.26
C THR B 442 8.74 36.38 31.12
N PHE B 443 8.55 35.21 30.55
CA PHE B 443 7.21 34.65 30.40
C PHE B 443 6.64 34.39 31.79
N TYR B 444 7.46 33.74 32.63
CA TYR B 444 7.06 33.39 33.98
C TYR B 444 6.67 34.55 34.87
N LEU B 445 7.56 35.52 35.01
CA LEU B 445 7.28 36.66 35.89
C LEU B 445 6.79 37.95 35.24
N LYS B 446 6.73 37.98 33.91
CA LYS B 446 6.27 39.19 33.23
C LYS B 446 4.98 38.95 32.45
N VAL B 447 4.90 37.84 31.73
CA VAL B 447 3.70 37.53 30.94
C VAL B 447 2.56 36.99 31.79
N LEU B 448 2.90 36.14 32.77
CA LEU B 448 1.89 35.57 33.65
C LEU B 448 1.74 36.39 34.92
N ASN B 449 0.61 36.24 35.61
CA ASN B 449 0.39 36.93 36.87
C ASN B 449 0.61 35.93 37.99
N GLU B 450 0.33 36.33 39.23
CA GLU B 450 0.53 35.44 40.36
C GLU B 450 -0.37 34.20 40.38
N GLU B 451 -1.65 34.38 40.08
CA GLU B 451 -2.58 33.26 40.07
C GLU B 451 -2.30 32.22 38.99
N GLN B 452 -1.87 32.67 37.81
CA GLN B 452 -1.58 31.72 36.75
C GLN B 452 -0.20 31.06 36.92
N ARG B 453 0.65 31.68 37.74
CA ARG B 453 1.97 31.08 37.99
C ARG B 453 1.74 29.94 38.96
N LYS B 454 0.80 30.13 39.89
CA LYS B 454 0.48 29.11 40.88
C LYS B 454 -0.15 27.92 40.15
N ARG B 455 -1.08 28.22 39.25
CA ARG B 455 -1.77 27.20 38.48
C ARG B 455 -0.75 26.47 37.61
N LEU B 456 0.17 27.23 37.03
CA LEU B 456 1.21 26.66 36.16
C LEU B 456 2.03 25.61 36.91
N CYS B 457 2.44 25.94 38.12
CA CYS B 457 3.25 25.02 38.92
C CYS B 457 2.47 23.81 39.42
N GLU B 458 1.19 23.99 39.70
CA GLU B 458 0.37 22.89 40.18
C GLU B 458 0.14 21.92 39.01
N ASN B 459 -0.12 22.48 37.84
CA ASN B 459 -0.34 21.67 36.64
C ASN B 459 0.91 20.84 36.33
N ILE B 460 2.08 21.46 36.45
CA ILE B 460 3.33 20.75 36.18
C ILE B 460 3.57 19.65 37.22
N ALA B 461 3.43 20.01 38.49
CA ALA B 461 3.64 19.07 39.59
C ALA B 461 2.70 17.88 39.49
N GLY B 462 1.43 18.14 39.18
CA GLY B 462 0.46 17.08 39.06
C GLY B 462 0.83 16.00 38.07
N HIS B 463 1.72 16.32 37.14
CA HIS B 463 2.15 15.36 36.14
C HIS B 463 3.55 14.84 36.43
N LEU B 464 4.43 15.73 36.85
CA LEU B 464 5.83 15.39 37.16
C LEU B 464 5.94 14.44 38.34
N LYS B 465 4.99 14.52 39.27
CA LYS B 465 5.00 13.67 40.46
C LYS B 465 5.06 12.19 40.12
N ASP B 466 4.53 11.81 38.96
CA ASP B 466 4.54 10.41 38.59
C ASP B 466 5.84 9.89 38.01
N ALA B 467 6.80 10.77 37.79
CA ALA B 467 8.10 10.36 37.26
C ALA B 467 9.01 9.97 38.43
N GLN B 468 10.06 9.20 38.14
CA GLN B 468 11.01 8.78 39.16
C GLN B 468 11.66 10.00 39.83
N LEU B 469 12.10 9.83 41.07
CA LEU B 469 12.72 10.93 41.80
C LEU B 469 13.92 11.58 41.13
N PHE B 470 14.80 10.80 40.49
CA PHE B 470 15.96 11.40 39.83
C PHE B 470 15.54 12.26 38.64
N ILE B 471 14.39 11.94 38.06
CA ILE B 471 13.89 12.70 36.93
C ILE B 471 13.25 13.98 37.47
N GLN B 472 12.53 13.86 38.58
CA GLN B 472 11.91 15.01 39.21
C GLN B 472 12.98 16.03 39.62
N LYS B 473 14.08 15.54 40.17
CA LYS B 473 15.17 16.42 40.59
C LYS B 473 15.76 17.18 39.41
N LYS B 474 16.07 16.45 38.35
CA LYS B 474 16.64 17.04 37.14
C LYS B 474 15.69 18.07 36.55
N ALA B 475 14.41 17.73 36.50
CA ALA B 475 13.40 18.63 35.95
C ALA B 475 13.32 19.91 36.78
N VAL B 476 13.31 19.77 38.10
CA VAL B 476 13.24 20.93 38.98
C VAL B 476 14.48 21.82 38.83
N LYS B 477 15.62 21.21 38.55
CA LYS B 477 16.86 21.97 38.37
C LYS B 477 16.72 22.93 37.20
N ASN B 478 16.14 22.44 36.10
CA ASN B 478 15.94 23.27 34.91
C ASN B 478 15.01 24.44 35.21
N PHE B 479 13.92 24.15 35.91
CA PHE B 479 12.95 25.19 36.25
C PHE B 479 13.61 26.24 37.14
N SER B 480 14.50 25.80 38.03
CA SER B 480 15.20 26.70 38.92
C SER B 480 16.13 27.60 38.11
N ASP B 481 16.69 27.04 37.03
CA ASP B 481 17.59 27.79 36.17
C ASP B 481 16.85 28.96 35.54
N VAL B 482 15.55 28.79 35.35
CA VAL B 482 14.73 29.85 34.79
C VAL B 482 14.54 30.88 35.89
N HIS B 483 14.16 30.39 37.07
CA HIS B 483 13.96 31.24 38.25
C HIS B 483 13.87 30.37 39.50
N PRO B 484 14.62 30.73 40.55
CA PRO B 484 14.61 29.98 41.81
C PRO B 484 13.21 29.67 42.33
N GLU B 485 12.31 30.64 42.24
CA GLU B 485 10.95 30.48 42.72
C GLU B 485 10.14 29.50 41.84
N TYR B 486 10.44 29.48 40.55
CA TYR B 486 9.75 28.61 39.62
C TYR B 486 9.99 27.18 40.11
N GLY B 487 11.26 26.84 40.30
CA GLY B 487 11.61 25.51 40.76
C GLY B 487 11.14 25.23 42.18
N SER B 488 11.29 26.22 43.06
CA SER B 488 10.88 26.07 44.45
C SER B 488 9.41 25.71 44.61
N ARG B 489 8.54 26.45 43.93
CA ARG B 489 7.11 26.20 44.00
C ARG B 489 6.77 24.79 43.50
N ILE B 490 7.38 24.38 42.40
CA ILE B 490 7.13 23.05 41.86
C ILE B 490 7.61 22.00 42.87
N GLN B 491 8.84 22.17 43.35
CA GLN B 491 9.43 21.26 44.31
C GLN B 491 8.56 21.09 45.55
N ALA B 492 7.96 22.18 46.00
CA ALA B 492 7.11 22.16 47.19
C ALA B 492 5.91 21.24 46.96
N LEU B 493 5.31 21.34 45.78
CA LEU B 493 4.16 20.51 45.44
C LEU B 493 4.57 19.05 45.33
N LEU B 494 5.73 18.80 44.72
CA LEU B 494 6.24 17.44 44.56
C LEU B 494 6.42 16.74 45.91
N ASP B 495 6.92 17.49 46.91
CA ASP B 495 7.13 16.90 48.22
C ASP B 495 5.81 16.44 48.83
N LYS B 496 4.74 17.17 48.51
CA LYS B 496 3.42 16.83 49.02
C LYS B 496 2.93 15.54 48.34
N TYR B 497 2.90 15.57 47.01
CA TYR B 497 2.47 14.40 46.24
C TYR B 497 3.29 13.17 46.63
N ASN B 498 4.58 13.37 46.78
CA ASN B 498 5.48 12.28 47.17
C ASN B 498 5.19 11.84 48.60
N GLU B 499 4.06 12.30 49.13
CA GLU B 499 3.62 11.99 50.48
C GLU B 499 4.61 12.47 51.52
N ASN C 1 9.18 2.90 44.37
CA ASN C 1 8.76 1.76 43.50
C ASN C 1 7.27 1.79 43.24
N ARG C 2 6.90 1.74 41.95
CA ARG C 2 5.50 1.78 41.55
C ARG C 2 5.09 0.43 40.97
N ASP C 3 3.94 0.41 40.30
CA ASP C 3 3.43 -0.83 39.69
C ASP C 3 4.42 -1.27 38.60
N PRO C 4 4.43 -2.56 38.26
CA PRO C 4 5.34 -3.07 37.22
C PRO C 4 5.24 -2.31 35.89
N ALA C 5 4.02 -2.00 35.49
CA ALA C 5 3.79 -1.28 34.23
C ALA C 5 4.54 0.04 34.24
N SER C 6 4.48 0.75 35.37
CA SER C 6 5.17 2.04 35.49
C SER C 6 6.69 1.95 35.48
N ASP C 7 7.23 0.84 35.97
CA ASP C 7 8.67 0.64 36.01
C ASP C 7 9.21 -0.09 34.79
N GLN C 8 8.46 -0.04 33.68
CA GLN C 8 8.88 -0.73 32.46
C GLN C 8 10.31 -0.36 32.04
N MET C 9 10.59 0.93 31.92
CA MET C 9 11.92 1.37 31.51
C MET C 9 12.95 1.13 32.61
N LYS C 10 12.56 1.39 33.84
CA LYS C 10 13.45 1.19 34.98
C LYS C 10 13.98 -0.23 34.93
N HIS C 11 13.07 -1.18 34.75
CA HIS C 11 13.44 -2.58 34.71
C HIS C 11 14.28 -2.94 33.47
N TRP C 12 13.95 -2.35 32.32
CA TRP C 12 14.73 -2.64 31.11
C TRP C 12 16.19 -2.25 31.35
N LYS C 13 16.38 -1.08 31.96
CA LYS C 13 17.73 -0.59 32.25
C LYS C 13 18.46 -1.51 33.21
N GLU C 14 17.79 -1.89 34.30
CA GLU C 14 18.39 -2.77 35.30
C GLU C 14 18.80 -4.11 34.71
N GLN C 15 17.88 -4.77 34.00
CA GLN C 15 18.19 -6.07 33.42
C GLN C 15 19.28 -6.01 32.36
N ARG C 16 19.69 -4.80 32.00
CA ARG C 16 20.74 -4.66 31.01
C ARG C 16 22.02 -4.21 31.71
N ALA C 17 21.89 -3.79 32.97
CA ALA C 17 23.03 -3.34 33.75
C ALA C 17 24.19 -4.29 33.54
N ALA C 18 25.41 -3.74 33.56
CA ALA C 18 26.63 -4.50 33.35
C ALA C 18 26.91 -4.64 31.85
N GLN C 19 26.32 -3.76 31.06
CA GLN C 19 26.50 -3.77 29.61
C GLN C 19 26.64 -2.36 29.08
N LYS C 20 27.55 -2.18 28.13
CA LYS C 20 27.77 -0.88 27.51
C LYS C 20 26.64 -0.71 26.51
N PRO C 21 26.05 0.50 26.43
CA PRO C 21 24.95 0.69 25.48
C PRO C 21 25.39 0.43 24.04
N ASP C 22 24.49 -0.10 23.23
CA ASP C 22 24.79 -0.41 21.83
C ASP C 22 25.08 0.85 21.02
N VAL C 23 25.73 0.66 19.88
CA VAL C 23 26.02 1.79 19.01
C VAL C 23 24.73 2.15 18.27
N LEU C 24 24.43 3.44 18.22
CA LEU C 24 23.23 3.92 17.52
C LEU C 24 23.53 3.94 16.02
N THR C 25 22.71 3.24 15.24
CA THR C 25 22.93 3.17 13.79
C THR C 25 21.73 3.61 12.97
N THR C 26 21.95 3.77 11.67
CA THR C 26 20.90 4.13 10.75
C THR C 26 20.17 2.80 10.52
N GLY C 27 19.13 2.81 9.69
CA GLY C 27 18.43 1.56 9.42
C GLY C 27 19.32 0.62 8.62
N GLY C 28 20.29 1.17 7.91
CA GLY C 28 21.21 0.36 7.12
C GLY C 28 22.38 -0.17 7.93
N GLY C 29 22.36 0.09 9.23
CA GLY C 29 23.41 -0.38 10.11
C GLY C 29 24.66 0.49 10.19
N ASN C 30 24.63 1.67 9.59
CA ASN C 30 25.77 2.58 9.62
C ASN C 30 25.74 3.34 10.94
N PRO C 31 26.86 3.33 11.68
CA PRO C 31 26.90 4.05 12.97
C PRO C 31 26.78 5.57 12.78
N VAL C 32 26.04 6.22 13.68
CA VAL C 32 25.84 7.65 13.59
C VAL C 32 26.73 8.43 14.58
N GLY C 33 27.30 9.53 14.11
CA GLY C 33 28.18 10.34 14.94
C GLY C 33 27.47 11.27 15.91
N ASP C 34 26.38 11.87 15.47
CA ASP C 34 25.61 12.80 16.30
C ASP C 34 24.17 12.79 15.81
N LYS C 35 23.27 12.12 16.52
CA LYS C 35 21.89 12.07 16.10
C LYS C 35 21.05 13.16 16.75
N LEU C 36 21.70 14.20 17.26
CA LEU C 36 20.96 15.29 17.91
C LEU C 36 21.11 16.66 17.25
N ASN C 37 21.93 16.73 16.20
CA ASN C 37 22.14 17.97 15.48
C ASN C 37 22.17 17.70 13.99
N SER C 38 21.36 18.43 13.24
CA SER C 38 21.26 18.24 11.79
C SER C 38 22.48 18.77 11.05
N LEU C 39 22.70 18.26 9.84
CA LEU C 39 23.83 18.66 9.01
C LEU C 39 23.48 19.90 8.19
N THR C 40 24.18 20.99 8.44
CA THR C 40 23.94 22.25 7.72
C THR C 40 25.25 22.89 7.26
N VAL C 41 25.12 23.91 6.41
CA VAL C 41 26.29 24.65 5.94
C VAL C 41 26.31 25.88 6.83
N GLY C 42 27.13 25.83 7.87
CA GLY C 42 27.19 26.94 8.80
C GLY C 42 26.18 26.73 9.92
N PRO C 43 26.42 27.32 11.11
CA PRO C 43 25.56 27.21 12.29
C PRO C 43 24.09 27.55 12.05
N ARG C 44 23.86 28.58 11.24
CA ARG C 44 22.49 29.01 10.94
C ARG C 44 22.23 28.91 9.44
N GLY C 45 22.79 27.87 8.85
CA GLY C 45 22.63 27.63 7.43
C GLY C 45 21.58 26.59 7.07
N PRO C 46 21.40 26.31 5.76
CA PRO C 46 20.44 25.36 5.20
C PRO C 46 20.72 23.90 5.52
N LEU C 47 19.65 23.11 5.61
CA LEU C 47 19.73 21.68 5.87
C LEU C 47 20.13 20.98 4.57
N LEU C 48 21.08 20.05 4.65
CA LEU C 48 21.54 19.35 3.46
C LEU C 48 20.88 18.00 3.17
N VAL C 49 20.72 17.69 1.89
CA VAL C 49 20.15 16.42 1.48
C VAL C 49 21.15 15.35 1.94
N GLN C 50 22.42 15.73 2.01
CA GLN C 50 23.48 14.80 2.46
C GLN C 50 23.23 14.26 3.87
N ASP C 51 22.32 14.88 4.63
CA ASP C 51 22.05 14.39 5.97
C ASP C 51 21.12 13.19 5.84
N VAL C 52 21.70 12.03 5.57
CA VAL C 52 20.94 10.81 5.39
C VAL C 52 20.57 10.18 6.72
N VAL C 53 21.18 10.65 7.81
CA VAL C 53 20.83 10.12 9.13
C VAL C 53 19.43 10.67 9.43
N PHE C 54 19.24 11.95 9.11
CA PHE C 54 17.95 12.61 9.32
C PHE C 54 16.85 12.01 8.44
N THR C 55 17.11 11.89 7.14
CA THR C 55 16.11 11.34 6.24
C THR C 55 15.72 9.91 6.58
N ASP C 56 16.73 9.08 6.88
CA ASP C 56 16.49 7.69 7.22
C ASP C 56 15.58 7.59 8.45
N GLU C 57 15.88 8.37 9.48
CA GLU C 57 15.07 8.34 10.69
C GLU C 57 13.69 8.97 10.53
N MET C 58 13.63 10.15 9.92
CA MET C 58 12.36 10.84 9.75
C MET C 58 11.44 10.10 8.79
N ALA C 59 12.01 9.47 7.76
CA ALA C 59 11.20 8.73 6.79
C ALA C 59 10.54 7.54 7.47
N HIS C 60 11.23 6.93 8.44
CA HIS C 60 10.65 5.78 9.11
C HIS C 60 9.56 6.28 10.06
N PHE C 61 9.82 7.40 10.74
CA PHE C 61 8.84 7.98 11.64
C PHE C 61 7.58 8.34 10.86
N ASP C 62 7.74 8.89 9.67
CA ASP C 62 6.61 9.28 8.83
C ASP C 62 5.74 8.08 8.42
N ARG C 63 6.26 6.88 8.59
CA ARG C 63 5.55 5.66 8.21
C ARG C 63 5.24 4.70 9.35
N GLU C 64 5.27 5.20 10.59
CA GLU C 64 5.02 4.35 11.75
C GLU C 64 3.62 3.77 11.87
N ARG C 65 2.61 4.49 11.39
CA ARG C 65 1.23 4.05 11.52
C ARG C 65 0.67 3.20 10.40
N ILE C 66 -0.18 2.25 10.79
CA ILE C 66 -0.85 1.37 9.85
C ILE C 66 -2.32 1.58 10.18
N PRO C 67 -3.23 1.16 9.29
CA PRO C 67 -4.65 1.36 9.60
C PRO C 67 -5.04 0.61 10.87
N GLU C 68 -5.89 1.19 11.71
CA GLU C 68 -6.31 0.49 12.92
C GLU C 68 -7.37 -0.50 12.45
N ARG C 69 -7.73 -1.46 13.30
CA ARG C 69 -8.74 -2.45 12.95
C ARG C 69 -10.04 -1.68 12.65
N VAL C 70 -10.77 -2.12 11.63
CA VAL C 70 -12.01 -1.44 11.27
C VAL C 70 -13.00 -1.49 12.45
N VAL C 71 -12.86 -2.51 13.30
CA VAL C 71 -13.67 -2.65 14.51
C VAL C 71 -12.76 -3.32 15.55
N HIS C 72 -13.04 -3.09 16.83
CA HIS C 72 -12.22 -3.66 17.90
C HIS C 72 -10.81 -3.04 17.87
N ALA C 73 -10.74 -1.76 17.51
CA ALA C 73 -9.45 -1.08 17.41
C ALA C 73 -8.69 -0.94 18.74
N LYS C 74 -9.39 -0.69 19.84
CA LYS C 74 -8.74 -0.50 21.14
C LYS C 74 -8.64 -1.83 21.89
N GLY C 75 -7.41 -2.29 22.13
CA GLY C 75 -7.27 -3.55 22.83
C GLY C 75 -6.01 -3.78 23.62
N ALA C 76 -5.94 -4.96 24.23
CA ALA C 76 -4.80 -5.37 25.04
C ALA C 76 -4.49 -6.83 24.71
N GLY C 77 -3.21 -7.20 24.79
CA GLY C 77 -2.84 -8.56 24.49
C GLY C 77 -1.93 -9.23 25.51
N ALA C 78 -1.88 -10.55 25.46
CA ALA C 78 -1.06 -11.32 26.37
C ALA C 78 -0.90 -12.70 25.79
N PHE C 79 0.03 -13.47 26.35
CA PHE C 79 0.28 -14.80 25.85
C PHE C 79 0.30 -15.81 26.98
N GLY C 80 0.16 -17.07 26.61
CA GLY C 80 0.17 -18.13 27.58
C GLY C 80 0.02 -19.49 26.95
N TYR C 81 -0.83 -20.32 27.55
CA TYR C 81 -1.03 -21.67 27.05
C TYR C 81 -2.43 -22.19 27.29
N PHE C 82 -2.77 -23.21 26.50
CA PHE C 82 -4.03 -23.90 26.63
C PHE C 82 -3.61 -25.28 27.12
N GLU C 83 -4.26 -25.78 28.16
CA GLU C 83 -3.93 -27.09 28.71
C GLU C 83 -5.17 -27.97 28.76
N VAL C 84 -5.12 -29.13 28.12
CA VAL C 84 -6.25 -30.06 28.11
C VAL C 84 -6.43 -30.67 29.49
N THR C 85 -7.66 -30.68 29.98
CA THR C 85 -7.97 -31.24 31.30
C THR C 85 -8.93 -32.42 31.20
N HIS C 86 -9.78 -32.43 30.17
CA HIS C 86 -10.73 -33.52 29.97
C HIS C 86 -10.65 -34.04 28.54
N ASP C 87 -11.09 -35.26 28.34
CA ASP C 87 -11.06 -35.92 27.03
C ASP C 87 -12.31 -35.72 26.20
N ILE C 88 -12.21 -34.97 25.11
CA ILE C 88 -13.37 -34.78 24.24
C ILE C 88 -13.10 -35.31 22.83
N THR C 89 -12.14 -36.24 22.75
CA THR C 89 -11.76 -36.84 21.48
C THR C 89 -12.89 -37.62 20.83
N ARG C 90 -13.94 -37.89 21.59
CA ARG C 90 -15.09 -38.61 21.06
C ARG C 90 -15.86 -37.66 20.13
N TYR C 91 -15.66 -36.37 20.33
CA TYR C 91 -16.32 -35.35 19.51
C TYR C 91 -15.41 -34.73 18.45
N SER C 92 -14.15 -34.48 18.81
CA SER C 92 -13.20 -33.87 17.89
C SER C 92 -11.84 -34.55 17.85
N LYS C 93 -11.31 -34.71 16.65
CA LYS C 93 -10.00 -35.33 16.44
C LYS C 93 -8.89 -34.28 16.41
N ALA C 94 -9.24 -33.02 16.64
CA ALA C 94 -8.23 -31.95 16.60
C ALA C 94 -7.05 -32.26 17.52
N LYS C 95 -5.83 -32.10 16.98
CA LYS C 95 -4.64 -32.38 17.75
C LYS C 95 -4.56 -31.58 19.04
N VAL C 96 -5.11 -30.36 19.03
CA VAL C 96 -5.09 -29.50 20.22
C VAL C 96 -5.80 -30.15 21.42
N PHE C 97 -6.72 -31.08 21.17
CA PHE C 97 -7.45 -31.75 22.26
C PHE C 97 -6.97 -33.18 22.51
N GLU C 98 -5.99 -33.59 21.71
CA GLU C 98 -5.40 -34.93 21.72
C GLU C 98 -5.29 -35.72 23.03
N HIS C 99 -4.59 -35.17 24.01
CA HIS C 99 -4.41 -35.86 25.29
C HIS C 99 -4.52 -34.93 26.49
N ILE C 100 -5.02 -35.45 27.61
CA ILE C 100 -5.14 -34.66 28.82
C ILE C 100 -3.73 -34.24 29.23
N GLY C 101 -3.58 -32.98 29.62
CA GLY C 101 -2.29 -32.46 30.02
C GLY C 101 -1.52 -31.82 28.89
N LYS C 102 -1.93 -32.06 27.65
CA LYS C 102 -1.25 -31.48 26.48
C LYS C 102 -1.36 -29.97 26.48
N ARG C 103 -0.25 -29.30 26.22
CA ARG C 103 -0.24 -27.83 26.19
C ARG C 103 0.01 -27.28 24.80
N THR C 104 -0.71 -26.23 24.46
CA THR C 104 -0.58 -25.55 23.18
C THR C 104 -0.43 -24.06 23.47
N PRO C 105 0.61 -23.42 22.91
CA PRO C 105 0.82 -21.99 23.15
C PRO C 105 -0.35 -21.17 22.61
N ILE C 106 -0.70 -20.11 23.30
CA ILE C 106 -1.80 -19.26 22.84
C ILE C 106 -1.46 -17.78 22.92
N ALA C 107 -2.13 -17.00 22.08
CA ALA C 107 -2.00 -15.56 22.04
C ALA C 107 -3.44 -15.07 22.20
N VAL C 108 -3.64 -14.05 23.03
CA VAL C 108 -4.97 -13.52 23.25
C VAL C 108 -5.01 -11.99 23.13
N ARG C 109 -6.10 -11.48 22.56
CA ARG C 109 -6.29 -10.04 22.45
C ARG C 109 -7.72 -9.70 22.88
N PHE C 110 -7.82 -8.80 23.87
CA PHE C 110 -9.08 -8.33 24.41
C PHE C 110 -9.33 -6.94 23.81
N SER C 111 -10.59 -6.53 23.70
CA SER C 111 -10.86 -5.22 23.12
C SER C 111 -12.31 -4.75 23.26
N THR C 112 -12.53 -3.48 22.93
CA THR C 112 -13.87 -2.91 22.92
C THR C 112 -14.27 -3.07 21.45
N VAL C 113 -15.33 -2.41 21.02
CA VAL C 113 -15.77 -2.59 19.63
C VAL C 113 -15.77 -1.33 18.75
N ALA C 114 -16.58 -0.35 19.13
CA ALA C 114 -16.75 0.86 18.37
C ALA C 114 -15.64 1.92 18.42
N GLY C 115 -15.06 2.11 19.60
CA GLY C 115 -14.02 3.13 19.75
C GLY C 115 -12.73 2.96 18.98
N GLU C 116 -12.12 4.08 18.61
CA GLU C 116 -10.86 4.06 17.88
C GLU C 116 -9.70 3.80 18.83
N SER C 117 -8.49 3.69 18.28
CA SER C 117 -7.29 3.42 19.05
C SER C 117 -7.06 4.27 20.29
N GLY C 118 -7.53 5.51 20.29
CA GLY C 118 -7.30 6.34 21.46
C GLY C 118 -8.46 6.40 22.44
N SER C 119 -9.49 5.59 22.21
CA SER C 119 -10.67 5.59 23.07
C SER C 119 -10.43 4.94 24.43
N ALA C 120 -11.41 5.11 25.31
CA ALA C 120 -11.35 4.58 26.67
C ALA C 120 -11.74 3.11 26.76
N ASP C 121 -11.12 2.40 27.70
CA ASP C 121 -11.39 0.99 27.92
C ASP C 121 -12.72 0.74 28.64
N THR C 122 -13.02 1.58 29.63
CA THR C 122 -14.22 1.42 30.45
C THR C 122 -15.51 2.06 29.95
N VAL C 123 -15.96 1.66 28.77
CA VAL C 123 -17.20 2.18 28.20
C VAL C 123 -18.14 1.00 27.92
N ARG C 124 -19.43 1.26 27.77
CA ARG C 124 -20.36 0.18 27.48
C ARG C 124 -20.10 -0.25 26.05
N ASP C 125 -19.94 -1.55 25.83
CA ASP C 125 -19.65 -2.07 24.50
C ASP C 125 -19.35 -3.55 24.66
N PRO C 126 -19.55 -4.34 23.60
CA PRO C 126 -19.23 -5.77 23.78
C PRO C 126 -17.71 -5.82 23.97
N ARG C 127 -17.18 -6.98 24.34
CA ARG C 127 -15.73 -7.10 24.51
C ARG C 127 -15.20 -8.23 23.64
N GLY C 128 -14.16 -7.94 22.85
CA GLY C 128 -13.56 -8.97 22.02
C GLY C 128 -12.69 -9.84 22.90
N PHE C 129 -12.62 -11.14 22.60
CA PHE C 129 -11.80 -12.07 23.38
C PHE C 129 -11.34 -13.13 22.40
N ALA C 130 -10.34 -12.76 21.59
CA ALA C 130 -9.80 -13.64 20.56
C ALA C 130 -8.64 -14.48 21.07
N VAL C 131 -8.67 -15.77 20.75
CA VAL C 131 -7.64 -16.71 21.16
C VAL C 131 -7.02 -17.39 19.94
N LYS C 132 -5.70 -17.35 19.85
CA LYS C 132 -4.97 -17.98 18.77
C LYS C 132 -4.23 -19.17 19.36
N PHE C 133 -4.54 -20.37 18.88
CA PHE C 133 -3.87 -21.59 19.34
C PHE C 133 -2.85 -22.01 18.30
N TYR C 134 -1.58 -22.03 18.67
CA TYR C 134 -0.52 -22.44 17.75
C TYR C 134 -0.38 -23.96 17.77
N THR C 135 -1.25 -24.66 17.05
CA THR C 135 -1.22 -26.12 17.04
C THR C 135 -0.34 -26.72 15.95
N GLU C 136 -0.05 -28.01 16.08
CA GLU C 136 0.79 -28.71 15.11
C GLU C 136 0.08 -28.80 13.76
N ASP C 137 -1.24 -28.67 13.77
CA ASP C 137 -2.02 -28.71 12.54
C ASP C 137 -2.36 -27.30 12.10
N GLY C 138 -1.47 -26.37 12.41
CA GLY C 138 -1.70 -24.97 12.04
C GLY C 138 -2.38 -24.21 13.15
N ASN C 139 -2.56 -22.91 12.94
CA ASN C 139 -3.20 -22.09 13.94
C ASN C 139 -4.70 -22.24 13.93
N TRP C 140 -5.29 -22.21 15.12
CA TRP C 140 -6.73 -22.29 15.27
C TRP C 140 -7.11 -21.00 15.98
N ASP C 141 -7.86 -20.15 15.28
CA ASP C 141 -8.28 -18.88 15.87
C ASP C 141 -9.74 -18.91 16.29
N LEU C 142 -9.95 -18.81 17.60
CA LEU C 142 -11.28 -18.78 18.19
C LEU C 142 -11.49 -17.30 18.48
N VAL C 143 -12.12 -16.61 17.52
CA VAL C 143 -12.36 -15.17 17.63
C VAL C 143 -13.66 -14.91 18.37
N GLY C 144 -13.61 -15.02 19.70
CA GLY C 144 -14.81 -14.84 20.49
C GLY C 144 -15.10 -13.46 21.03
N ASN C 145 -16.21 -13.37 21.76
CA ASN C 145 -16.65 -12.14 22.41
C ASN C 145 -16.99 -12.49 23.84
N ASN C 146 -17.34 -11.50 24.63
CA ASN C 146 -17.70 -11.71 26.03
C ASN C 146 -19.20 -11.97 26.15
N THR C 147 -19.84 -12.25 25.01
CA THR C 147 -21.26 -12.55 24.95
C THR C 147 -21.48 -13.75 24.01
N PRO C 148 -22.44 -14.63 24.34
CA PRO C 148 -22.74 -15.81 23.52
C PRO C 148 -23.54 -15.52 22.26
N ILE C 149 -24.10 -14.31 22.17
CA ILE C 149 -24.93 -13.92 21.05
C ILE C 149 -24.45 -12.62 20.43
N PHE C 150 -25.16 -12.16 19.41
CA PHE C 150 -24.81 -10.91 18.74
C PHE C 150 -26.09 -10.19 18.33
N PHE C 151 -25.94 -8.97 17.85
CA PHE C 151 -27.08 -8.13 17.46
C PHE C 151 -27.84 -8.52 16.20
N ILE C 152 -27.17 -9.13 15.23
CA ILE C 152 -27.82 -9.51 13.98
C ILE C 152 -27.51 -10.95 13.60
N ARG C 153 -28.25 -11.47 12.62
CA ARG C 153 -28.07 -12.87 12.19
C ARG C 153 -27.70 -13.08 10.72
N ASP C 154 -27.37 -12.01 10.01
CA ASP C 154 -26.97 -12.12 8.60
C ASP C 154 -25.85 -11.11 8.36
N ALA C 155 -24.73 -11.59 7.82
CA ALA C 155 -23.57 -10.74 7.58
C ALA C 155 -23.82 -9.49 6.73
N LEU C 156 -24.78 -9.53 5.83
CA LEU C 156 -25.05 -8.35 4.99
C LEU C 156 -25.43 -7.13 5.80
N LEU C 157 -25.80 -7.33 7.07
CA LEU C 157 -26.19 -6.23 7.94
C LEU C 157 -25.05 -5.77 8.83
N PHE C 158 -23.95 -6.52 8.83
CA PHE C 158 -22.83 -6.15 9.69
C PHE C 158 -22.23 -4.77 9.41
N PRO C 159 -21.79 -4.52 8.17
CA PRO C 159 -21.21 -3.19 7.93
C PRO C 159 -22.16 -2.05 8.33
N SER C 160 -23.44 -2.18 8.04
CA SER C 160 -24.40 -1.15 8.42
C SER C 160 -24.47 -1.01 9.94
N PHE C 161 -24.50 -2.15 10.64
CA PHE C 161 -24.55 -2.11 12.09
C PHE C 161 -23.34 -1.37 12.64
N ILE C 162 -22.15 -1.72 12.16
CA ILE C 162 -20.95 -1.06 12.64
C ILE C 162 -20.98 0.42 12.30
N HIS C 163 -21.46 0.77 11.11
CA HIS C 163 -21.55 2.19 10.76
C HIS C 163 -22.47 2.91 11.75
N SER C 164 -23.61 2.29 12.09
CA SER C 164 -24.57 2.90 13.01
C SER C 164 -23.99 3.10 14.41
N GLN C 165 -23.04 2.25 14.78
CA GLN C 165 -22.41 2.30 16.10
C GLN C 165 -21.25 3.29 16.15
N LYS C 166 -20.81 3.72 14.98
CA LYS C 166 -19.68 4.63 14.94
C LYS C 166 -20.05 6.10 14.71
N ARG C 167 -19.20 6.84 14.02
CA ARG C 167 -19.42 8.27 13.82
C ARG C 167 -20.28 8.70 12.64
N ASN C 168 -21.05 9.77 12.85
CA ASN C 168 -21.89 10.33 11.81
C ASN C 168 -20.95 10.72 10.66
N PRO C 169 -21.32 10.38 9.41
CA PRO C 169 -20.57 10.64 8.18
C PRO C 169 -20.16 12.09 7.96
N GLN C 170 -21.01 13.02 8.39
CA GLN C 170 -20.70 14.43 8.22
C GLN C 170 -20.07 15.10 9.45
N THR C 171 -20.69 14.92 10.61
CA THR C 171 -20.22 15.54 11.85
C THR C 171 -19.07 14.84 12.56
N HIS C 172 -18.94 13.54 12.34
CA HIS C 172 -17.89 12.73 12.97
C HIS C 172 -18.17 12.56 14.47
N LEU C 173 -19.44 12.71 14.84
CA LEU C 173 -19.84 12.57 16.24
C LEU C 173 -20.64 11.29 16.43
N LYS C 174 -20.66 10.76 17.65
CA LYS C 174 -21.45 9.58 17.93
C LYS C 174 -22.88 10.05 17.66
N ASP C 175 -23.72 9.17 17.11
CA ASP C 175 -25.08 9.56 16.75
C ASP C 175 -26.17 8.61 17.26
N PRO C 176 -26.83 8.97 18.37
CA PRO C 176 -27.90 8.11 18.91
C PRO C 176 -29.04 7.81 17.93
N ASP C 177 -29.29 8.72 16.99
CA ASP C 177 -30.34 8.48 16.01
C ASP C 177 -29.92 7.28 15.16
N MET C 178 -28.66 7.28 14.73
CA MET C 178 -28.13 6.17 13.94
C MET C 178 -28.16 4.87 14.74
N VAL C 179 -27.72 4.95 15.99
CA VAL C 179 -27.69 3.78 16.87
C VAL C 179 -29.08 3.16 17.05
N TRP C 180 -30.04 3.97 17.47
CA TRP C 180 -31.38 3.44 17.71
C TRP C 180 -32.29 3.27 16.50
N ASP C 181 -32.00 3.97 15.41
CA ASP C 181 -32.83 3.80 14.23
C ASP C 181 -32.57 2.38 13.73
N PHE C 182 -31.29 1.99 13.71
CA PHE C 182 -30.92 0.67 13.27
C PHE C 182 -31.52 -0.40 14.18
N TRP C 183 -31.26 -0.30 15.48
CA TRP C 183 -31.78 -1.29 16.43
C TRP C 183 -33.30 -1.37 16.47
N SER C 184 -33.98 -0.24 16.29
CA SER C 184 -35.43 -0.26 16.32
C SER C 184 -35.99 -0.88 15.04
N LEU C 185 -35.28 -0.71 13.92
CA LEU C 185 -35.72 -1.29 12.65
C LEU C 185 -35.33 -2.76 12.57
N ARG C 186 -34.41 -3.19 13.43
CA ARG C 186 -33.96 -4.57 13.44
C ARG C 186 -34.11 -5.16 14.83
N PRO C 187 -35.35 -5.52 15.22
CA PRO C 187 -35.64 -6.10 16.53
C PRO C 187 -34.92 -7.39 16.90
N GLU C 188 -34.24 -8.02 15.94
CA GLU C 188 -33.52 -9.25 16.26
C GLU C 188 -32.40 -8.90 17.24
N SER C 189 -32.05 -7.62 17.29
CA SER C 189 -31.00 -7.12 18.17
C SER C 189 -31.37 -7.07 19.65
N LEU C 190 -32.66 -7.22 19.95
CA LEU C 190 -33.13 -7.16 21.33
C LEU C 190 -32.40 -8.03 22.35
N HIS C 191 -32.07 -9.27 21.99
CA HIS C 191 -31.39 -10.15 22.93
C HIS C 191 -30.03 -9.60 23.35
N GLN C 192 -29.19 -9.23 22.38
CA GLN C 192 -27.87 -8.70 22.69
C GLN C 192 -27.91 -7.30 23.28
N VAL C 193 -28.90 -6.50 22.88
CA VAL C 193 -29.02 -5.14 23.42
C VAL C 193 -29.34 -5.28 24.91
N SER C 194 -30.17 -6.25 25.25
CA SER C 194 -30.51 -6.47 26.66
C SER C 194 -29.26 -6.85 27.44
N PHE C 195 -28.42 -7.69 26.85
CA PHE C 195 -27.19 -8.10 27.50
C PHE C 195 -26.24 -6.91 27.60
N LEU C 196 -26.09 -6.19 26.50
CA LEU C 196 -25.20 -5.04 26.45
C LEU C 196 -25.51 -3.99 27.53
N PHE C 197 -26.79 -3.67 27.69
CA PHE C 197 -27.18 -2.66 28.66
C PHE C 197 -27.35 -3.16 30.10
N SER C 198 -27.03 -4.43 30.34
CA SER C 198 -27.12 -5.00 31.68
C SER C 198 -25.75 -4.74 32.33
N ASP C 199 -25.54 -5.23 33.54
CA ASP C 199 -24.27 -5.03 34.23
C ASP C 199 -23.06 -5.55 33.46
N ARG C 200 -23.26 -6.63 32.70
CA ARG C 200 -22.18 -7.25 31.91
C ARG C 200 -21.68 -6.35 30.77
N GLY C 201 -22.35 -5.22 30.55
CA GLY C 201 -21.94 -4.32 29.49
C GLY C 201 -20.64 -3.58 29.73
N ILE C 202 -20.17 -3.56 30.97
CA ILE C 202 -18.92 -2.89 31.30
C ILE C 202 -18.12 -3.72 32.29
N PRO C 203 -17.38 -4.71 31.79
CA PRO C 203 -16.55 -5.59 32.62
C PRO C 203 -15.47 -4.82 33.38
N ASP C 204 -15.10 -5.33 34.55
CA ASP C 204 -14.05 -4.68 35.33
C ASP C 204 -12.71 -5.21 34.80
N GLY C 205 -12.25 -4.65 33.70
CA GLY C 205 -11.01 -5.13 33.13
C GLY C 205 -11.33 -6.34 32.27
N HIS C 206 -10.30 -7.00 31.77
CA HIS C 206 -10.51 -8.16 30.91
C HIS C 206 -10.52 -9.50 31.64
N ARG C 207 -9.99 -9.51 32.87
CA ARG C 207 -9.89 -10.74 33.64
C ARG C 207 -11.18 -11.21 34.31
N HIS C 208 -12.15 -10.30 34.44
CA HIS C 208 -13.41 -10.65 35.10
C HIS C 208 -14.62 -10.79 34.19
N MET C 209 -14.41 -11.32 32.99
CA MET C 209 -15.50 -11.54 32.05
C MET C 209 -15.29 -12.90 31.41
N ASN C 210 -16.35 -13.44 30.81
CA ASN C 210 -16.24 -14.74 30.14
C ASN C 210 -15.99 -14.52 28.66
N GLY C 211 -15.70 -15.61 27.96
CA GLY C 211 -15.47 -15.56 26.53
C GLY C 211 -16.38 -16.60 25.91
N TYR C 212 -16.82 -16.37 24.66
CA TYR C 212 -17.71 -17.28 23.97
C TYR C 212 -17.35 -17.34 22.50
N GLY C 213 -17.52 -18.49 21.88
CA GLY C 213 -17.26 -18.59 20.46
C GLY C 213 -18.46 -17.93 19.78
N SER C 214 -19.57 -17.90 20.52
CA SER C 214 -20.83 -17.33 20.06
C SER C 214 -21.49 -18.22 19.00
N HIS C 215 -20.81 -18.41 17.88
CA HIS C 215 -21.32 -19.23 16.79
C HIS C 215 -21.37 -20.71 17.10
N THR C 216 -22.23 -21.40 16.36
CA THR C 216 -22.32 -22.84 16.46
C THR C 216 -21.22 -23.28 15.51
N PHE C 217 -20.35 -24.18 15.94
CA PHE C 217 -19.30 -24.69 15.08
C PHE C 217 -19.57 -26.18 14.91
N LYS C 218 -18.67 -26.86 14.22
CA LYS C 218 -18.82 -28.29 14.00
C LYS C 218 -17.56 -29.02 14.45
N LEU C 219 -17.75 -30.15 15.12
CA LEU C 219 -16.62 -30.95 15.57
C LEU C 219 -16.68 -32.29 14.83
N VAL C 220 -15.54 -32.79 14.39
CA VAL C 220 -15.47 -34.04 13.67
C VAL C 220 -14.49 -34.99 14.34
N ASN C 221 -14.93 -36.22 14.66
CA ASN C 221 -14.05 -37.17 15.32
C ASN C 221 -13.29 -38.04 14.33
N ALA C 222 -12.37 -38.84 14.86
CA ALA C 222 -11.54 -39.71 14.04
C ALA C 222 -12.33 -40.66 13.15
N ASN C 223 -13.59 -40.91 13.49
CA ASN C 223 -14.42 -41.82 12.69
C ASN C 223 -15.25 -41.09 11.65
N GLY C 224 -15.02 -39.78 11.51
CA GLY C 224 -15.76 -39.02 10.51
C GLY C 224 -17.12 -38.56 10.98
N GLU C 225 -17.47 -38.84 12.22
CA GLU C 225 -18.75 -38.45 12.79
C GLU C 225 -18.69 -36.99 13.25
N ALA C 226 -19.78 -36.25 13.05
CA ALA C 226 -19.80 -34.84 13.45
C ALA C 226 -20.95 -34.47 14.38
N VAL C 227 -20.72 -33.42 15.15
CA VAL C 227 -21.72 -32.89 16.08
C VAL C 227 -21.53 -31.38 15.99
N TYR C 228 -22.54 -30.63 16.40
CA TYR C 228 -22.41 -29.18 16.40
C TYR C 228 -22.02 -28.82 17.82
N CYS C 229 -21.38 -27.67 18.00
CA CYS C 229 -20.96 -27.26 19.34
C CYS C 229 -20.91 -25.76 19.53
N LYS C 230 -20.73 -25.37 20.78
CA LYS C 230 -20.60 -23.98 21.18
C LYS C 230 -19.37 -23.97 22.09
N PHE C 231 -18.55 -22.94 21.99
CA PHE C 231 -17.37 -22.82 22.83
C PHE C 231 -17.66 -21.79 23.92
N HIS C 232 -17.33 -22.16 25.15
CA HIS C 232 -17.53 -21.30 26.32
C HIS C 232 -16.23 -21.30 27.14
N TYR C 233 -15.70 -20.13 27.47
CA TYR C 233 -14.52 -20.10 28.33
C TYR C 233 -14.80 -19.15 29.49
N LYS C 234 -15.14 -19.75 30.63
CA LYS C 234 -15.49 -19.02 31.85
C LYS C 234 -14.29 -18.57 32.66
N THR C 235 -14.36 -17.34 33.17
CA THR C 235 -13.26 -16.77 33.95
C THR C 235 -13.09 -17.46 35.31
N ASP C 236 -11.84 -17.74 35.67
CA ASP C 236 -11.54 -18.37 36.94
C ASP C 236 -11.39 -17.31 38.03
N GLN C 237 -11.31 -16.05 37.64
CA GLN C 237 -11.19 -15.01 38.64
C GLN C 237 -12.53 -14.36 38.97
N GLY C 238 -13.62 -14.95 38.49
CA GLY C 238 -14.94 -14.43 38.78
C GLY C 238 -15.45 -13.26 37.96
N ILE C 239 -16.77 -13.25 37.75
CA ILE C 239 -17.43 -12.18 36.99
C ILE C 239 -17.49 -10.92 37.85
N LYS C 240 -17.02 -9.80 37.29
CA LYS C 240 -17.05 -8.54 38.01
C LYS C 240 -17.21 -7.40 37.02
N ASN C 241 -18.14 -6.50 37.32
CA ASN C 241 -18.43 -5.38 36.46
C ASN C 241 -18.17 -4.03 37.12
N LEU C 242 -18.10 -3.00 36.30
CA LEU C 242 -17.88 -1.64 36.78
C LEU C 242 -19.22 -0.92 36.79
N SER C 243 -19.44 -0.12 37.82
CA SER C 243 -20.68 0.65 37.91
C SER C 243 -20.60 1.71 36.82
N VAL C 244 -21.74 2.18 36.35
CA VAL C 244 -21.77 3.21 35.32
C VAL C 244 -20.99 4.44 35.77
N GLU C 245 -21.07 4.75 37.05
CA GLU C 245 -20.38 5.89 37.62
C GLU C 245 -18.86 5.72 37.67
N ASP C 246 -18.38 4.55 38.10
CA ASP C 246 -16.94 4.32 38.18
C ASP C 246 -16.31 4.19 36.79
N ALA C 247 -17.02 3.55 35.87
CA ALA C 247 -16.53 3.38 34.53
C ALA C 247 -16.35 4.74 33.88
N ALA C 248 -17.28 5.65 34.17
CA ALA C 248 -17.25 7.00 33.62
C ALA C 248 -16.05 7.79 34.13
N ARG C 249 -15.72 7.64 35.41
CA ARG C 249 -14.58 8.37 35.97
C ARG C 249 -13.28 7.78 35.42
N LEU C 250 -13.24 6.45 35.27
CA LEU C 250 -12.06 5.79 34.75
C LEU C 250 -11.84 6.18 33.28
N ALA C 251 -12.93 6.47 32.58
CA ALA C 251 -12.84 6.85 31.18
C ALA C 251 -11.86 8.01 31.00
N HIS C 252 -11.83 8.94 31.95
CA HIS C 252 -10.90 10.06 31.83
C HIS C 252 -9.67 9.91 32.72
N GLU C 253 -9.83 9.27 33.88
CA GLU C 253 -8.70 9.07 34.79
C GLU C 253 -7.69 8.09 34.20
N ASP C 254 -8.19 6.99 33.66
CA ASP C 254 -7.31 6.00 33.04
C ASP C 254 -8.00 5.36 31.85
N PRO C 255 -7.91 5.99 30.68
CA PRO C 255 -8.55 5.42 29.48
C PRO C 255 -7.97 4.07 29.09
N ASP C 256 -6.87 3.67 29.74
CA ASP C 256 -6.24 2.40 29.44
C ASP C 256 -6.25 1.44 30.63
N TYR C 257 -7.28 1.58 31.45
CA TYR C 257 -7.49 0.76 32.65
C TYR C 257 -7.33 -0.73 32.36
N GLY C 258 -7.95 -1.21 31.28
CA GLY C 258 -7.87 -2.61 30.92
C GLY C 258 -6.47 -3.09 30.61
N LEU C 259 -5.72 -2.26 29.86
CA LEU C 259 -4.34 -2.59 29.50
C LEU C 259 -3.50 -2.71 30.76
N ARG C 260 -3.56 -1.68 31.59
CA ARG C 260 -2.80 -1.61 32.84
C ARG C 260 -3.10 -2.79 33.74
N ASP C 261 -4.39 -3.06 33.95
CA ASP C 261 -4.82 -4.16 34.81
C ASP C 261 -4.28 -5.52 34.39
N LEU C 262 -4.33 -5.80 33.08
CA LEU C 262 -3.83 -7.07 32.57
C LEU C 262 -2.32 -7.19 32.70
N PHE C 263 -1.61 -6.14 32.28
CA PHE C 263 -0.16 -6.16 32.35
C PHE C 263 0.34 -6.38 33.77
N ASN C 264 -0.24 -5.67 34.73
CA ASN C 264 0.20 -5.81 36.12
C ASN C 264 -0.15 -7.16 36.71
N ALA C 265 -1.34 -7.68 36.40
CA ALA C 265 -1.73 -8.98 36.92
C ALA C 265 -0.68 -10.02 36.54
N ILE C 266 -0.33 -10.06 35.25
CA ILE C 266 0.67 -11.01 34.78
C ILE C 266 2.07 -10.68 35.31
N ALA C 267 2.41 -9.41 35.34
CA ALA C 267 3.73 -9.00 35.82
C ALA C 267 3.96 -9.42 37.27
N THR C 268 2.90 -9.43 38.07
CA THR C 268 3.02 -9.80 39.48
C THR C 268 2.76 -11.29 39.73
N GLY C 269 2.65 -12.07 38.67
CA GLY C 269 2.42 -13.50 38.84
C GLY C 269 0.97 -13.90 39.08
N ASN C 270 0.05 -12.94 38.99
CA ASN C 270 -1.36 -13.22 39.20
C ASN C 270 -1.96 -13.63 37.84
N TYR C 271 -1.42 -14.69 37.25
CA TYR C 271 -1.88 -15.16 35.95
C TYR C 271 -3.36 -15.48 35.89
N PRO C 272 -4.11 -14.81 34.99
CA PRO C 272 -5.54 -15.05 34.85
C PRO C 272 -5.81 -16.30 34.01
N SER C 273 -6.86 -17.04 34.36
CA SER C 273 -7.20 -18.25 33.62
C SER C 273 -8.71 -18.34 33.37
N TRP C 274 -9.06 -19.18 32.42
CA TRP C 274 -10.45 -19.41 32.05
C TRP C 274 -10.64 -20.90 31.84
N THR C 275 -11.84 -21.40 32.06
CA THR C 275 -12.10 -22.81 31.83
C THR C 275 -12.88 -22.92 30.53
N LEU C 276 -12.31 -23.64 29.56
CA LEU C 276 -12.94 -23.83 28.27
C LEU C 276 -13.90 -25.01 28.33
N TYR C 277 -15.14 -24.79 27.91
CA TYR C 277 -16.18 -25.82 27.89
C TYR C 277 -16.78 -25.84 26.49
N ILE C 278 -17.56 -26.87 26.21
CA ILE C 278 -18.27 -26.96 24.94
C ILE C 278 -19.66 -27.49 25.24
N GLN C 279 -20.60 -27.11 24.38
CA GLN C 279 -21.98 -27.59 24.46
C GLN C 279 -22.03 -28.43 23.19
N VAL C 280 -22.71 -29.57 23.24
CA VAL C 280 -22.80 -30.42 22.07
C VAL C 280 -24.24 -30.65 21.69
N MET C 281 -24.50 -30.59 20.39
CA MET C 281 -25.82 -30.80 19.84
C MET C 281 -25.65 -31.70 18.61
N THR C 282 -26.29 -32.86 18.63
CA THR C 282 -26.20 -33.80 17.52
C THR C 282 -26.98 -33.27 16.33
N PHE C 283 -26.69 -33.80 15.15
CA PHE C 283 -27.39 -33.37 13.94
C PHE C 283 -28.89 -33.62 14.06
N SER C 284 -29.26 -34.67 14.79
CA SER C 284 -30.68 -35.01 14.97
C SER C 284 -31.35 -33.91 15.80
N GLU C 285 -30.72 -33.55 16.90
CA GLU C 285 -31.25 -32.51 17.78
C GLU C 285 -31.35 -31.17 17.06
N ALA C 286 -30.33 -30.85 16.27
CA ALA C 286 -30.32 -29.59 15.52
C ALA C 286 -31.53 -29.51 14.59
N GLU C 287 -32.04 -30.68 14.19
CA GLU C 287 -33.17 -30.76 13.29
C GLU C 287 -34.49 -30.46 14.00
N ILE C 288 -34.50 -30.58 15.33
CA ILE C 288 -35.73 -30.33 16.10
C ILE C 288 -35.63 -29.18 17.10
N PHE C 289 -34.49 -28.49 17.11
CA PHE C 289 -34.29 -27.37 18.01
C PHE C 289 -35.42 -26.37 17.74
N PRO C 290 -36.06 -25.84 18.80
CA PRO C 290 -37.16 -24.88 18.67
C PRO C 290 -36.85 -23.60 17.91
N PHE C 291 -35.57 -23.34 17.65
CA PHE C 291 -35.16 -22.16 16.90
C PHE C 291 -34.11 -22.61 15.90
N ASN C 292 -33.59 -21.68 15.11
CA ASN C 292 -32.54 -22.01 14.18
C ASN C 292 -31.31 -22.19 15.06
N PRO C 293 -30.77 -23.42 15.13
CA PRO C 293 -29.59 -23.67 15.96
C PRO C 293 -28.37 -22.88 15.50
N PHE C 294 -28.45 -22.29 14.31
CA PHE C 294 -27.35 -21.52 13.75
C PHE C 294 -27.61 -20.00 13.78
N ASP C 295 -28.67 -19.62 14.47
CA ASP C 295 -29.07 -18.22 14.62
C ASP C 295 -28.22 -17.60 15.73
N LEU C 296 -27.37 -16.64 15.38
CA LEU C 296 -26.48 -16.01 16.33
C LEU C 296 -27.17 -15.19 17.43
N THR C 297 -28.46 -14.95 17.28
CA THR C 297 -29.21 -14.19 18.28
C THR C 297 -29.82 -15.16 19.31
N LYS C 298 -29.45 -16.42 19.21
CA LYS C 298 -29.97 -17.45 20.12
C LYS C 298 -28.86 -18.17 20.87
N VAL C 299 -29.23 -18.72 22.04
CA VAL C 299 -28.29 -19.49 22.84
C VAL C 299 -28.88 -20.89 22.93
N TRP C 300 -28.07 -21.84 23.38
CA TRP C 300 -28.54 -23.20 23.58
C TRP C 300 -28.73 -23.28 25.08
N PRO C 301 -29.96 -23.51 25.55
CA PRO C 301 -30.20 -23.59 26.99
C PRO C 301 -29.31 -24.63 27.68
N HIS C 302 -28.67 -24.23 28.77
CA HIS C 302 -27.77 -25.11 29.52
C HIS C 302 -28.51 -26.33 30.05
N GLY C 303 -29.77 -26.16 30.40
CA GLY C 303 -30.54 -27.28 30.90
C GLY C 303 -30.58 -28.41 29.90
N ASP C 304 -30.77 -28.07 28.63
CA ASP C 304 -30.84 -29.06 27.58
C ASP C 304 -29.48 -29.47 27.01
N TYR C 305 -28.53 -28.53 27.03
CA TYR C 305 -27.20 -28.80 26.50
C TYR C 305 -26.18 -28.31 27.52
N PRO C 306 -25.89 -29.15 28.54
CA PRO C 306 -24.93 -28.83 29.59
C PRO C 306 -23.52 -28.60 29.08
N LEU C 307 -22.75 -27.82 29.82
CA LEU C 307 -21.36 -27.53 29.44
C LEU C 307 -20.45 -28.70 29.79
N ILE C 308 -19.59 -29.07 28.84
CA ILE C 308 -18.63 -30.16 29.01
C ILE C 308 -17.22 -29.56 29.11
N PRO C 309 -16.52 -29.81 30.24
CA PRO C 309 -15.16 -29.28 30.44
C PRO C 309 -14.17 -29.80 29.40
N VAL C 310 -13.26 -28.96 28.97
CA VAL C 310 -12.26 -29.35 27.98
C VAL C 310 -10.83 -29.05 28.45
N GLY C 311 -10.61 -27.81 28.87
CA GLY C 311 -9.30 -27.44 29.34
C GLY C 311 -9.26 -26.06 29.97
N LYS C 312 -8.04 -25.55 30.18
CA LYS C 312 -7.88 -24.23 30.76
C LYS C 312 -7.00 -23.33 29.91
N LEU C 313 -7.35 -22.05 29.89
CA LEU C 313 -6.59 -21.04 29.16
C LEU C 313 -5.91 -20.20 30.23
N VAL C 314 -4.59 -20.14 30.17
CA VAL C 314 -3.81 -19.40 31.15
C VAL C 314 -2.89 -18.39 30.45
N LEU C 315 -2.92 -17.14 30.91
CA LEU C 315 -2.07 -16.09 30.35
C LEU C 315 -0.98 -15.82 31.37
N ASN C 316 0.27 -16.10 31.00
CA ASN C 316 1.38 -15.92 31.92
C ASN C 316 2.54 -15.12 31.32
N ARG C 317 2.31 -14.45 30.20
CA ARG C 317 3.38 -13.68 29.57
C ARG C 317 2.88 -12.41 28.89
N ASN C 318 3.50 -11.30 29.25
CA ASN C 318 3.13 -10.01 28.65
C ASN C 318 3.88 -9.83 27.34
N PRO C 319 3.36 -8.95 26.48
CA PRO C 319 4.02 -8.68 25.19
C PRO C 319 5.32 -7.96 25.55
N VAL C 320 6.32 -8.04 24.68
CA VAL C 320 7.59 -7.36 24.90
C VAL C 320 7.53 -6.04 24.12
N ASN C 321 6.92 -6.09 22.94
CA ASN C 321 6.72 -4.89 22.14
C ASN C 321 5.26 -4.96 21.69
N TYR C 322 4.46 -4.01 22.17
CA TYR C 322 3.03 -3.99 21.86
C TYR C 322 2.69 -3.95 20.37
N PHE C 323 3.31 -3.04 19.63
CA PHE C 323 3.01 -2.94 18.20
C PHE C 323 3.24 -4.23 17.43
N ALA C 324 4.41 -4.84 17.63
CA ALA C 324 4.75 -6.07 16.91
C ALA C 324 3.91 -7.28 17.31
N GLU C 325 3.66 -7.43 18.61
CA GLU C 325 2.93 -8.58 19.13
C GLU C 325 1.43 -8.43 19.32
N VAL C 326 0.94 -7.19 19.47
CA VAL C 326 -0.49 -7.00 19.68
C VAL C 326 -1.17 -6.23 18.55
N GLU C 327 -0.67 -5.05 18.22
CA GLU C 327 -1.29 -4.27 17.15
C GLU C 327 -1.32 -5.08 15.86
N GLN C 328 -0.27 -5.86 15.61
CA GLN C 328 -0.20 -6.67 14.39
C GLN C 328 -0.83 -8.05 14.48
N LEU C 329 -1.38 -8.40 15.63
CA LEU C 329 -2.01 -9.71 15.78
C LEU C 329 -3.18 -9.83 14.81
N ALA C 330 -3.28 -10.98 14.15
CA ALA C 330 -4.35 -11.22 13.19
C ALA C 330 -5.07 -12.54 13.45
N PHE C 331 -6.35 -12.48 13.80
CA PHE C 331 -7.14 -13.68 14.05
C PHE C 331 -8.13 -13.90 12.91
N ASP C 332 -8.09 -15.09 12.30
CA ASP C 332 -8.97 -15.44 11.20
C ASP C 332 -9.85 -16.62 11.60
N PRO C 333 -11.18 -16.42 11.69
CA PRO C 333 -12.05 -17.54 12.08
C PRO C 333 -11.87 -18.74 11.15
N SER C 334 -11.42 -18.47 9.93
CA SER C 334 -11.20 -19.52 8.95
C SER C 334 -10.00 -20.42 9.26
N ASN C 335 -9.17 -20.00 10.20
CA ASN C 335 -8.01 -20.81 10.59
C ASN C 335 -8.56 -21.90 11.52
N MET C 336 -8.90 -23.05 10.96
CA MET C 336 -9.42 -24.17 11.73
C MET C 336 -8.67 -25.44 11.34
N PRO C 337 -8.17 -26.19 12.33
CA PRO C 337 -7.44 -27.42 12.04
C PRO C 337 -8.41 -28.58 11.87
N PRO C 338 -7.93 -29.70 11.31
CA PRO C 338 -8.80 -30.87 11.13
C PRO C 338 -9.47 -31.21 12.47
N GLY C 339 -10.78 -31.46 12.43
CA GLY C 339 -11.50 -31.78 13.66
C GLY C 339 -12.40 -30.64 14.11
N ILE C 340 -12.21 -29.47 13.51
CA ILE C 340 -13.00 -28.28 13.83
C ILE C 340 -13.40 -27.63 12.51
N GLU C 341 -14.70 -27.43 12.31
CA GLU C 341 -15.20 -26.83 11.08
C GLU C 341 -16.31 -25.82 11.32
N PRO C 342 -16.67 -25.03 10.29
CA PRO C 342 -17.75 -24.07 10.52
C PRO C 342 -19.13 -24.69 10.40
N SER C 343 -20.16 -23.96 10.83
CA SER C 343 -21.54 -24.40 10.73
C SER C 343 -22.18 -23.46 9.70
N PRO C 344 -23.44 -23.71 9.32
CA PRO C 344 -24.12 -22.87 8.34
C PRO C 344 -24.46 -21.45 8.82
N ASP C 345 -24.12 -21.13 10.06
CA ASP C 345 -24.40 -19.81 10.63
C ASP C 345 -24.06 -18.71 9.62
N LYS C 346 -25.07 -17.99 9.14
CA LYS C 346 -24.88 -16.93 8.15
C LYS C 346 -23.83 -15.90 8.53
N MET C 347 -23.74 -15.58 9.82
CA MET C 347 -22.77 -14.60 10.28
C MET C 347 -21.35 -15.19 10.20
N LEU C 348 -21.18 -16.40 10.71
CA LEU C 348 -19.87 -17.06 10.67
C LEU C 348 -19.39 -17.20 9.23
N GLN C 349 -20.30 -17.63 8.35
CA GLN C 349 -19.97 -17.80 6.94
C GLN C 349 -19.33 -16.51 6.40
N GLY C 350 -19.92 -15.37 6.75
CA GLY C 350 -19.38 -14.10 6.29
C GLY C 350 -18.02 -13.81 6.88
N ARG C 351 -17.82 -14.19 8.13
CA ARG C 351 -16.55 -13.95 8.81
C ARG C 351 -15.42 -14.78 8.20
N LEU C 352 -15.78 -15.91 7.60
CA LEU C 352 -14.76 -16.77 6.98
C LEU C 352 -14.03 -15.97 5.91
N PHE C 353 -14.74 -15.03 5.28
CA PHE C 353 -14.13 -14.20 4.25
C PHE C 353 -13.53 -12.90 4.76
N ALA C 354 -14.29 -12.17 5.58
CA ALA C 354 -13.88 -10.87 6.07
C ALA C 354 -12.54 -10.69 6.79
N TYR C 355 -12.18 -11.61 7.70
CA TYR C 355 -10.93 -11.43 8.42
C TYR C 355 -9.65 -11.52 7.59
N PRO C 356 -9.47 -12.61 6.81
CA PRO C 356 -8.23 -12.66 6.03
C PRO C 356 -8.20 -11.48 5.05
N ASP C 357 -9.37 -11.11 4.55
CA ASP C 357 -9.50 -10.01 3.60
C ASP C 357 -9.05 -8.68 4.22
N THR C 358 -9.59 -8.33 5.39
CA THR C 358 -9.20 -7.08 6.02
C THR C 358 -7.74 -7.13 6.46
N HIS C 359 -7.25 -8.32 6.81
CA HIS C 359 -5.87 -8.47 7.23
C HIS C 359 -4.90 -8.21 6.09
N ARG C 360 -5.27 -8.62 4.87
CA ARG C 360 -4.41 -8.39 3.71
C ARG C 360 -4.28 -6.89 3.48
N HIS C 361 -5.29 -6.13 3.89
CA HIS C 361 -5.29 -4.68 3.74
C HIS C 361 -4.59 -3.95 4.90
N ARG C 362 -5.02 -4.28 6.12
CA ARG C 362 -4.47 -3.65 7.33
C ARG C 362 -3.00 -3.94 7.55
N LEU C 363 -2.62 -5.20 7.42
CA LEU C 363 -1.25 -5.63 7.63
C LEU C 363 -0.45 -5.76 6.34
N GLY C 364 -0.99 -6.50 5.38
CA GLY C 364 -0.31 -6.68 4.12
C GLY C 364 -0.56 -8.07 3.60
N PRO C 365 -0.34 -8.32 2.30
CA PRO C 365 -0.55 -9.65 1.71
C PRO C 365 0.11 -10.78 2.50
N ASN C 366 1.31 -10.52 3.01
CA ASN C 366 2.04 -11.56 3.74
C ASN C 366 1.98 -11.42 5.26
N TYR C 367 0.83 -11.01 5.77
CA TYR C 367 0.67 -10.83 7.22
C TYR C 367 0.87 -12.11 8.01
N LEU C 368 0.68 -13.27 7.39
CA LEU C 368 0.86 -14.52 8.12
C LEU C 368 2.34 -14.82 8.36
N GLN C 369 3.21 -13.98 7.81
CA GLN C 369 4.64 -14.14 7.97
C GLN C 369 5.16 -13.31 9.14
N ILE C 370 4.31 -12.44 9.66
CA ILE C 370 4.66 -11.63 10.82
C ILE C 370 4.78 -12.65 11.96
N PRO C 371 5.89 -12.63 12.69
CA PRO C 371 6.12 -13.57 13.79
C PRO C 371 4.92 -14.00 14.63
N VAL C 372 4.20 -13.04 15.22
CA VAL C 372 3.07 -13.41 16.07
C VAL C 372 1.93 -14.09 15.32
N ASN C 373 1.88 -13.92 14.00
CA ASN C 373 0.83 -14.55 13.20
C ASN C 373 1.26 -15.86 12.53
N CYS C 374 2.55 -16.17 12.60
CA CYS C 374 3.08 -17.38 11.98
C CYS C 374 2.66 -18.65 12.72
N PRO C 375 2.27 -19.70 11.98
CA PRO C 375 1.88 -20.95 12.64
C PRO C 375 3.21 -21.64 12.94
N TYR C 376 3.97 -21.09 13.89
CA TYR C 376 5.28 -21.61 14.21
C TYR C 376 5.38 -23.03 14.77
N ARG C 377 4.27 -23.58 15.24
CA ARG C 377 4.28 -24.95 15.76
C ARG C 377 3.95 -25.93 14.63
N ALA C 378 3.72 -25.39 13.43
CA ALA C 378 3.40 -26.21 12.27
C ALA C 378 4.46 -26.05 11.20
N ARG C 379 4.27 -26.72 10.07
CA ARG C 379 5.23 -26.64 8.97
C ARG C 379 4.51 -26.16 7.71
N VAL C 380 4.53 -24.84 7.48
CA VAL C 380 3.87 -24.28 6.30
C VAL C 380 4.62 -24.66 5.04
N ALA C 381 3.93 -25.36 4.14
CA ALA C 381 4.53 -25.81 2.88
C ALA C 381 3.41 -25.86 1.85
N ASN C 382 3.55 -25.05 0.80
CA ASN C 382 2.52 -25.01 -0.22
C ASN C 382 3.03 -24.47 -1.55
N TYR C 383 2.10 -24.01 -2.37
CA TYR C 383 2.47 -23.49 -3.69
C TYR C 383 2.22 -22.00 -3.82
N GLN C 384 2.17 -21.32 -2.69
CA GLN C 384 1.98 -19.88 -2.64
C GLN C 384 3.37 -19.24 -2.67
N ARG C 385 3.50 -18.10 -3.36
CA ARG C 385 4.79 -17.44 -3.48
C ARG C 385 4.71 -15.94 -3.63
N ASP C 386 5.85 -15.30 -3.34
CA ASP C 386 6.03 -13.86 -3.51
C ASP C 386 5.13 -12.93 -2.69
N GLY C 387 4.75 -11.81 -3.30
CA GLY C 387 3.91 -10.84 -2.61
C GLY C 387 4.81 -9.83 -1.89
N PRO C 388 4.35 -8.59 -1.66
CA PRO C 388 5.18 -7.60 -0.96
C PRO C 388 5.68 -8.05 0.41
N MET C 389 6.83 -7.52 0.81
CA MET C 389 7.46 -7.85 2.09
C MET C 389 7.51 -9.35 2.34
N CYS C 390 8.04 -10.06 1.34
CA CYS C 390 8.19 -11.49 1.41
C CYS C 390 9.40 -11.82 2.29
N MET C 391 9.14 -12.45 3.42
CA MET C 391 10.19 -12.81 4.37
C MET C 391 10.70 -14.22 4.13
N MET C 392 11.47 -14.74 5.07
CA MET C 392 12.00 -16.09 4.95
C MET C 392 12.65 -16.28 3.59
N ASP C 393 12.64 -17.51 3.11
CA ASP C 393 13.24 -17.83 1.83
C ASP C 393 12.22 -17.99 0.71
N ASN C 394 10.96 -17.70 1.01
CA ASN C 394 9.89 -17.82 0.02
C ASN C 394 9.84 -19.26 -0.53
N GLN C 395 10.10 -20.20 0.38
CA GLN C 395 10.12 -21.63 0.09
C GLN C 395 11.19 -22.03 -0.92
N GLY C 396 12.24 -21.22 -0.99
CA GLY C 396 13.36 -21.45 -1.87
C GLY C 396 13.09 -21.82 -3.31
N GLY C 397 13.77 -22.85 -3.79
CA GLY C 397 13.60 -23.28 -5.17
C GLY C 397 12.64 -24.43 -5.35
N ALA C 398 11.77 -24.66 -4.37
CA ALA C 398 10.81 -25.75 -4.46
C ALA C 398 9.85 -25.56 -5.63
N PRO C 399 9.50 -26.65 -6.32
CA PRO C 399 8.57 -26.56 -7.45
C PRO C 399 7.35 -25.76 -6.98
N ASN C 400 6.91 -24.79 -7.76
CA ASN C 400 5.79 -23.95 -7.36
C ASN C 400 4.42 -24.23 -7.99
N TYR C 401 4.26 -25.41 -8.57
CA TYR C 401 2.99 -25.77 -9.18
C TYR C 401 2.57 -27.17 -8.72
N TYR C 402 1.26 -27.39 -8.65
CA TYR C 402 0.69 -28.64 -8.19
C TYR C 402 -0.44 -29.06 -9.13
N PRO C 403 -0.46 -30.34 -9.54
CA PRO C 403 0.46 -31.42 -9.20
C PRO C 403 1.80 -31.30 -9.91
N ASN C 404 2.78 -32.07 -9.44
CA ASN C 404 4.10 -32.04 -10.06
C ASN C 404 4.80 -33.38 -9.82
N SER C 405 5.83 -33.65 -10.62
CA SER C 405 6.57 -34.90 -10.50
C SER C 405 7.89 -34.68 -9.78
N PHE C 406 7.98 -33.61 -9.00
CA PHE C 406 9.23 -33.32 -8.33
C PHE C 406 9.30 -33.34 -6.81
N SER C 407 8.37 -34.07 -6.20
CA SER C 407 8.34 -34.25 -4.75
C SER C 407 8.04 -33.05 -3.87
N ALA C 408 7.32 -32.08 -4.40
CA ALA C 408 6.94 -30.90 -3.61
C ALA C 408 5.75 -31.33 -2.73
N PRO C 409 5.28 -30.44 -1.83
CA PRO C 409 4.15 -30.75 -0.93
C PRO C 409 2.93 -31.45 -1.54
N GLU C 410 2.38 -32.41 -0.78
CA GLU C 410 1.20 -33.16 -1.21
C GLU C 410 0.07 -33.01 -0.20
N HIS C 411 -1.16 -32.98 -0.68
CA HIS C 411 -2.29 -32.85 0.24
C HIS C 411 -2.53 -34.16 0.98
N GLN C 412 -3.19 -34.09 2.13
CA GLN C 412 -3.48 -35.26 2.97
C GLN C 412 -4.98 -35.49 3.05
N PRO C 413 -5.49 -36.52 2.36
CA PRO C 413 -6.93 -36.82 2.38
C PRO C 413 -7.59 -36.95 3.76
N SER C 414 -6.82 -37.30 4.77
CA SER C 414 -7.40 -37.44 6.11
C SER C 414 -7.88 -36.07 6.61
N ALA C 415 -7.37 -35.01 5.98
CA ALA C 415 -7.73 -33.65 6.34
C ALA C 415 -8.97 -33.14 5.60
N LEU C 416 -9.55 -33.99 4.75
CA LEU C 416 -10.75 -33.60 4.01
C LEU C 416 -11.86 -33.19 4.97
N GLU C 417 -12.63 -32.18 4.58
CA GLU C 417 -13.72 -31.68 5.41
C GLU C 417 -14.88 -32.67 5.47
N HIS C 418 -15.59 -32.66 6.59
CA HIS C 418 -16.76 -33.53 6.77
C HIS C 418 -17.80 -33.13 5.74
N ARG C 419 -18.48 -34.12 5.15
CA ARG C 419 -19.48 -33.84 4.14
C ARG C 419 -20.89 -33.73 4.68
N THR C 420 -21.59 -32.67 4.27
CA THR C 420 -22.95 -32.42 4.70
C THR C 420 -23.84 -32.21 3.48
N HIS C 421 -25.10 -32.58 3.61
CA HIS C 421 -26.03 -32.41 2.50
C HIS C 421 -26.99 -31.27 2.78
N PHE C 422 -27.22 -30.45 1.77
CA PHE C 422 -28.11 -29.31 1.89
C PHE C 422 -29.11 -29.33 0.76
N SER C 423 -30.38 -29.12 1.08
CA SER C 423 -31.43 -29.10 0.08
C SER C 423 -32.18 -27.78 0.17
N GLY C 424 -32.77 -27.39 -0.96
CA GLY C 424 -33.52 -26.14 -1.02
C GLY C 424 -32.96 -25.30 -2.14
N ASP C 425 -33.77 -24.37 -2.64
CA ASP C 425 -33.31 -23.50 -3.72
C ASP C 425 -32.21 -22.59 -3.22
N VAL C 426 -31.39 -22.12 -4.14
CA VAL C 426 -30.32 -21.22 -3.82
C VAL C 426 -30.90 -19.82 -3.99
N GLN C 427 -31.17 -19.15 -2.88
CA GLN C 427 -31.72 -17.81 -2.94
C GLN C 427 -31.48 -17.07 -1.63
N ARG C 428 -31.97 -15.84 -1.55
CA ARG C 428 -31.81 -15.02 -0.35
C ARG C 428 -33.04 -15.19 0.55
N PHE C 429 -32.91 -16.07 1.54
CA PHE C 429 -33.99 -16.34 2.48
C PHE C 429 -34.04 -15.30 3.58
N ASN C 430 -35.23 -14.77 3.85
CA ASN C 430 -35.37 -13.76 4.89
C ASN C 430 -35.26 -14.42 6.26
N SER C 431 -34.51 -13.80 7.16
CA SER C 431 -34.32 -14.34 8.50
C SER C 431 -34.66 -13.26 9.52
N ALA C 432 -35.16 -12.13 9.03
CA ALA C 432 -35.51 -11.00 9.88
C ALA C 432 -36.63 -11.32 10.88
N ASN C 433 -37.38 -12.38 10.62
CA ASN C 433 -38.49 -12.75 11.49
C ASN C 433 -38.31 -14.11 12.17
N ASP C 434 -37.08 -14.44 12.55
CA ASP C 434 -36.77 -15.70 13.23
C ASP C 434 -36.88 -15.56 14.74
N ASP C 435 -38.08 -15.29 15.23
CA ASP C 435 -38.35 -15.12 16.65
C ASP C 435 -37.32 -14.22 17.33
N ASN C 436 -37.70 -12.95 17.49
CA ASN C 436 -36.81 -11.96 18.09
C ASN C 436 -37.07 -11.68 19.56
N VAL C 437 -38.02 -12.38 20.18
CA VAL C 437 -38.34 -12.09 21.57
C VAL C 437 -38.33 -13.21 22.60
N THR C 438 -38.67 -14.43 22.20
CA THR C 438 -38.74 -15.55 23.14
C THR C 438 -37.62 -15.65 24.18
N GLN C 439 -36.38 -15.76 23.73
CA GLN C 439 -35.26 -15.87 24.67
C GLN C 439 -34.99 -14.57 25.42
N VAL C 440 -35.37 -13.45 24.80
CA VAL C 440 -35.17 -12.15 25.43
C VAL C 440 -36.09 -12.04 26.65
N ARG C 441 -37.26 -12.68 26.56
CA ARG C 441 -38.21 -12.68 27.68
C ARG C 441 -37.57 -13.43 28.84
N THR C 442 -37.01 -14.59 28.54
CA THR C 442 -36.37 -15.44 29.54
C THR C 442 -35.24 -14.67 30.21
N PHE C 443 -34.43 -13.99 29.40
CA PHE C 443 -33.32 -13.21 29.94
C PHE C 443 -33.83 -12.13 30.88
N TYR C 444 -34.83 -11.38 30.41
CA TYR C 444 -35.40 -10.29 31.19
C TYR C 444 -36.04 -10.74 32.50
N LEU C 445 -36.90 -11.76 32.43
CA LEU C 445 -37.60 -12.26 33.61
C LEU C 445 -36.87 -13.28 34.47
N LYS C 446 -36.21 -14.25 33.84
CA LYS C 446 -35.51 -15.30 34.58
C LYS C 446 -34.04 -15.06 34.88
N VAL C 447 -33.27 -14.63 33.89
CA VAL C 447 -31.84 -14.40 34.08
C VAL C 447 -31.57 -13.24 35.03
N LEU C 448 -32.21 -12.10 34.78
CA LEU C 448 -32.02 -10.92 35.61
C LEU C 448 -32.95 -10.88 36.81
N ASN C 449 -32.53 -10.18 37.86
CA ASN C 449 -33.36 -10.02 39.06
C ASN C 449 -33.95 -8.62 38.96
N GLU C 450 -34.69 -8.20 39.98
CA GLU C 450 -35.32 -6.89 39.95
C GLU C 450 -34.32 -5.73 39.90
N GLU C 451 -33.27 -5.79 40.72
CA GLU C 451 -32.26 -4.73 40.74
C GLU C 451 -31.58 -4.52 39.39
N GLN C 452 -30.97 -5.58 38.86
CA GLN C 452 -30.27 -5.48 37.58
C GLN C 452 -31.24 -5.16 36.45
N ARG C 453 -32.50 -5.55 36.61
CA ARG C 453 -33.52 -5.29 35.61
C ARG C 453 -33.84 -3.80 35.63
N LYS C 454 -33.73 -3.21 36.81
CA LYS C 454 -33.98 -1.77 36.99
C LYS C 454 -32.87 -0.99 36.31
N ARG C 455 -31.62 -1.37 36.59
CA ARG C 455 -30.49 -0.71 35.99
C ARG C 455 -30.51 -0.87 34.47
N LEU C 456 -30.94 -2.04 34.00
CA LEU C 456 -31.02 -2.29 32.57
C LEU C 456 -31.83 -1.20 31.88
N CYS C 457 -33.05 -0.99 32.35
CA CYS C 457 -33.92 0.02 31.76
C CYS C 457 -33.35 1.43 31.88
N GLU C 458 -32.70 1.72 33.01
CA GLU C 458 -32.12 3.04 33.21
C GLU C 458 -30.99 3.25 32.19
N ASN C 459 -30.17 2.22 32.00
CA ASN C 459 -29.06 2.31 31.06
C ASN C 459 -29.55 2.54 29.64
N ILE C 460 -30.60 1.83 29.25
CA ILE C 460 -31.15 1.98 27.92
C ILE C 460 -31.75 3.37 27.72
N ALA C 461 -32.56 3.80 28.68
CA ALA C 461 -33.20 5.11 28.60
C ALA C 461 -32.19 6.24 28.60
N GLY C 462 -31.11 6.07 29.36
CA GLY C 462 -30.08 7.10 29.43
C GLY C 462 -29.46 7.39 28.07
N HIS C 463 -29.42 6.38 27.21
CA HIS C 463 -28.84 6.54 25.89
C HIS C 463 -29.92 6.82 24.86
N LEU C 464 -31.00 6.04 24.92
CA LEU C 464 -32.11 6.20 23.99
C LEU C 464 -32.80 7.56 24.03
N LYS C 465 -32.69 8.24 25.17
CA LYS C 465 -33.33 9.55 25.32
C LYS C 465 -32.81 10.60 24.32
N ASP C 466 -31.63 10.37 23.75
CA ASP C 466 -31.07 11.32 22.80
C ASP C 466 -31.52 11.13 21.36
N ALA C 467 -32.25 10.05 21.11
CA ALA C 467 -32.77 9.76 19.78
C ALA C 467 -34.08 10.50 19.60
N GLN C 468 -34.51 10.71 18.36
CA GLN C 468 -35.77 11.39 18.09
C GLN C 468 -36.92 10.58 18.65
N LEU C 469 -38.00 11.28 18.99
CA LEU C 469 -39.19 10.65 19.54
C LEU C 469 -39.75 9.50 18.72
N PHE C 470 -39.78 9.64 17.39
CA PHE C 470 -40.33 8.56 16.56
C PHE C 470 -39.46 7.32 16.68
N ILE C 471 -38.17 7.53 16.91
CA ILE C 471 -37.23 6.42 17.06
C ILE C 471 -37.41 5.80 18.45
N GLN C 472 -37.67 6.65 19.44
CA GLN C 472 -37.87 6.18 20.81
C GLN C 472 -39.12 5.30 20.85
N LYS C 473 -40.17 5.76 20.17
CA LYS C 473 -41.44 5.05 20.12
C LYS C 473 -41.27 3.64 19.56
N LYS C 474 -40.61 3.52 18.41
CA LYS C 474 -40.38 2.22 17.77
C LYS C 474 -39.54 1.33 18.67
N ALA C 475 -38.52 1.91 19.29
CA ALA C 475 -37.64 1.16 20.19
C ALA C 475 -38.45 0.61 21.36
N VAL C 476 -39.22 1.48 22.02
CA VAL C 476 -40.05 1.07 23.15
C VAL C 476 -41.02 -0.03 22.72
N LYS C 477 -41.63 0.15 21.55
CA LYS C 477 -42.56 -0.81 21.00
C LYS C 477 -41.94 -2.21 21.00
N ASN C 478 -40.69 -2.30 20.57
CA ASN C 478 -39.97 -3.57 20.53
C ASN C 478 -39.77 -4.17 21.92
N PHE C 479 -39.36 -3.33 22.88
CA PHE C 479 -39.15 -3.80 24.24
C PHE C 479 -40.45 -4.29 24.84
N SER C 480 -41.55 -3.63 24.45
CA SER C 480 -42.87 -4.02 24.94
C SER C 480 -43.27 -5.38 24.40
N ASP C 481 -42.77 -5.72 23.21
CA ASP C 481 -43.09 -7.02 22.62
C ASP C 481 -42.44 -8.12 23.44
N VAL C 482 -41.30 -7.81 24.05
CA VAL C 482 -40.60 -8.75 24.89
C VAL C 482 -41.45 -8.94 26.14
N HIS C 483 -41.82 -7.83 26.75
CA HIS C 483 -42.66 -7.82 27.95
C HIS C 483 -43.15 -6.39 28.20
N PRO C 484 -44.46 -6.20 28.26
CA PRO C 484 -45.03 -4.87 28.50
C PRO C 484 -44.37 -4.03 29.60
N GLU C 485 -43.91 -4.69 30.66
CA GLU C 485 -43.25 -3.97 31.75
C GLU C 485 -41.85 -3.51 31.33
N TYR C 486 -41.22 -4.28 30.44
CA TYR C 486 -39.88 -3.96 29.93
C TYR C 486 -39.97 -2.63 29.20
N GLY C 487 -40.90 -2.52 28.26
CA GLY C 487 -41.06 -1.29 27.51
C GLY C 487 -41.68 -0.19 28.36
N SER C 488 -42.53 -0.59 29.30
CA SER C 488 -43.21 0.36 30.18
C SER C 488 -42.22 1.12 31.07
N ARG C 489 -41.32 0.39 31.70
CA ARG C 489 -40.33 1.00 32.59
C ARG C 489 -39.42 1.98 31.84
N ILE C 490 -39.06 1.61 30.60
CA ILE C 490 -38.20 2.45 29.79
C ILE C 490 -38.94 3.73 29.37
N GLN C 491 -40.20 3.57 28.97
CA GLN C 491 -41.01 4.71 28.55
C GLN C 491 -41.16 5.72 29.67
N ALA C 492 -41.26 5.23 30.90
CA ALA C 492 -41.42 6.09 32.07
C ALA C 492 -40.20 6.99 32.23
N LEU C 493 -39.02 6.39 32.20
CA LEU C 493 -37.77 7.13 32.33
C LEU C 493 -37.62 8.10 31.16
N LEU C 494 -37.96 7.63 29.97
CA LEU C 494 -37.88 8.44 28.76
C LEU C 494 -38.74 9.69 28.92
N ASP C 495 -39.92 9.53 29.50
CA ASP C 495 -40.82 10.65 29.71
C ASP C 495 -40.17 11.71 30.60
N LYS C 496 -39.52 11.25 31.67
CA LYS C 496 -38.86 12.16 32.60
C LYS C 496 -37.72 12.88 31.89
N TYR C 497 -36.99 12.15 31.05
CA TYR C 497 -35.88 12.72 30.28
C TYR C 497 -36.39 13.76 29.28
N ASN C 498 -37.42 13.39 28.53
CA ASN C 498 -38.01 14.29 27.55
C ASN C 498 -38.59 15.50 28.27
N GLU C 499 -38.63 15.41 29.60
CA GLU C 499 -39.14 16.49 30.44
C GLU C 499 -40.55 16.93 30.02
N ASN D 1 4.51 11.74 -44.45
CA ASN D 1 5.41 11.77 -43.26
C ASN D 1 5.54 10.38 -42.64
N ARG D 2 4.98 10.21 -41.45
CA ARG D 2 5.03 8.92 -40.76
C ARG D 2 3.64 8.46 -40.33
N ASP D 3 3.59 7.29 -39.70
CA ASP D 3 2.33 6.74 -39.22
C ASP D 3 1.82 7.60 -38.07
N PRO D 4 0.49 7.57 -37.82
CA PRO D 4 -0.10 8.36 -36.74
C PRO D 4 0.57 8.17 -35.38
N ALA D 5 0.88 6.93 -35.03
CA ALA D 5 1.51 6.65 -33.74
C ALA D 5 2.84 7.41 -33.59
N SER D 6 3.66 7.38 -34.64
CA SER D 6 4.95 8.05 -34.60
C SER D 6 4.80 9.57 -34.46
N ASP D 7 3.75 10.12 -35.06
CA ASP D 7 3.50 11.56 -35.00
C ASP D 7 2.65 12.00 -33.81
N GLN D 8 2.57 11.18 -32.77
CA GLN D 8 1.77 11.52 -31.58
C GLN D 8 2.11 12.91 -31.01
N MET D 9 3.39 13.17 -30.74
CA MET D 9 3.78 14.47 -30.19
C MET D 9 3.59 15.61 -31.19
N LYS D 10 3.95 15.36 -32.44
CA LYS D 10 3.81 16.36 -33.49
C LYS D 10 2.35 16.85 -33.48
N HIS D 11 1.43 15.88 -33.45
CA HIS D 11 0.01 16.17 -33.46
C HIS D 11 -0.47 16.90 -32.21
N TRP D 12 0.02 16.51 -31.04
CA TRP D 12 -0.40 17.17 -29.80
C TRP D 12 -0.04 18.65 -29.87
N LYS D 13 1.13 18.94 -30.42
CA LYS D 13 1.59 20.32 -30.54
C LYS D 13 0.72 21.11 -31.51
N GLU D 14 0.34 20.48 -32.61
CA GLU D 14 -0.50 21.14 -33.60
C GLU D 14 -1.87 21.45 -33.02
N GLN D 15 -2.50 20.45 -32.41
CA GLN D 15 -3.82 20.61 -31.81
C GLN D 15 -3.76 21.68 -30.73
N ARG D 16 -2.56 21.92 -30.23
CA ARG D 16 -2.32 22.92 -29.22
C ARG D 16 -2.51 24.31 -29.82
N ALA D 17 -2.64 24.35 -31.15
CA ALA D 17 -2.78 25.61 -31.87
C ALA D 17 -1.51 26.41 -31.57
N ALA D 18 -1.64 27.72 -31.38
CA ALA D 18 -0.47 28.53 -31.08
C ALA D 18 -0.52 29.04 -29.65
N GLN D 19 -1.25 28.34 -28.79
CA GLN D 19 -1.37 28.70 -27.38
C GLN D 19 -0.02 28.88 -26.72
N LYS D 20 0.04 29.72 -25.69
CA LYS D 20 1.29 29.90 -24.96
C LYS D 20 1.43 28.66 -24.09
N PRO D 21 2.66 28.17 -23.90
CA PRO D 21 2.84 26.98 -23.07
C PRO D 21 2.37 27.25 -21.64
N ASP D 22 1.74 26.26 -21.01
CA ASP D 22 1.27 26.44 -19.63
C ASP D 22 2.48 26.66 -18.74
N VAL D 23 2.24 27.24 -17.57
CA VAL D 23 3.32 27.46 -16.62
C VAL D 23 3.59 26.12 -15.93
N LEU D 24 4.85 25.70 -15.88
CA LEU D 24 5.23 24.44 -15.24
C LEU D 24 5.14 24.64 -13.73
N THR D 25 4.40 23.77 -13.04
CA THR D 25 4.23 23.89 -11.59
C THR D 25 4.60 22.61 -10.82
N THR D 26 4.65 22.74 -9.49
CA THR D 26 4.91 21.59 -8.62
C THR D 26 3.54 20.91 -8.56
N GLY D 27 3.47 19.75 -7.92
CA GLY D 27 2.19 19.07 -7.81
C GLY D 27 1.20 19.92 -7.03
N GLY D 28 1.71 20.83 -6.22
CA GLY D 28 0.88 21.71 -5.42
C GLY D 28 0.43 22.95 -6.17
N GLY D 29 0.79 23.06 -7.44
CA GLY D 29 0.39 24.19 -8.24
C GLY D 29 1.28 25.43 -8.16
N ASN D 30 2.39 25.32 -7.44
CA ASN D 30 3.32 26.44 -7.30
C ASN D 30 4.20 26.55 -8.55
N PRO D 31 4.25 27.74 -9.17
CA PRO D 31 5.07 27.92 -10.37
C PRO D 31 6.55 27.63 -10.08
N VAL D 32 7.22 26.97 -11.02
CA VAL D 32 8.64 26.64 -10.87
C VAL D 32 9.47 27.66 -11.66
N GLY D 33 10.56 28.14 -11.08
CA GLY D 33 11.39 29.13 -11.77
C GLY D 33 12.41 28.56 -12.73
N ASP D 34 13.08 27.48 -12.32
CA ASP D 34 14.08 26.80 -13.15
C ASP D 34 14.01 25.34 -12.74
N LYS D 35 13.47 24.50 -13.61
CA LYS D 35 13.38 23.09 -13.27
C LYS D 35 14.50 22.26 -13.90
N LEU D 36 15.58 22.92 -14.31
CA LEU D 36 16.71 22.22 -14.93
C LEU D 36 18.00 22.28 -14.12
N ASN D 37 18.00 23.04 -13.02
CA ASN D 37 19.18 23.18 -12.18
C ASN D 37 18.80 23.12 -10.70
N SER D 38 19.45 22.21 -9.96
CA SER D 38 19.16 22.04 -8.54
C SER D 38 19.65 23.21 -7.67
N LEU D 39 19.05 23.34 -6.49
CA LEU D 39 19.40 24.42 -5.56
C LEU D 39 20.59 24.00 -4.69
N THR D 40 21.71 24.70 -4.82
CA THR D 40 22.91 24.37 -4.06
C THR D 40 23.57 25.61 -3.45
N VAL D 41 24.50 25.39 -2.51
CA VAL D 41 25.22 26.51 -1.93
C VAL D 41 26.53 26.62 -2.73
N GLY D 42 26.57 27.56 -3.66
CA GLY D 42 27.74 27.71 -4.50
C GLY D 42 27.57 26.79 -5.68
N PRO D 43 28.23 27.07 -6.82
CA PRO D 43 28.13 26.24 -8.03
C PRO D 43 28.58 24.80 -7.87
N ARG D 44 29.46 24.54 -6.91
CA ARG D 44 29.94 23.17 -6.69
C ARG D 44 29.70 22.76 -5.24
N GLY D 45 28.58 23.22 -4.69
CA GLY D 45 28.22 22.91 -3.32
C GLY D 45 27.13 21.85 -3.23
N PRO D 46 26.78 21.44 -2.00
CA PRO D 46 25.75 20.42 -1.72
C PRO D 46 24.33 20.83 -2.05
N LEU D 47 23.50 19.83 -2.28
CA LEU D 47 22.09 20.00 -2.60
C LEU D 47 21.31 20.30 -1.31
N LEU D 48 20.34 21.20 -1.41
CA LEU D 48 19.56 21.58 -0.23
C LEU D 48 18.19 20.90 -0.12
N VAL D 49 17.78 20.63 1.12
CA VAL D 49 16.48 20.03 1.39
C VAL D 49 15.45 21.07 0.94
N GLN D 50 15.87 22.33 0.98
CA GLN D 50 15.08 23.46 0.58
C GLN D 50 14.61 23.35 -0.87
N ASP D 51 15.33 22.57 -1.67
CA ASP D 51 14.93 22.40 -3.06
C ASP D 51 13.71 21.48 -3.06
N VAL D 52 12.54 22.07 -2.87
CA VAL D 52 11.31 21.28 -2.82
C VAL D 52 10.77 21.02 -4.22
N VAL D 53 11.34 21.70 -5.22
CA VAL D 53 10.92 21.47 -6.59
C VAL D 53 11.48 20.09 -6.94
N PHE D 54 12.73 19.85 -6.58
CA PHE D 54 13.38 18.57 -6.82
C PHE D 54 12.66 17.44 -6.10
N THR D 55 12.47 17.57 -4.79
CA THR D 55 11.82 16.52 -4.02
C THR D 55 10.43 16.21 -4.54
N ASP D 56 9.63 17.24 -4.79
CA ASP D 56 8.28 17.04 -5.29
C ASP D 56 8.29 16.18 -6.55
N GLU D 57 9.15 16.55 -7.50
CA GLU D 57 9.21 15.81 -8.77
C GLU D 57 9.85 14.43 -8.63
N MET D 58 10.96 14.33 -7.90
CA MET D 58 11.63 13.04 -7.75
C MET D 58 10.77 12.05 -6.98
N ALA D 59 10.09 12.52 -5.94
CA ALA D 59 9.26 11.63 -5.14
C ALA D 59 8.14 11.05 -5.99
N HIS D 60 7.59 11.83 -6.92
CA HIS D 60 6.52 11.27 -7.75
C HIS D 60 7.10 10.30 -8.75
N PHE D 61 8.28 10.63 -9.28
CA PHE D 61 8.93 9.74 -10.23
C PHE D 61 9.17 8.39 -9.54
N ASP D 62 9.61 8.46 -8.28
CA ASP D 62 9.90 7.26 -7.50
C ASP D 62 8.68 6.38 -7.23
N ARG D 63 7.48 6.91 -7.49
CA ARG D 63 6.25 6.17 -7.24
C ARG D 63 5.41 5.94 -8.49
N GLU D 64 5.99 6.13 -9.66
CA GLU D 64 5.26 5.95 -10.91
C GLU D 64 4.67 4.56 -11.17
N ARG D 65 5.39 3.53 -10.75
CA ARG D 65 4.98 2.15 -10.99
C ARG D 65 4.02 1.53 -9.98
N ILE D 66 3.12 0.69 -10.51
CA ILE D 66 2.17 -0.06 -9.70
C ILE D 66 2.39 -1.50 -10.14
N PRO D 67 1.90 -2.47 -9.37
CA PRO D 67 2.10 -3.88 -9.77
C PRO D 67 1.46 -4.16 -11.13
N GLU D 68 2.15 -4.91 -11.98
CA GLU D 68 1.54 -5.24 -13.27
C GLU D 68 0.51 -6.33 -12.96
N ARG D 69 -0.39 -6.60 -13.91
CA ARG D 69 -1.41 -7.63 -13.71
C ARG D 69 -0.70 -8.97 -13.47
N VAL D 70 -1.19 -9.74 -12.50
CA VAL D 70 -0.57 -11.03 -12.19
C VAL D 70 -0.50 -11.91 -13.45
N VAL D 71 -1.45 -11.72 -14.36
CA VAL D 71 -1.44 -12.42 -15.65
C VAL D 71 -2.04 -11.45 -16.67
N HIS D 72 -1.68 -11.61 -17.95
CA HIS D 72 -2.17 -10.72 -19.00
C HIS D 72 -1.58 -9.32 -18.81
N ALA D 73 -0.35 -9.25 -18.30
CA ALA D 73 0.32 -7.97 -18.05
C ALA D 73 0.59 -7.13 -19.29
N LYS D 74 0.91 -7.76 -20.41
CA LYS D 74 1.21 -7.05 -21.65
C LYS D 74 -0.05 -6.87 -22.50
N GLY D 75 -0.45 -5.62 -22.74
CA GLY D 75 -1.66 -5.40 -23.51
C GLY D 75 -1.83 -4.06 -24.22
N ALA D 76 -2.96 -3.95 -24.91
CA ALA D 76 -3.31 -2.76 -25.68
C ALA D 76 -4.79 -2.48 -25.45
N GLY D 77 -5.16 -1.21 -25.46
CA GLY D 77 -6.55 -0.86 -25.24
C GLY D 77 -7.12 0.12 -26.24
N ALA D 78 -8.44 0.17 -26.30
CA ALA D 78 -9.14 1.08 -27.18
C ALA D 78 -10.57 1.23 -26.68
N PHE D 79 -11.27 2.21 -27.22
CA PHE D 79 -12.64 2.47 -26.81
C PHE D 79 -13.58 2.55 -28.01
N GLY D 80 -14.87 2.35 -27.77
CA GLY D 80 -15.81 2.40 -28.87
C GLY D 80 -17.22 2.22 -28.35
N TYR D 81 -18.02 1.48 -29.09
CA TYR D 81 -19.40 1.27 -28.66
C TYR D 81 -19.91 -0.08 -29.12
N PHE D 82 -20.95 -0.54 -28.45
CA PHE D 82 -21.63 -1.77 -28.78
C PHE D 82 -22.99 -1.35 -29.30
N GLU D 83 -23.37 -1.84 -30.47
CA GLU D 83 -24.66 -1.48 -31.05
C GLU D 83 -25.53 -2.72 -31.22
N VAL D 84 -26.75 -2.66 -30.73
CA VAL D 84 -27.68 -3.79 -30.85
C VAL D 84 -28.19 -3.82 -32.30
N THR D 85 -28.12 -4.99 -32.93
CA THR D 85 -28.61 -5.13 -34.29
C THR D 85 -29.79 -6.09 -34.37
N HIS D 86 -29.92 -6.96 -33.36
CA HIS D 86 -31.01 -7.93 -33.30
C HIS D 86 -31.69 -7.95 -31.93
N ASP D 87 -32.92 -8.41 -31.90
CA ASP D 87 -33.68 -8.47 -30.65
C ASP D 87 -33.53 -9.82 -29.95
N ILE D 88 -32.90 -9.81 -28.78
CA ILE D 88 -32.75 -11.05 -28.01
C ILE D 88 -33.40 -10.86 -26.64
N THR D 89 -34.31 -9.89 -26.55
CA THR D 89 -35.00 -9.62 -25.29
C THR D 89 -35.77 -10.84 -24.79
N ARG D 90 -36.08 -11.77 -25.69
CA ARG D 90 -36.80 -12.95 -25.26
C ARG D 90 -35.92 -13.79 -24.34
N TYR D 91 -34.60 -13.57 -24.43
CA TYR D 91 -33.66 -14.30 -23.60
C TYR D 91 -33.13 -13.49 -22.42
N SER D 92 -32.82 -12.22 -22.66
CA SER D 92 -32.28 -11.36 -21.61
C SER D 92 -32.97 -10.01 -21.52
N LYS D 93 -33.22 -9.57 -20.28
CA LYS D 93 -33.86 -8.29 -20.02
C LYS D 93 -32.82 -7.20 -19.77
N ALA D 94 -31.53 -7.54 -19.89
CA ALA D 94 -30.47 -6.57 -19.67
C ALA D 94 -30.70 -5.31 -20.51
N LYS D 95 -30.64 -4.15 -19.88
CA LYS D 95 -30.87 -2.91 -20.61
C LYS D 95 -29.93 -2.73 -21.79
N VAL D 96 -28.75 -3.34 -21.71
CA VAL D 96 -27.78 -3.23 -22.80
C VAL D 96 -28.34 -3.75 -24.13
N PHE D 97 -29.25 -4.72 -24.06
CA PHE D 97 -29.85 -5.31 -25.26
C PHE D 97 -31.26 -4.75 -25.54
N GLU D 98 -31.66 -3.80 -24.72
CA GLU D 98 -32.98 -3.15 -24.75
C GLU D 98 -33.70 -2.95 -26.08
N HIS D 99 -33.04 -2.32 -27.04
CA HIS D 99 -33.68 -2.07 -28.33
C HIS D 99 -32.69 -2.00 -29.49
N ILE D 100 -33.14 -2.40 -30.68
CA ILE D 100 -32.30 -2.36 -31.86
C ILE D 100 -31.82 -0.94 -32.10
N GLY D 101 -30.52 -0.81 -32.39
CA GLY D 101 -29.96 0.50 -32.61
C GLY D 101 -29.38 1.13 -31.34
N LYS D 102 -29.65 0.53 -30.19
CA LYS D 102 -29.15 1.07 -28.92
C LYS D 102 -27.64 0.89 -28.84
N ARG D 103 -26.94 1.97 -28.51
CA ARG D 103 -25.48 1.92 -28.40
C ARG D 103 -25.06 2.14 -26.95
N THR D 104 -24.05 1.39 -26.54
CA THR D 104 -23.50 1.48 -25.19
C THR D 104 -22.00 1.66 -25.34
N PRO D 105 -21.43 2.67 -24.67
CA PRO D 105 -19.98 2.85 -24.80
C PRO D 105 -19.24 1.66 -24.20
N ILE D 106 -18.11 1.31 -24.81
CA ILE D 106 -17.32 0.19 -24.30
C ILE D 106 -15.84 0.53 -24.22
N ALA D 107 -15.14 -0.26 -23.43
CA ALA D 107 -13.69 -0.15 -23.25
C ALA D 107 -13.22 -1.57 -23.49
N VAL D 108 -12.12 -1.72 -24.23
CA VAL D 108 -11.59 -3.03 -24.54
C VAL D 108 -10.09 -3.10 -24.32
N ARG D 109 -9.62 -4.22 -23.79
CA ARG D 109 -8.19 -4.43 -23.61
C ARG D 109 -7.81 -5.79 -24.15
N PHE D 110 -6.78 -5.79 -25.00
CA PHE D 110 -6.27 -7.01 -25.61
C PHE D 110 -4.96 -7.33 -24.89
N SER D 111 -4.57 -8.59 -24.89
CA SER D 111 -3.34 -8.96 -24.19
C SER D 111 -2.86 -10.39 -24.43
N THR D 112 -1.62 -10.65 -24.02
CA THR D 112 -1.05 -11.98 -24.10
C THR D 112 -1.31 -12.50 -22.68
N VAL D 113 -0.68 -13.60 -22.29
CA VAL D 113 -0.94 -14.15 -20.96
C VAL D 113 0.23 -14.28 -19.99
N ALA D 114 1.25 -15.03 -20.39
CA ALA D 114 2.42 -15.27 -19.53
C ALA D 114 3.44 -14.14 -19.41
N GLY D 115 3.71 -13.44 -20.50
CA GLY D 115 4.70 -12.38 -20.48
C GLY D 115 4.47 -11.19 -19.56
N GLU D 116 5.57 -10.61 -19.09
CA GLU D 116 5.48 -9.45 -18.22
C GLU D 116 5.35 -8.20 -19.11
N SER D 117 5.19 -7.05 -18.47
CA SER D 117 5.01 -5.78 -19.18
C SER D 117 5.96 -5.44 -20.33
N GLY D 118 7.20 -5.92 -20.28
CA GLY D 118 8.11 -5.60 -21.36
C GLY D 118 8.31 -6.70 -22.39
N SER D 119 7.45 -7.72 -22.35
CA SER D 119 7.52 -8.84 -23.27
C SER D 119 7.02 -8.48 -24.67
N ALA D 120 7.21 -9.39 -25.62
CA ALA D 120 6.79 -9.17 -27.00
C ALA D 120 5.34 -9.58 -27.26
N ASP D 121 4.70 -8.88 -28.20
CA ASP D 121 3.31 -9.15 -28.56
C ASP D 121 3.12 -10.40 -29.41
N THR D 122 4.02 -10.61 -30.36
CA THR D 122 3.92 -11.74 -31.26
C THR D 122 4.50 -13.06 -30.79
N VAL D 123 4.02 -13.55 -29.66
CA VAL D 123 4.48 -14.83 -29.11
C VAL D 123 3.29 -15.78 -29.02
N ARG D 124 3.55 -17.08 -28.99
CA ARG D 124 2.46 -18.05 -28.89
C ARG D 124 1.87 -17.94 -27.49
N ASP D 125 0.56 -17.72 -27.41
CA ASP D 125 -0.08 -17.54 -26.12
C ASP D 125 -1.55 -17.27 -26.40
N PRO D 126 -2.43 -17.54 -25.42
CA PRO D 126 -3.83 -17.23 -25.72
C PRO D 126 -3.84 -15.71 -25.75
N ARG D 127 -4.95 -15.10 -26.13
CA ARG D 127 -5.02 -13.64 -26.14
C ARG D 127 -6.25 -13.20 -25.35
N GLY D 128 -6.05 -12.25 -24.43
CA GLY D 128 -7.16 -11.74 -23.67
C GLY D 128 -7.95 -10.79 -24.54
N PHE D 129 -9.27 -10.75 -24.35
CA PHE D 129 -10.13 -9.88 -25.14
C PHE D 129 -11.27 -9.45 -24.21
N ALA D 130 -10.94 -8.56 -23.27
CA ALA D 130 -11.90 -8.09 -22.29
C ALA D 130 -12.69 -6.88 -22.78
N VAL D 131 -14.00 -6.90 -22.53
CA VAL D 131 -14.88 -5.82 -22.94
C VAL D 131 -15.71 -5.28 -21.77
N LYS D 132 -15.68 -3.97 -21.58
CA LYS D 132 -16.43 -3.33 -20.50
C LYS D 132 -17.57 -2.52 -21.11
N PHE D 133 -18.81 -2.88 -20.77
CA PHE D 133 -19.98 -2.16 -21.26
C PHE D 133 -20.47 -1.23 -20.15
N TYR D 134 -20.47 0.07 -20.41
CA TYR D 134 -20.93 1.05 -19.43
C TYR D 134 -22.45 1.23 -19.61
N THR D 135 -23.22 0.38 -18.94
CA THR D 135 -24.69 0.44 -19.05
C THR D 135 -25.39 1.25 -17.97
N GLU D 136 -26.68 1.49 -18.19
CA GLU D 136 -27.48 2.25 -17.23
C GLU D 136 -27.65 1.42 -15.96
N ASP D 137 -27.50 0.11 -16.08
CA ASP D 137 -27.62 -0.79 -14.94
C ASP D 137 -26.23 -1.16 -14.41
N GLY D 138 -25.29 -0.24 -14.57
CA GLY D 138 -23.94 -0.49 -14.10
C GLY D 138 -23.07 -1.10 -15.18
N ASN D 139 -21.80 -1.34 -14.84
CA ASN D 139 -20.91 -1.91 -15.81
C ASN D 139 -21.06 -3.42 -15.94
N TRP D 140 -20.93 -3.88 -17.18
CA TRP D 140 -20.99 -5.29 -17.48
C TRP D 140 -19.64 -5.60 -18.08
N ASP D 141 -18.86 -6.44 -17.40
CA ASP D 141 -17.55 -6.81 -17.91
C ASP D 141 -17.57 -8.22 -18.47
N LEU D 142 -17.37 -8.34 -19.78
CA LEU D 142 -17.32 -9.63 -20.45
C LEU D 142 -15.83 -9.82 -20.67
N VAL D 143 -15.19 -10.53 -19.74
CA VAL D 143 -13.75 -10.76 -19.74
C VAL D 143 -13.40 -12.04 -20.51
N GLY D 144 -13.41 -11.95 -21.83
CA GLY D 144 -13.12 -13.10 -22.65
C GLY D 144 -11.69 -13.25 -23.15
N ASN D 145 -11.49 -14.28 -23.96
CA ASN D 145 -10.21 -14.62 -24.58
C ASN D 145 -10.45 -14.89 -26.05
N ASN D 146 -9.39 -15.19 -26.79
CA ASN D 146 -9.51 -15.47 -28.22
C ASN D 146 -9.76 -16.96 -28.47
N THR D 147 -10.19 -17.65 -27.43
CA THR D 147 -10.49 -19.07 -27.50
C THR D 147 -11.75 -19.36 -26.67
N PRO D 148 -12.63 -20.26 -27.15
CA PRO D 148 -13.86 -20.60 -26.44
C PRO D 148 -13.65 -21.51 -25.23
N ILE D 149 -12.45 -22.07 -25.12
CA ILE D 149 -12.14 -22.98 -24.02
C ILE D 149 -10.90 -22.57 -23.24
N PHE D 150 -10.53 -23.38 -22.26
CA PHE D 150 -9.35 -23.12 -21.46
C PHE D 150 -8.65 -24.43 -21.10
N PHE D 151 -7.50 -24.34 -20.47
CA PHE D 151 -6.70 -25.51 -20.12
C PHE D 151 -7.18 -26.35 -18.95
N ILE D 152 -7.88 -25.73 -18.01
CA ILE D 152 -8.36 -26.44 -16.83
C ILE D 152 -9.84 -26.15 -16.56
N ARG D 153 -10.44 -26.95 -15.69
CA ARG D 153 -11.86 -26.83 -15.35
C ARG D 153 -12.16 -26.59 -13.87
N ASP D 154 -11.15 -26.29 -13.07
CA ASP D 154 -11.34 -26.00 -11.66
C ASP D 154 -10.32 -24.93 -11.27
N ALA D 155 -10.82 -23.84 -10.69
CA ALA D 155 -9.99 -22.70 -10.28
C ALA D 155 -8.86 -23.00 -9.30
N LEU D 156 -8.96 -24.11 -8.57
CA LEU D 156 -7.90 -24.44 -7.62
C LEU D 156 -6.60 -24.75 -8.36
N LEU D 157 -6.69 -25.09 -9.64
CA LEU D 157 -5.48 -25.38 -10.41
C LEU D 157 -4.98 -24.18 -11.18
N PHE D 158 -5.69 -23.06 -11.09
CA PHE D 158 -5.27 -21.88 -11.84
C PHE D 158 -3.94 -21.28 -11.42
N PRO D 159 -3.74 -21.03 -10.11
CA PRO D 159 -2.45 -20.45 -9.71
C PRO D 159 -1.28 -21.33 -10.14
N SER D 160 -1.47 -22.65 -10.00
CA SER D 160 -0.42 -23.60 -10.38
C SER D 160 -0.20 -23.60 -11.88
N PHE D 161 -1.29 -23.54 -12.64
CA PHE D 161 -1.15 -23.51 -14.09
C PHE D 161 -0.34 -22.29 -14.49
N ILE D 162 -0.71 -21.13 -13.96
CA ILE D 162 -0.01 -19.90 -14.29
C ILE D 162 1.46 -19.95 -13.86
N HIS D 163 1.74 -20.48 -12.67
CA HIS D 163 3.13 -20.59 -12.23
C HIS D 163 3.91 -21.43 -13.23
N SER D 164 3.34 -22.55 -13.66
CA SER D 164 4.01 -23.44 -14.60
C SER D 164 4.30 -22.77 -15.94
N GLN D 165 3.51 -21.77 -16.30
CA GLN D 165 3.68 -21.04 -17.55
C GLN D 165 4.63 -19.86 -17.41
N LYS D 166 4.97 -19.53 -16.17
CA LYS D 166 5.87 -18.40 -15.94
C LYS D 166 7.30 -18.79 -15.62
N ARG D 167 8.00 -18.00 -14.81
CA ARG D 167 9.40 -18.29 -14.54
C ARG D 167 9.71 -19.23 -13.39
N ASN D 168 10.78 -20.00 -13.56
CA ASN D 168 11.26 -20.93 -12.55
C ASN D 168 11.55 -20.05 -11.33
N PRO D 169 11.06 -20.44 -10.15
CA PRO D 169 11.27 -19.67 -8.93
C PRO D 169 12.72 -19.40 -8.54
N GLN D 170 13.66 -20.21 -9.04
CA GLN D 170 15.05 -19.99 -8.68
C GLN D 170 15.85 -19.27 -9.76
N THR D 171 15.76 -19.76 -11.01
CA THR D 171 16.51 -19.19 -12.11
C THR D 171 15.83 -18.00 -12.80
N HIS D 172 14.52 -17.88 -12.63
CA HIS D 172 13.75 -16.80 -13.24
C HIS D 172 13.70 -16.97 -14.76
N LEU D 173 13.86 -18.21 -15.22
CA LEU D 173 13.83 -18.53 -16.65
C LEU D 173 12.59 -19.34 -17.01
N LYS D 174 12.13 -19.22 -18.25
CA LYS D 174 10.99 -20.00 -18.70
C LYS D 174 11.46 -21.45 -18.51
N ASP D 175 10.55 -22.35 -18.13
CA ASP D 175 10.94 -23.72 -17.86
C ASP D 175 10.05 -24.77 -18.53
N PRO D 176 10.52 -25.36 -19.64
CA PRO D 176 9.72 -26.38 -20.33
C PRO D 176 9.34 -27.58 -19.44
N ASP D 177 10.16 -27.88 -18.43
CA ASP D 177 9.86 -28.97 -17.51
C ASP D 177 8.60 -28.60 -16.73
N MET D 178 8.53 -27.36 -16.25
CA MET D 178 7.37 -26.90 -15.50
C MET D 178 6.14 -26.90 -16.41
N VAL D 179 6.30 -26.36 -17.61
CA VAL D 179 5.22 -26.28 -18.58
C VAL D 179 4.60 -27.63 -18.89
N TRP D 180 5.43 -28.56 -19.32
CA TRP D 180 4.94 -29.88 -19.70
C TRP D 180 4.69 -30.87 -18.59
N ASP D 181 5.31 -30.67 -17.43
CA ASP D 181 5.05 -31.58 -16.33
C ASP D 181 3.60 -31.30 -15.94
N PHE D 182 3.25 -30.02 -15.84
CA PHE D 182 1.88 -29.65 -15.48
C PHE D 182 0.88 -30.16 -16.51
N TRP D 183 1.13 -29.88 -17.78
CA TRP D 183 0.21 -30.31 -18.84
C TRP D 183 0.10 -31.83 -18.98
N SER D 184 1.22 -32.54 -18.87
CA SER D 184 1.17 -33.99 -19.00
C SER D 184 0.44 -34.63 -17.81
N LEU D 185 0.48 -33.96 -16.66
CA LEU D 185 -0.20 -34.50 -15.48
C LEU D 185 -1.68 -34.13 -15.47
N ARG D 186 -2.05 -33.14 -16.27
CA ARG D 186 -3.44 -32.68 -16.36
C ARG D 186 -3.91 -32.69 -17.81
N PRO D 187 -4.26 -33.87 -18.34
CA PRO D 187 -4.72 -34.08 -19.72
C PRO D 187 -5.94 -33.25 -20.13
N GLU D 188 -6.68 -32.73 -19.16
CA GLU D 188 -7.86 -31.93 -19.50
C GLU D 188 -7.40 -30.74 -20.33
N SER D 189 -6.11 -30.42 -20.26
CA SER D 189 -5.54 -29.29 -20.99
C SER D 189 -5.35 -29.56 -22.49
N LEU D 190 -5.48 -30.81 -22.90
CA LEU D 190 -5.30 -31.19 -24.30
C LEU D 190 -6.08 -30.40 -25.34
N HIS D 191 -7.32 -30.03 -25.02
CA HIS D 191 -8.14 -29.28 -25.97
C HIS D 191 -7.57 -27.88 -26.26
N GLN D 192 -7.27 -27.12 -25.21
CA GLN D 192 -6.74 -25.78 -25.40
C GLN D 192 -5.28 -25.79 -25.87
N VAL D 193 -4.52 -26.81 -25.46
CA VAL D 193 -3.14 -26.90 -25.88
C VAL D 193 -3.12 -27.11 -27.40
N SER D 194 -4.04 -27.94 -27.89
CA SER D 194 -4.14 -28.21 -29.32
C SER D 194 -4.43 -26.90 -30.05
N PHE D 195 -5.36 -26.13 -29.51
CA PHE D 195 -5.72 -24.85 -30.11
C PHE D 195 -4.52 -23.90 -30.04
N LEU D 196 -3.88 -23.88 -28.87
CA LEU D 196 -2.71 -23.02 -28.65
C LEU D 196 -1.56 -23.27 -29.62
N PHE D 197 -1.26 -24.53 -29.90
CA PHE D 197 -0.17 -24.83 -30.81
C PHE D 197 -0.56 -24.90 -32.28
N SER D 198 -1.81 -24.55 -32.58
CA SER D 198 -2.29 -24.52 -33.97
C SER D 198 -1.96 -23.10 -34.46
N ASP D 199 -2.30 -22.77 -35.70
CA ASP D 199 -2.00 -21.44 -36.23
C ASP D 199 -2.58 -20.29 -35.41
N ARG D 200 -3.73 -20.54 -34.80
CA ARG D 200 -4.42 -19.54 -33.99
C ARG D 200 -3.65 -19.14 -32.73
N GLY D 201 -2.54 -19.82 -32.47
CA GLY D 201 -1.74 -19.51 -31.30
C GLY D 201 -1.02 -18.18 -31.38
N ILE D 202 -0.85 -17.68 -32.60
CA ILE D 202 -0.19 -16.39 -32.79
C ILE D 202 -0.94 -15.57 -33.83
N PRO D 203 -2.00 -14.86 -33.41
CA PRO D 203 -2.77 -14.04 -34.33
C PRO D 203 -1.99 -12.83 -34.83
N ASP D 204 -2.35 -12.35 -36.01
CA ASP D 204 -1.68 -11.19 -36.59
C ASP D 204 -2.29 -9.93 -35.98
N GLY D 205 -1.79 -9.52 -34.83
CA GLY D 205 -2.33 -8.35 -34.16
C GLY D 205 -3.59 -8.74 -33.42
N HIS D 206 -4.33 -7.75 -32.93
CA HIS D 206 -5.55 -8.01 -32.17
C HIS D 206 -6.82 -7.93 -33.01
N ARG D 207 -6.73 -7.29 -34.16
CA ARG D 207 -7.90 -7.12 -35.02
C ARG D 207 -8.30 -8.36 -35.81
N HIS D 208 -7.41 -9.34 -35.93
CA HIS D 208 -7.71 -10.54 -36.70
C HIS D 208 -7.90 -11.83 -35.91
N MET D 209 -8.65 -11.74 -34.82
CA MET D 209 -8.94 -12.91 -33.98
C MET D 209 -10.34 -12.71 -33.44
N ASN D 210 -10.98 -13.82 -33.03
CA ASN D 210 -12.33 -13.75 -32.47
C ASN D 210 -12.22 -13.62 -30.96
N GLY D 211 -13.33 -13.27 -30.34
CA GLY D 211 -13.39 -13.15 -28.89
C GLY D 211 -14.44 -14.13 -28.40
N TYR D 212 -14.30 -14.60 -27.16
CA TYR D 212 -15.27 -15.54 -26.60
C TYR D 212 -15.41 -15.29 -25.10
N GLY D 213 -16.62 -15.48 -24.58
CA GLY D 213 -16.83 -15.32 -23.15
C GLY D 213 -16.29 -16.60 -22.51
N SER D 214 -16.17 -17.62 -23.35
CA SER D 214 -15.67 -18.95 -22.97
C SER D 214 -16.62 -19.71 -22.06
N HIS D 215 -16.89 -19.13 -20.89
CA HIS D 215 -17.78 -19.76 -19.92
C HIS D 215 -19.22 -19.78 -20.40
N THR D 216 -19.99 -20.69 -19.80
CA THR D 216 -21.41 -20.78 -20.06
C THR D 216 -21.95 -19.73 -19.08
N PHE D 217 -22.86 -18.88 -19.53
CA PHE D 217 -23.45 -17.86 -18.67
C PHE D 217 -24.96 -18.06 -18.59
N LYS D 218 -25.65 -17.22 -17.83
CA LYS D 218 -27.08 -17.33 -17.70
C LYS D 218 -27.77 -16.03 -18.10
N LEU D 219 -28.83 -16.14 -18.88
CA LEU D 219 -29.60 -14.98 -19.30
C LEU D 219 -30.98 -15.13 -18.69
N VAL D 220 -31.53 -14.03 -18.20
CA VAL D 220 -32.85 -14.04 -17.59
C VAL D 220 -33.70 -12.96 -18.25
N ASN D 221 -34.93 -13.29 -18.63
CA ASN D 221 -35.80 -12.32 -19.27
C ASN D 221 -36.79 -11.65 -18.31
N ALA D 222 -37.56 -10.70 -18.83
CA ALA D 222 -38.54 -9.97 -18.04
C ALA D 222 -39.53 -10.89 -17.30
N ASN D 223 -39.77 -12.08 -17.84
CA ASN D 223 -40.69 -13.02 -17.21
C ASN D 223 -40.01 -13.89 -16.15
N GLY D 224 -38.72 -13.65 -15.93
CA GLY D 224 -38.01 -14.43 -14.94
C GLY D 224 -37.57 -15.79 -15.46
N GLU D 225 -37.76 -16.02 -16.75
CA GLU D 225 -37.37 -17.29 -17.37
C GLU D 225 -35.88 -17.21 -17.67
N ALA D 226 -35.17 -18.33 -17.52
CA ALA D 226 -33.73 -18.32 -17.76
C ALA D 226 -33.23 -19.40 -18.71
N VAL D 227 -32.14 -19.09 -19.40
CA VAL D 227 -31.49 -20.02 -20.32
C VAL D 227 -30.00 -19.80 -20.13
N TYR D 228 -29.20 -20.77 -20.56
CA TYR D 228 -27.76 -20.66 -20.48
C TYR D 228 -27.27 -20.18 -21.84
N CYS D 229 -26.09 -19.60 -21.89
CA CYS D 229 -25.56 -19.11 -23.15
C CYS D 229 -24.05 -19.05 -23.20
N LYS D 230 -23.54 -18.81 -24.40
CA LYS D 230 -22.12 -18.65 -24.66
C LYS D 230 -22.03 -17.39 -25.49
N PHE D 231 -21.08 -16.51 -25.18
CA PHE D 231 -20.91 -15.28 -25.93
C PHE D 231 -19.80 -15.48 -26.96
N HIS D 232 -20.07 -15.05 -28.19
CA HIS D 232 -19.12 -15.17 -29.28
C HIS D 232 -19.06 -13.82 -30.00
N TYR D 233 -17.86 -13.26 -30.17
CA TYR D 233 -17.74 -12.03 -30.93
C TYR D 233 -16.66 -12.23 -31.99
N LYS D 234 -17.12 -12.45 -33.22
CA LYS D 234 -16.28 -12.73 -34.38
C LYS D 234 -15.70 -11.52 -35.07
N THR D 235 -14.43 -11.60 -35.46
CA THR D 235 -13.78 -10.48 -36.14
C THR D 235 -14.33 -10.25 -37.54
N ASP D 236 -14.67 -8.99 -37.81
CA ASP D 236 -15.19 -8.63 -39.12
C ASP D 236 -14.02 -8.39 -40.06
N GLN D 237 -12.82 -8.39 -39.50
CA GLN D 237 -11.60 -8.17 -40.28
C GLN D 237 -11.07 -9.49 -40.82
N GLY D 238 -11.60 -10.58 -40.30
CA GLY D 238 -11.18 -11.90 -40.75
C GLY D 238 -10.04 -12.46 -39.93
N ILE D 239 -10.03 -13.79 -39.80
CA ILE D 239 -8.99 -14.47 -39.05
C ILE D 239 -7.68 -14.45 -39.83
N LYS D 240 -6.62 -13.99 -39.19
CA LYS D 240 -5.30 -13.96 -39.81
C LYS D 240 -4.26 -14.19 -38.72
N ASN D 241 -3.30 -15.06 -39.03
CA ASN D 241 -2.24 -15.40 -38.07
C ASN D 241 -0.85 -15.17 -38.65
N LEU D 242 0.14 -15.11 -37.75
CA LEU D 242 1.52 -14.91 -38.14
C LEU D 242 2.24 -16.25 -38.12
N SER D 243 3.11 -16.48 -39.09
CA SER D 243 3.86 -17.73 -39.14
C SER D 243 4.86 -17.67 -37.97
N VAL D 244 5.34 -18.82 -37.54
CA VAL D 244 6.29 -18.83 -36.44
C VAL D 244 7.52 -18.01 -36.82
N GLU D 245 7.90 -18.06 -38.10
CA GLU D 245 9.06 -17.31 -38.58
C GLU D 245 8.87 -15.79 -38.46
N ASP D 246 7.71 -15.30 -38.90
CA ASP D 246 7.44 -13.87 -38.84
C ASP D 246 7.22 -13.38 -37.42
N ALA D 247 6.59 -14.20 -36.59
CA ALA D 247 6.34 -13.82 -35.20
C ALA D 247 7.66 -13.68 -34.45
N ALA D 248 8.58 -14.60 -34.71
CA ALA D 248 9.89 -14.56 -34.06
C ALA D 248 10.63 -13.30 -34.48
N ARG D 249 10.57 -12.97 -35.77
CA ARG D 249 11.23 -11.79 -36.29
C ARG D 249 10.66 -10.53 -35.62
N LEU D 250 9.35 -10.42 -35.64
CA LEU D 250 8.68 -9.27 -35.03
C LEU D 250 8.96 -9.19 -33.54
N ALA D 251 9.12 -10.33 -32.88
CA ALA D 251 9.38 -10.35 -31.45
C ALA D 251 10.53 -9.40 -31.08
N HIS D 252 11.54 -9.31 -31.94
CA HIS D 252 12.66 -8.40 -31.67
C HIS D 252 12.59 -7.11 -32.48
N GLU D 253 12.01 -7.18 -33.67
CA GLU D 253 11.89 -5.99 -34.51
C GLU D 253 10.88 -5.00 -33.95
N ASP D 254 9.76 -5.52 -33.46
CA ASP D 254 8.72 -4.68 -32.88
C ASP D 254 7.93 -5.43 -31.82
N PRO D 255 8.46 -5.49 -30.59
CA PRO D 255 7.76 -6.20 -29.52
C PRO D 255 6.38 -5.62 -29.21
N ASP D 256 6.09 -4.44 -29.77
CA ASP D 256 4.79 -3.81 -29.54
C ASP D 256 3.92 -3.81 -30.79
N TYR D 257 4.15 -4.79 -31.64
CA TYR D 257 3.43 -4.96 -32.91
C TYR D 257 1.92 -4.79 -32.79
N GLY D 258 1.33 -5.47 -31.81
CA GLY D 258 -0.10 -5.41 -31.58
C GLY D 258 -0.58 -4.03 -31.14
N LEU D 259 0.19 -3.38 -30.27
CA LEU D 259 -0.14 -2.05 -29.80
C LEU D 259 -0.16 -1.06 -30.95
N ARG D 260 0.90 -1.09 -31.75
CA ARG D 260 1.05 -0.19 -32.88
C ARG D 260 -0.04 -0.43 -33.92
N ASP D 261 -0.25 -1.70 -34.26
CA ASP D 261 -1.25 -2.06 -35.26
C ASP D 261 -2.63 -1.50 -34.90
N LEU D 262 -3.02 -1.65 -33.65
CA LEU D 262 -4.32 -1.17 -33.20
C LEU D 262 -4.44 0.35 -33.17
N PHE D 263 -3.41 1.03 -32.67
CA PHE D 263 -3.45 2.48 -32.60
C PHE D 263 -3.59 3.09 -34.00
N ASN D 264 -2.75 2.62 -34.93
CA ASN D 264 -2.79 3.16 -36.29
C ASN D 264 -4.09 2.85 -37.02
N ALA D 265 -4.62 1.64 -36.82
CA ALA D 265 -5.86 1.27 -37.47
C ALA D 265 -6.97 2.26 -37.09
N ILE D 266 -7.06 2.54 -35.79
CA ILE D 266 -8.06 3.47 -35.30
C ILE D 266 -7.75 4.91 -35.71
N ALA D 267 -6.48 5.29 -35.59
CA ALA D 267 -6.06 6.64 -35.94
C ALA D 267 -6.28 6.99 -37.41
N THR D 268 -6.35 5.99 -38.27
CA THR D 268 -6.57 6.23 -39.71
C THR D 268 -8.02 6.05 -40.11
N GLY D 269 -8.89 5.74 -39.15
CA GLY D 269 -10.29 5.55 -39.46
C GLY D 269 -10.67 4.13 -39.84
N ASN D 270 -9.71 3.22 -39.78
CA ASN D 270 -9.97 1.83 -40.12
C ASN D 270 -10.41 1.10 -38.84
N TYR D 271 -11.50 1.58 -38.26
CA TYR D 271 -12.03 1.01 -37.02
C TYR D 271 -12.35 -0.47 -37.12
N PRO D 272 -11.74 -1.29 -36.24
CA PRO D 272 -12.01 -2.73 -36.28
C PRO D 272 -13.36 -3.01 -35.62
N SER D 273 -14.05 -4.04 -36.07
CA SER D 273 -15.34 -4.40 -35.49
C SER D 273 -15.47 -5.91 -35.31
N TRP D 274 -16.41 -6.30 -34.46
CA TRP D 274 -16.67 -7.70 -34.16
C TRP D 274 -18.18 -7.86 -34.08
N THR D 275 -18.69 -8.99 -34.54
CA THR D 275 -20.12 -9.25 -34.48
C THR D 275 -20.40 -10.18 -33.31
N LEU D 276 -21.20 -9.69 -32.36
CA LEU D 276 -21.55 -10.47 -31.17
C LEU D 276 -22.70 -11.43 -31.39
N TYR D 277 -22.47 -12.69 -31.04
CA TYR D 277 -23.48 -13.73 -31.14
C TYR D 277 -23.56 -14.43 -29.80
N ILE D 278 -24.60 -15.24 -29.64
CA ILE D 278 -24.79 -16.02 -28.44
C ILE D 278 -25.31 -17.38 -28.89
N GLN D 279 -25.02 -18.38 -28.07
CA GLN D 279 -25.51 -19.72 -28.30
C GLN D 279 -26.45 -19.84 -27.13
N VAL D 280 -27.57 -20.53 -27.32
CA VAL D 280 -28.53 -20.68 -26.24
C VAL D 280 -28.80 -22.15 -25.96
N MET D 281 -28.80 -22.50 -24.67
CA MET D 281 -29.06 -23.86 -24.26
C MET D 281 -30.10 -23.77 -23.14
N THR D 282 -31.21 -24.48 -23.30
CA THR D 282 -32.25 -24.45 -22.29
C THR D 282 -31.78 -25.28 -21.11
N PHE D 283 -32.43 -25.13 -19.96
CA PHE D 283 -32.04 -25.90 -18.79
C PHE D 283 -32.26 -27.39 -19.03
N SER D 284 -33.32 -27.74 -19.76
CA SER D 284 -33.60 -29.14 -20.07
C SER D 284 -32.46 -29.71 -20.90
N GLU D 285 -32.01 -28.93 -21.88
CA GLU D 285 -30.92 -29.33 -22.75
C GLU D 285 -29.61 -29.52 -21.98
N ALA D 286 -29.36 -28.64 -21.03
CA ALA D 286 -28.14 -28.72 -20.22
C ALA D 286 -28.16 -30.02 -19.42
N GLU D 287 -29.37 -30.51 -19.16
CA GLU D 287 -29.54 -31.72 -18.40
C GLU D 287 -29.22 -32.98 -19.22
N ILE D 288 -29.19 -32.84 -20.55
CA ILE D 288 -28.91 -33.99 -21.42
C ILE D 288 -27.61 -33.88 -22.21
N PHE D 289 -26.95 -32.73 -22.13
CA PHE D 289 -25.69 -32.52 -22.86
C PHE D 289 -24.76 -33.69 -22.58
N PRO D 290 -24.08 -34.21 -23.62
CA PRO D 290 -23.14 -35.35 -23.50
C PRO D 290 -21.98 -35.10 -22.54
N PHE D 291 -21.74 -33.84 -22.22
CA PHE D 291 -20.66 -33.49 -21.31
C PHE D 291 -21.22 -32.50 -20.31
N ASN D 292 -20.37 -32.01 -19.41
CA ASN D 292 -20.81 -31.03 -18.45
C ASN D 292 -20.91 -29.72 -19.24
N PRO D 293 -22.12 -29.16 -19.35
CA PRO D 293 -22.34 -27.91 -20.10
C PRO D 293 -21.49 -26.76 -19.55
N PHE D 294 -21.13 -26.88 -18.27
CA PHE D 294 -20.35 -25.86 -17.59
C PHE D 294 -18.85 -26.21 -17.50
N ASP D 295 -18.42 -27.19 -18.30
CA ASP D 295 -17.02 -27.61 -18.33
C ASP D 295 -16.30 -26.68 -19.31
N LEU D 296 -15.37 -25.89 -18.79
CA LEU D 296 -14.64 -24.90 -19.60
C LEU D 296 -13.71 -25.49 -20.65
N THR D 297 -13.47 -26.79 -20.60
CA THR D 297 -12.60 -27.43 -21.59
C THR D 297 -13.41 -27.93 -22.78
N LYS D 298 -14.68 -27.56 -22.82
CA LYS D 298 -15.53 -27.99 -23.91
C LYS D 298 -16.35 -26.89 -24.56
N VAL D 299 -16.68 -27.10 -25.83
CA VAL D 299 -17.46 -26.14 -26.59
C VAL D 299 -18.84 -26.75 -26.82
N TRP D 300 -19.77 -25.93 -27.27
CA TRP D 300 -21.12 -26.41 -27.60
C TRP D 300 -21.09 -26.46 -29.13
N PRO D 301 -21.28 -27.65 -29.72
CA PRO D 301 -21.27 -27.75 -31.18
C PRO D 301 -22.21 -26.76 -31.85
N HIS D 302 -21.69 -25.98 -32.81
CA HIS D 302 -22.51 -25.00 -33.49
C HIS D 302 -23.69 -25.65 -34.20
N GLY D 303 -23.50 -26.88 -34.65
CA GLY D 303 -24.58 -27.58 -35.34
C GLY D 303 -25.79 -27.78 -34.45
N ASP D 304 -25.54 -28.10 -33.19
CA ASP D 304 -26.63 -28.34 -32.23
C ASP D 304 -27.04 -27.06 -31.52
N TYR D 305 -26.15 -26.08 -31.51
CA TYR D 305 -26.43 -24.80 -30.84
C TYR D 305 -25.96 -23.65 -31.72
N PRO D 306 -26.77 -23.29 -32.73
CA PRO D 306 -26.51 -22.22 -33.70
C PRO D 306 -26.27 -20.85 -33.10
N LEU D 307 -25.35 -20.09 -33.69
CA LEU D 307 -25.04 -18.76 -33.23
C LEU D 307 -26.18 -17.79 -33.58
N ILE D 308 -26.62 -17.03 -32.59
CA ILE D 308 -27.70 -16.06 -32.74
C ILE D 308 -27.09 -14.65 -32.71
N PRO D 309 -27.22 -13.88 -33.80
CA PRO D 309 -26.66 -12.53 -33.82
C PRO D 309 -27.31 -11.58 -32.80
N VAL D 310 -26.48 -10.76 -32.16
CA VAL D 310 -26.98 -9.82 -31.16
C VAL D 310 -26.67 -8.38 -31.53
N GLY D 311 -25.42 -8.13 -31.90
CA GLY D 311 -25.04 -6.78 -32.26
C GLY D 311 -23.61 -6.67 -32.73
N LYS D 312 -23.05 -5.47 -32.63
CA LYS D 312 -21.69 -5.26 -33.08
C LYS D 312 -20.85 -4.45 -32.11
N LEU D 313 -19.56 -4.79 -32.07
CA LEU D 313 -18.59 -4.12 -31.21
C LEU D 313 -17.68 -3.32 -32.14
N VAL D 314 -17.59 -2.01 -31.91
CA VAL D 314 -16.76 -1.15 -32.74
C VAL D 314 -15.80 -0.32 -31.91
N LEU D 315 -14.52 -0.37 -32.26
CA LEU D 315 -13.50 0.39 -31.56
C LEU D 315 -13.13 1.57 -32.47
N ASN D 316 -13.47 2.78 -32.04
CA ASN D 316 -13.19 3.95 -32.86
C ASN D 316 -12.46 5.08 -32.13
N ARG D 317 -11.88 4.76 -30.98
CA ARG D 317 -11.16 5.78 -30.22
C ARG D 317 -9.96 5.21 -29.47
N ASN D 318 -8.82 5.87 -29.63
CA ASN D 318 -7.60 5.44 -28.95
C ASN D 318 -7.55 6.11 -27.59
N PRO D 319 -6.83 5.49 -26.65
CA PRO D 319 -6.74 6.11 -25.32
C PRO D 319 -5.90 7.38 -25.49
N VAL D 320 -6.09 8.35 -24.60
CA VAL D 320 -5.33 9.60 -24.66
C VAL D 320 -4.08 9.41 -23.82
N ASN D 321 -4.24 8.79 -22.65
CA ASN D 321 -3.11 8.49 -21.77
C ASN D 321 -3.20 7.00 -21.43
N TYR D 322 -2.25 6.24 -21.93
CA TYR D 322 -2.22 4.79 -21.73
C TYR D 322 -2.29 4.33 -20.27
N PHE D 323 -1.46 4.92 -19.42
CA PHE D 323 -1.46 4.50 -18.02
C PHE D 323 -2.83 4.69 -17.35
N ALA D 324 -3.40 5.88 -17.50
CA ALA D 324 -4.68 6.16 -16.86
C ALA D 324 -5.85 5.39 -17.44
N GLU D 325 -5.85 5.18 -18.75
CA GLU D 325 -6.96 4.50 -19.42
C GLU D 325 -6.82 3.02 -19.73
N VAL D 326 -5.59 2.53 -19.83
CA VAL D 326 -5.39 1.12 -20.15
C VAL D 326 -4.71 0.33 -19.03
N GLU D 327 -3.59 0.83 -18.53
CA GLU D 327 -2.88 0.12 -17.46
C GLU D 327 -3.79 0.00 -16.24
N GLN D 328 -4.56 1.05 -15.96
CA GLN D 328 -5.46 1.04 -14.81
C GLN D 328 -6.83 0.42 -15.07
N LEU D 329 -7.09 -0.03 -16.29
CA LEU D 329 -8.37 -0.66 -16.60
C LEU D 329 -8.59 -1.92 -15.76
N ALA D 330 -9.79 -2.08 -15.21
CA ALA D 330 -10.11 -3.25 -14.39
C ALA D 330 -11.43 -3.89 -14.82
N PHE D 331 -11.35 -5.14 -15.25
CA PHE D 331 -12.55 -5.88 -15.66
C PHE D 331 -12.86 -6.91 -14.59
N ASP D 332 -14.11 -6.94 -14.12
CA ASP D 332 -14.55 -7.89 -13.11
C ASP D 332 -15.69 -8.76 -13.64
N PRO D 333 -15.44 -10.07 -13.83
CA PRO D 333 -16.53 -10.92 -14.32
C PRO D 333 -17.80 -10.81 -13.49
N SER D 334 -17.66 -10.40 -12.23
CA SER D 334 -18.80 -10.26 -11.33
C SER D 334 -19.66 -9.03 -11.64
N ASN D 335 -19.14 -8.14 -12.48
CA ASN D 335 -19.89 -6.95 -12.88
C ASN D 335 -20.89 -7.43 -13.94
N MET D 336 -22.09 -7.75 -13.49
CA MET D 336 -23.16 -8.23 -14.37
C MET D 336 -24.45 -7.49 -14.01
N PRO D 337 -25.14 -6.93 -15.02
CA PRO D 337 -26.38 -6.20 -14.74
C PRO D 337 -27.55 -7.19 -14.74
N PRO D 338 -28.72 -6.75 -14.23
CA PRO D 338 -29.87 -7.66 -14.22
C PRO D 338 -30.10 -8.20 -15.64
N GLY D 339 -30.34 -9.50 -15.75
CA GLY D 339 -30.55 -10.09 -17.06
C GLY D 339 -29.39 -10.96 -17.49
N ILE D 340 -28.27 -10.80 -16.81
CA ILE D 340 -27.05 -11.57 -17.09
C ILE D 340 -26.54 -12.11 -15.77
N GLU D 341 -26.33 -13.42 -15.70
CA GLU D 341 -25.86 -14.05 -14.48
C GLU D 341 -24.83 -15.13 -14.76
N PRO D 342 -24.11 -15.58 -13.72
CA PRO D 342 -23.10 -16.62 -13.90
C PRO D 342 -23.70 -18.03 -13.92
N SER D 343 -22.93 -18.99 -14.42
CA SER D 343 -23.37 -20.38 -14.45
C SER D 343 -22.58 -21.07 -13.35
N PRO D 344 -22.87 -22.36 -13.09
CA PRO D 344 -22.15 -23.09 -12.05
C PRO D 344 -20.68 -23.41 -12.40
N ASP D 345 -20.26 -23.09 -13.62
CA ASP D 345 -18.88 -23.34 -14.08
C ASP D 345 -17.90 -23.09 -12.93
N LYS D 346 -17.20 -24.13 -12.48
CA LYS D 346 -16.26 -23.98 -11.37
C LYS D 346 -15.22 -22.89 -11.60
N MET D 347 -14.76 -22.77 -12.84
CA MET D 347 -13.76 -21.75 -13.17
C MET D 347 -14.36 -20.35 -13.05
N LEU D 348 -15.52 -20.13 -13.66
CA LEU D 348 -16.18 -18.84 -13.59
C LEU D 348 -16.42 -18.44 -12.13
N GLN D 349 -16.90 -19.39 -11.34
CA GLN D 349 -17.18 -19.15 -9.92
C GLN D 349 -15.93 -18.60 -9.21
N GLY D 350 -14.78 -19.18 -9.52
CA GLY D 350 -13.55 -18.70 -8.91
C GLY D 350 -13.24 -17.28 -9.37
N ARG D 351 -13.50 -17.00 -10.64
CA ARG D 351 -13.25 -15.67 -11.20
C ARG D 351 -14.12 -14.58 -10.57
N LEU D 352 -15.30 -14.95 -10.09
CA LEU D 352 -16.18 -13.98 -9.45
C LEU D 352 -15.47 -13.34 -8.26
N PHE D 353 -14.62 -14.12 -7.59
CA PHE D 353 -13.87 -13.62 -6.44
C PHE D 353 -12.54 -12.95 -6.80
N ALA D 354 -11.76 -13.66 -7.60
CA ALA D 354 -10.41 -13.24 -7.99
C ALA D 354 -10.18 -11.86 -8.56
N TYR D 355 -10.96 -11.43 -9.54
CA TYR D 355 -10.71 -10.12 -10.14
C TYR D 355 -10.93 -8.92 -9.20
N PRO D 356 -12.10 -8.83 -8.53
CA PRO D 356 -12.22 -7.67 -7.65
C PRO D 356 -11.13 -7.70 -6.58
N ASP D 357 -10.80 -8.90 -6.13
CA ASP D 357 -9.77 -9.11 -5.11
C ASP D 357 -8.41 -8.59 -5.57
N THR D 358 -7.97 -9.04 -6.75
CA THR D 358 -6.66 -8.59 -7.24
C THR D 358 -6.64 -7.09 -7.56
N HIS D 359 -7.78 -6.55 -7.98
CA HIS D 359 -7.84 -5.14 -8.31
C HIS D 359 -7.66 -4.26 -7.08
N ARG D 360 -8.25 -4.67 -5.96
CA ARG D 360 -8.11 -3.91 -4.71
C ARG D 360 -6.63 -3.87 -4.33
N HIS D 361 -5.87 -4.86 -4.78
CA HIS D 361 -4.43 -4.91 -4.50
C HIS D 361 -3.60 -4.13 -5.52
N ARG D 362 -3.76 -4.46 -6.80
CA ARG D 362 -3.02 -3.83 -7.87
C ARG D 362 -3.30 -2.33 -8.02
N LEU D 363 -4.56 -1.95 -7.90
CA LEU D 363 -4.93 -0.56 -8.07
C LEU D 363 -5.18 0.12 -6.73
N GLY D 364 -6.11 -0.41 -5.95
CA GLY D 364 -6.39 0.18 -4.65
C GLY D 364 -7.81 -0.14 -4.23
N PRO D 365 -8.14 0.00 -2.95
CA PRO D 365 -9.49 -0.28 -2.45
C PRO D 365 -10.57 0.41 -3.27
N ASN D 366 -10.30 1.64 -3.68
CA ASN D 366 -11.25 2.45 -4.43
C ASN D 366 -10.99 2.48 -5.94
N TYR D 367 -10.51 1.37 -6.48
CA TYR D 367 -10.22 1.30 -7.90
C TYR D 367 -11.42 1.60 -8.80
N LEU D 368 -12.63 1.35 -8.30
CA LEU D 368 -13.82 1.61 -9.11
C LEU D 368 -14.10 3.10 -9.26
N GLN D 369 -13.33 3.92 -8.56
CA GLN D 369 -13.49 5.38 -8.65
C GLN D 369 -12.53 5.97 -9.67
N ILE D 370 -11.68 5.13 -10.24
CA ILE D 370 -10.75 5.58 -11.27
C ILE D 370 -11.67 5.80 -12.47
N PRO D 371 -11.56 6.97 -13.12
CA PRO D 371 -12.40 7.30 -14.28
C PRO D 371 -12.76 6.18 -15.25
N VAL D 372 -11.76 5.52 -15.82
CA VAL D 372 -12.02 4.46 -16.78
C VAL D 372 -12.80 3.28 -16.21
N ASN D 373 -12.77 3.12 -14.89
CA ASN D 373 -13.49 2.02 -14.23
C ASN D 373 -14.85 2.42 -13.65
N CYS D 374 -15.11 3.72 -13.55
CA CYS D 374 -16.37 4.19 -12.98
C CYS D 374 -17.58 3.85 -13.86
N PRO D 375 -18.68 3.41 -13.23
CA PRO D 375 -19.87 3.08 -14.02
C PRO D 375 -20.57 4.43 -14.26
N TYR D 376 -19.89 5.30 -15.02
CA TYR D 376 -20.37 6.64 -15.29
C TYR D 376 -21.72 6.78 -15.99
N ARG D 377 -22.31 5.67 -16.38
CA ARG D 377 -23.61 5.71 -17.05
C ARG D 377 -24.70 5.29 -16.06
N ALA D 378 -24.29 5.03 -14.82
CA ALA D 378 -25.22 4.63 -13.77
C ALA D 378 -25.02 5.54 -12.58
N ARG D 379 -25.95 5.51 -11.64
CA ARG D 379 -25.89 6.32 -10.44
C ARG D 379 -25.46 5.42 -9.29
N VAL D 380 -24.20 5.53 -8.86
CA VAL D 380 -23.72 4.70 -7.77
C VAL D 380 -24.22 5.25 -6.43
N ALA D 381 -25.01 4.44 -5.74
CA ALA D 381 -25.56 4.85 -4.45
C ALA D 381 -25.68 3.62 -3.56
N ASN D 382 -24.98 3.66 -2.42
CA ASN D 382 -25.00 2.55 -1.50
C ASN D 382 -24.56 2.97 -0.10
N TYR D 383 -24.18 2.00 0.72
CA TYR D 383 -23.75 2.31 2.07
C TYR D 383 -22.27 2.04 2.29
N GLN D 384 -21.52 2.09 1.20
CA GLN D 384 -20.08 1.91 1.22
C GLN D 384 -19.46 3.28 1.41
N ARG D 385 -18.41 3.36 2.23
CA ARG D 385 -17.75 4.64 2.50
C ARG D 385 -16.26 4.52 2.77
N ASP D 386 -15.58 5.65 2.61
CA ASP D 386 -14.16 5.80 2.90
C ASP D 386 -13.16 4.99 2.07
N GLY D 387 -12.09 4.55 2.72
CA GLY D 387 -11.05 3.79 2.03
C GLY D 387 -10.00 4.75 1.47
N PRO D 388 -8.75 4.30 1.29
CA PRO D 388 -7.70 5.18 0.75
C PRO D 388 -8.04 5.77 -0.62
N MET D 389 -7.56 7.00 -0.85
CA MET D 389 -7.78 7.72 -2.10
C MET D 389 -9.26 7.78 -2.47
N CYS D 390 -10.05 8.24 -1.51
CA CYS D 390 -11.49 8.38 -1.67
C CYS D 390 -11.76 9.67 -2.44
N MET D 391 -12.28 9.52 -3.65
CA MET D 391 -12.58 10.66 -4.52
C MET D 391 -13.99 11.20 -4.36
N MET D 392 -14.32 12.15 -5.21
CA MET D 392 -15.64 12.76 -5.22
C MET D 392 -16.03 13.26 -3.84
N ASP D 393 -17.27 13.00 -3.42
CA ASP D 393 -17.72 13.47 -2.12
C ASP D 393 -17.96 12.34 -1.13
N ASN D 394 -17.56 11.12 -1.49
CA ASN D 394 -17.74 9.98 -0.61
C ASN D 394 -19.22 9.89 -0.20
N GLN D 395 -20.09 10.26 -1.14
CA GLN D 395 -21.54 10.27 -0.96
C GLN D 395 -22.04 11.24 0.10
N GLY D 396 -21.25 12.29 0.34
CA GLY D 396 -21.61 13.33 1.29
C GLY D 396 -22.05 12.90 2.66
N GLY D 397 -23.15 13.50 3.14
CA GLY D 397 -23.66 13.19 4.46
C GLY D 397 -24.87 12.27 4.47
N ALA D 398 -25.03 11.46 3.43
CA ALA D 398 -26.16 10.55 3.36
C ALA D 398 -26.07 9.48 4.45
N PRO D 399 -27.21 9.08 5.03
CA PRO D 399 -27.20 8.05 6.06
C PRO D 399 -26.35 6.89 5.53
N ASN D 400 -25.45 6.38 6.36
CA ASN D 400 -24.56 5.31 5.92
C ASN D 400 -24.89 3.91 6.38
N TYR D 401 -26.07 3.71 6.94
CA TYR D 401 -26.45 2.37 7.40
C TYR D 401 -27.80 1.96 6.79
N TYR D 402 -27.99 0.66 6.61
CA TYR D 402 -29.21 0.13 6.00
C TYR D 402 -29.75 -1.06 6.80
N PRO D 403 -31.07 -1.08 7.10
CA PRO D 403 -32.09 -0.08 6.75
C PRO D 403 -31.99 1.18 7.60
N ASN D 404 -32.70 2.22 7.17
CA ASN D 404 -32.72 3.49 7.87
C ASN D 404 -34.05 4.18 7.59
N SER D 405 -34.40 5.14 8.44
CA SER D 405 -35.66 5.88 8.28
C SER D 405 -35.40 7.27 7.72
N PHE D 406 -34.33 7.41 6.93
CA PHE D 406 -34.01 8.73 6.41
C PHE D 406 -33.93 8.90 4.90
N SER D 407 -34.63 8.04 4.18
CA SER D 407 -34.70 8.11 2.72
C SER D 407 -33.41 7.86 1.92
N ALA D 408 -32.48 7.10 2.48
CA ALA D 408 -31.24 6.79 1.77
C ALA D 408 -31.57 5.69 0.75
N PRO D 409 -30.62 5.33 -0.14
CA PRO D 409 -30.84 4.31 -1.17
C PRO D 409 -31.59 3.05 -0.73
N GLU D 410 -32.40 2.52 -1.64
CA GLU D 410 -33.22 1.34 -1.36
C GLU D 410 -33.05 0.23 -2.39
N HIS D 411 -33.30 -1.00 -1.93
CA HIS D 411 -33.22 -2.23 -2.75
C HIS D 411 -33.46 -2.09 -4.24
N GLN D 412 -34.51 -2.80 -4.68
CA GLN D 412 -35.00 -2.90 -6.07
C GLN D 412 -35.24 -4.38 -6.31
N PRO D 413 -36.32 -4.92 -5.73
CA PRO D 413 -36.72 -6.33 -5.85
C PRO D 413 -36.66 -6.94 -7.25
N SER D 414 -36.90 -6.12 -8.28
CA SER D 414 -36.87 -6.60 -9.65
C SER D 414 -35.45 -7.04 -10.05
N ALA D 415 -34.46 -6.55 -9.32
CA ALA D 415 -33.07 -6.88 -9.60
C ALA D 415 -32.64 -8.22 -9.01
N LEU D 416 -33.49 -8.80 -8.15
CA LEU D 416 -33.17 -10.09 -7.53
C LEU D 416 -32.72 -11.12 -8.55
N GLU D 417 -31.72 -11.92 -8.18
CA GLU D 417 -31.19 -12.94 -9.07
C GLU D 417 -32.20 -14.05 -9.34
N HIS D 418 -32.02 -14.73 -10.47
CA HIS D 418 -32.88 -15.84 -10.87
C HIS D 418 -32.63 -16.96 -9.86
N ARG D 419 -33.71 -17.57 -9.37
CA ARG D 419 -33.55 -18.64 -8.39
C ARG D 419 -33.44 -20.02 -9.03
N THR D 420 -32.36 -20.73 -8.71
CA THR D 420 -32.13 -22.06 -9.26
C THR D 420 -32.05 -23.09 -8.15
N HIS D 421 -32.45 -24.32 -8.46
CA HIS D 421 -32.41 -25.38 -7.46
C HIS D 421 -31.16 -26.23 -7.63
N PHE D 422 -30.54 -26.57 -6.51
CA PHE D 422 -29.35 -27.39 -6.50
C PHE D 422 -29.50 -28.41 -5.38
N SER D 423 -29.15 -29.65 -5.68
CA SER D 423 -29.24 -30.70 -4.69
C SER D 423 -27.99 -31.57 -4.76
N GLY D 424 -27.48 -31.94 -3.59
CA GLY D 424 -26.29 -32.76 -3.54
C GLY D 424 -25.50 -32.44 -2.29
N ASP D 425 -24.59 -33.32 -1.94
CA ASP D 425 -23.77 -33.10 -0.77
C ASP D 425 -22.81 -31.97 -1.06
N VAL D 426 -22.33 -31.34 -0.01
CA VAL D 426 -21.36 -30.28 -0.15
C VAL D 426 -20.04 -31.03 0.00
N GLN D 427 -19.28 -31.08 -1.08
CA GLN D 427 -18.00 -31.76 -1.06
C GLN D 427 -17.18 -31.38 -2.28
N ARG D 428 -15.94 -31.84 -2.30
CA ARG D 428 -15.05 -31.55 -3.40
C ARG D 428 -15.20 -32.68 -4.41
N PHE D 429 -15.95 -32.43 -5.48
CA PHE D 429 -16.14 -33.46 -6.51
C PHE D 429 -15.00 -33.44 -7.51
N ASN D 430 -14.45 -34.61 -7.76
CA ASN D 430 -13.33 -34.74 -8.69
C ASN D 430 -13.80 -34.63 -10.14
N SER D 431 -13.28 -33.65 -10.87
CA SER D 431 -13.64 -33.46 -12.27
C SER D 431 -12.46 -33.73 -13.20
N ALA D 432 -11.39 -34.30 -12.65
CA ALA D 432 -10.19 -34.59 -13.42
C ALA D 432 -10.40 -35.54 -14.61
N ASN D 433 -11.40 -36.41 -14.51
CA ASN D 433 -11.65 -37.35 -15.60
C ASN D 433 -12.99 -37.16 -16.29
N ASP D 434 -13.31 -35.90 -16.61
CA ASP D 434 -14.56 -35.55 -17.29
C ASP D 434 -14.43 -35.61 -18.81
N ASP D 435 -13.80 -36.67 -19.33
CA ASP D 435 -13.58 -36.83 -20.76
C ASP D 435 -12.64 -35.73 -21.22
N ASN D 436 -11.37 -36.09 -21.39
CA ASN D 436 -10.38 -35.11 -21.80
C ASN D 436 -9.92 -35.28 -23.23
N VAL D 437 -10.56 -36.16 -23.99
CA VAL D 437 -10.10 -36.39 -25.36
C VAL D 437 -11.12 -36.33 -26.51
N THR D 438 -12.37 -36.67 -26.24
CA THR D 438 -13.38 -36.68 -27.30
C THR D 438 -13.42 -35.46 -28.21
N GLN D 439 -13.58 -34.27 -27.66
CA GLN D 439 -13.62 -33.07 -28.50
C GLN D 439 -12.26 -32.74 -29.08
N VAL D 440 -11.20 -33.17 -28.39
CA VAL D 440 -9.86 -32.90 -28.88
C VAL D 440 -9.63 -33.71 -30.16
N ARG D 441 -10.23 -34.89 -30.21
CA ARG D 441 -10.11 -35.76 -31.36
C ARG D 441 -10.75 -35.12 -32.59
N THR D 442 -11.93 -34.53 -32.41
CA THR D 442 -12.62 -33.89 -33.52
C THR D 442 -11.83 -32.68 -34.02
N PHE D 443 -11.21 -31.95 -33.09
CA PHE D 443 -10.42 -30.78 -33.45
C PHE D 443 -9.24 -31.20 -34.32
N TYR D 444 -8.50 -32.19 -33.83
CA TYR D 444 -7.34 -32.70 -34.52
C TYR D 444 -7.66 -33.29 -35.90
N LEU D 445 -8.73 -34.06 -35.96
CA LEU D 445 -9.13 -34.74 -37.20
C LEU D 445 -10.04 -33.99 -38.17
N LYS D 446 -10.97 -33.20 -37.65
CA LYS D 446 -11.92 -32.47 -38.50
C LYS D 446 -11.68 -30.98 -38.66
N VAL D 447 -11.45 -30.28 -37.55
CA VAL D 447 -11.22 -28.84 -37.62
C VAL D 447 -9.94 -28.50 -38.38
N LEU D 448 -8.91 -29.33 -38.22
CA LEU D 448 -7.64 -29.10 -38.89
C LEU D 448 -7.50 -30.01 -40.10
N ASN D 449 -6.58 -29.67 -41.00
CA ASN D 449 -6.31 -30.51 -42.16
C ASN D 449 -4.90 -31.04 -42.00
N GLU D 450 -4.38 -31.67 -43.05
CA GLU D 450 -3.05 -32.25 -43.01
C GLU D 450 -1.92 -31.25 -42.74
N GLU D 451 -1.81 -30.21 -43.55
CA GLU D 451 -0.74 -29.23 -43.34
C GLU D 451 -0.85 -28.54 -41.97
N GLN D 452 -2.07 -28.38 -41.47
CA GLN D 452 -2.26 -27.75 -40.16
C GLN D 452 -1.80 -28.69 -39.06
N ARG D 453 -2.14 -29.98 -39.18
CA ARG D 453 -1.72 -30.98 -38.20
C ARG D 453 -0.20 -31.08 -38.15
N LYS D 454 0.43 -30.99 -39.32
CA LYS D 454 1.88 -31.07 -39.41
C LYS D 454 2.54 -29.90 -38.68
N ARG D 455 1.95 -28.71 -38.84
CA ARG D 455 2.48 -27.53 -38.18
C ARG D 455 2.21 -27.64 -36.68
N LEU D 456 1.03 -28.13 -36.33
CA LEU D 456 0.65 -28.29 -34.92
C LEU D 456 1.66 -29.17 -34.19
N CYS D 457 1.97 -30.31 -34.78
CA CYS D 457 2.91 -31.25 -34.18
C CYS D 457 4.34 -30.70 -34.17
N GLU D 458 4.69 -29.93 -35.19
CA GLU D 458 6.01 -29.35 -35.24
C GLU D 458 6.14 -28.28 -34.13
N ASN D 459 5.07 -27.54 -33.90
CA ASN D 459 5.09 -26.51 -32.87
C ASN D 459 5.20 -27.12 -31.47
N ILE D 460 4.45 -28.19 -31.23
CA ILE D 460 4.49 -28.86 -29.94
C ILE D 460 5.87 -29.46 -29.68
N ALA D 461 6.35 -30.26 -30.61
CA ALA D 461 7.65 -30.90 -30.48
C ALA D 461 8.79 -29.91 -30.32
N GLY D 462 8.69 -28.77 -30.99
CA GLY D 462 9.74 -27.77 -30.89
C GLY D 462 9.90 -27.23 -29.48
N HIS D 463 8.84 -27.30 -28.69
CA HIS D 463 8.90 -26.80 -27.32
C HIS D 463 9.05 -27.94 -26.33
N LEU D 464 8.33 -29.03 -26.56
CA LEU D 464 8.36 -30.19 -25.66
C LEU D 464 9.72 -30.91 -25.66
N LYS D 465 10.48 -30.74 -26.73
CA LYS D 465 11.79 -31.38 -26.84
C LYS D 465 12.73 -30.98 -25.72
N ASP D 466 12.51 -29.80 -25.13
CA ASP D 466 13.38 -29.32 -24.06
C ASP D 466 12.99 -29.84 -22.67
N ALA D 467 11.94 -30.64 -22.60
CA ALA D 467 11.52 -31.22 -21.33
C ALA D 467 12.25 -32.54 -21.15
N GLN D 468 12.30 -33.03 -19.91
CA GLN D 468 12.95 -34.30 -19.64
C GLN D 468 12.23 -35.44 -20.36
N LEU D 469 12.98 -36.47 -20.73
CA LEU D 469 12.40 -37.61 -21.44
C LEU D 469 11.17 -38.20 -20.77
N PHE D 470 11.19 -38.34 -19.45
CA PHE D 470 10.04 -38.92 -18.77
C PHE D 470 8.79 -38.06 -18.96
N ILE D 471 8.98 -36.74 -19.06
CA ILE D 471 7.86 -35.82 -19.28
C ILE D 471 7.41 -35.93 -20.74
N GLN D 472 8.38 -36.02 -21.65
CA GLN D 472 8.05 -36.15 -23.07
C GLN D 472 7.16 -37.38 -23.27
N LYS D 473 7.53 -38.48 -22.63
CA LYS D 473 6.77 -39.72 -22.74
C LYS D 473 5.34 -39.59 -22.22
N LYS D 474 5.18 -38.97 -21.06
CA LYS D 474 3.86 -38.77 -20.48
C LYS D 474 3.01 -37.86 -21.36
N ALA D 475 3.65 -36.87 -21.97
CA ALA D 475 2.93 -35.94 -22.83
C ALA D 475 2.47 -36.65 -24.09
N VAL D 476 3.39 -37.37 -24.74
CA VAL D 476 3.06 -38.11 -25.94
C VAL D 476 1.91 -39.09 -25.70
N LYS D 477 1.95 -39.75 -24.55
CA LYS D 477 0.91 -40.71 -24.19
C LYS D 477 -0.46 -40.06 -24.21
N ASN D 478 -0.56 -38.84 -23.67
CA ASN D 478 -1.84 -38.14 -23.65
C ASN D 478 -2.30 -37.82 -25.09
N PHE D 479 -1.38 -37.31 -25.90
CA PHE D 479 -1.70 -36.99 -27.28
C PHE D 479 -2.16 -38.26 -27.99
N SER D 480 -1.49 -39.37 -27.70
CA SER D 480 -1.84 -40.66 -28.29
C SER D 480 -3.27 -41.05 -27.86
N ASP D 481 -3.66 -40.63 -26.66
CA ASP D 481 -5.00 -40.94 -26.17
C ASP D 481 -6.03 -40.19 -26.99
N VAL D 482 -5.64 -39.05 -27.55
CA VAL D 482 -6.54 -38.27 -28.39
C VAL D 482 -6.59 -39.03 -29.72
N HIS D 483 -5.41 -39.39 -30.22
CA HIS D 483 -5.33 -40.15 -31.47
C HIS D 483 -3.91 -40.68 -31.63
N PRO D 484 -3.75 -41.99 -31.86
CA PRO D 484 -2.43 -42.61 -32.02
C PRO D 484 -1.49 -41.84 -32.95
N GLU D 485 -2.04 -41.30 -34.03
CA GLU D 485 -1.20 -40.54 -34.98
C GLU D 485 -0.74 -39.21 -34.40
N TYR D 486 -1.59 -38.60 -33.57
CA TYR D 486 -1.27 -37.33 -32.93
C TYR D 486 0.00 -37.58 -32.13
N GLY D 487 -0.01 -38.64 -31.32
CA GLY D 487 1.14 -38.99 -30.52
C GLY D 487 2.38 -39.38 -31.33
N SER D 488 2.25 -40.34 -32.22
CA SER D 488 3.40 -40.78 -33.03
C SER D 488 4.03 -39.68 -33.87
N ARG D 489 3.24 -38.75 -34.41
CA ARG D 489 3.80 -37.68 -35.21
C ARG D 489 4.70 -36.82 -34.35
N ILE D 490 4.23 -36.49 -33.15
CA ILE D 490 5.04 -35.68 -32.24
C ILE D 490 6.27 -36.50 -31.79
N GLN D 491 6.08 -37.78 -31.52
CA GLN D 491 7.18 -38.63 -31.08
C GLN D 491 8.29 -38.71 -32.12
N ALA D 492 7.92 -38.83 -33.38
CA ALA D 492 8.89 -38.91 -34.47
C ALA D 492 9.74 -37.65 -34.54
N LEU D 493 9.11 -36.50 -34.31
CA LEU D 493 9.83 -35.23 -34.34
C LEU D 493 10.71 -35.13 -33.10
N LEU D 494 10.23 -35.64 -31.97
CA LEU D 494 11.00 -35.60 -30.73
C LEU D 494 12.27 -36.43 -30.91
N ASP D 495 12.13 -37.61 -31.50
CA ASP D 495 13.28 -38.48 -31.73
C ASP D 495 14.33 -37.75 -32.55
N LYS D 496 13.89 -37.02 -33.57
CA LYS D 496 14.79 -36.27 -34.43
C LYS D 496 15.54 -35.23 -33.59
N TYR D 497 14.86 -34.67 -32.59
CA TYR D 497 15.48 -33.67 -31.73
C TYR D 497 16.41 -34.32 -30.71
N ASN D 498 15.93 -35.38 -30.06
CA ASN D 498 16.70 -36.09 -29.05
C ASN D 498 17.91 -36.82 -29.63
N GLU D 499 18.24 -36.53 -30.89
CA GLU D 499 19.38 -37.16 -31.53
C GLU D 499 20.69 -36.89 -30.78
CHA HEM E . 17.99 2.10 -10.09
CHB HEM E . 17.23 6.83 -9.55
CHC HEM E . 21.47 7.71 -11.67
CHD HEM E . 22.55 3.08 -11.22
C1A HEM E . 17.37 3.30 -9.84
C2A HEM E . 16.03 3.44 -9.24
C3A HEM E . 15.82 4.79 -9.10
C4A HEM E . 17.01 5.46 -9.59
CMA HEM E . 14.61 5.50 -8.50
CAA HEM E . 15.13 2.27 -8.84
CBA HEM E . 15.58 1.70 -7.49
CGA HEM E . 14.83 0.44 -7.09
O1A HEM E . 13.60 0.40 -7.28
O2A HEM E . 15.47 -0.50 -6.57
C1B HEM E . 18.37 7.49 -9.98
C2B HEM E . 18.56 8.93 -9.95
C3B HEM E . 19.71 9.18 -10.63
C4B HEM E . 20.26 7.90 -11.01
CMB HEM E . 17.62 9.95 -9.30
CAB HEM E . 20.27 10.41 -10.99
CBB HEM E . 20.23 11.65 -10.25
C1C HEM E . 22.10 6.50 -11.86
C2C HEM E . 23.52 6.39 -12.14
C3C HEM E . 23.88 5.11 -11.82
C4C HEM E . 22.65 4.42 -11.45
CMC HEM E . 24.39 7.45 -12.81
CAC HEM E . 25.15 4.52 -11.83
CBC HEM E . 26.41 5.12 -11.45
C1D HEM E . 21.39 2.40 -10.96
C2D HEM E . 21.34 0.97 -10.78
C3D HEM E . 20.05 0.71 -10.50
C4D HEM E . 19.32 1.96 -10.46
CMD HEM E . 22.53 0.00 -10.77
CAD HEM E . 19.47 -0.66 -10.29
CBD HEM E . 19.79 -1.21 -8.91
CGD HEM E . 19.27 -2.62 -8.75
O1D HEM E . 19.78 -3.52 -9.46
O2D HEM E . 18.36 -2.83 -7.92
NA HEM E . 17.96 4.55 -10.04
NB HEM E . 19.45 6.87 -10.58
NC HEM E . 21.58 5.29 -11.42
ND HEM E . 20.17 3.01 -10.73
FE HEM E . 19.78 4.95 -10.70
N NO F . 19.38 4.82 -12.45
O NO F . 19.36 4.87 -13.56
CHA HEM G . 1.28 17.14 11.54
CHB HEM G . 5.99 16.34 11.35
CHC HEM G . 6.74 20.39 13.86
CHD HEM G . 2.12 21.53 13.25
C1A HEM G . 2.49 16.50 11.38
C2A HEM G . 2.67 15.23 10.70
C3A HEM G . 3.99 15.01 10.64
C4A HEM G . 4.63 16.14 11.28
CMA HEM G . 4.64 13.78 10.02
CAA HEM G . 1.56 14.36 10.08
CBA HEM G . 1.08 14.97 8.77
CGA HEM G . -0.11 14.22 8.20
O1A HEM G . -0.11 12.97 8.26
O2A HEM G . -1.04 14.88 7.68
C1B HEM G . 6.62 17.42 11.96
C2B HEM G . 8.06 17.56 12.10
C3B HEM G . 8.28 18.67 12.85
C4B HEM G . 6.96 19.21 13.16
CMB HEM G . 9.12 16.63 11.50
CAB HEM G . 9.48 19.18 13.34
CBB HEM G . 10.73 19.31 12.61
C1C HEM G . 5.53 21.06 13.96
C2C HEM G . 5.42 22.47 14.29
C3C HEM G . 4.13 22.85 13.96
C4C HEM G . 3.48 21.63 13.52
CMC HEM G . 6.56 23.31 14.87
CAC HEM G . 3.54 24.13 13.93
CBC HEM G . 4.21 25.41 13.83
C1D HEM G . 1.50 20.42 12.76
C2D HEM G . 0.08 20.38 12.46
C3D HEM G . -0.15 19.14 11.98
C4D HEM G . 1.11 18.44 11.97
CMD HEM G . -0.93 21.52 12.62
CAD HEM G . -1.49 18.57 11.57
CBD HEM G . -1.97 18.99 10.18
CGD HEM G . -3.37 18.49 9.89
O1D HEM G . -4.30 18.91 10.59
O2D HEM G . -3.51 17.66 8.97
NA HEM G . 3.70 17.05 11.72
NB HEM G . 5.95 18.44 12.61
NC HEM G . 4.34 20.56 13.44
ND HEM G . 2.13 19.23 12.45
FE HEM G . 4.04 18.79 12.58
N NO H . 3.78 18.34 14.24
O NO H . 3.62 17.91 15.28
CHA HEM I . -12.61 -7.94 14.50
CHB HEM I . -15.68 -8.48 10.83
CHC HEM I . -18.80 -10.56 13.85
CHD HEM I . -15.37 -10.77 17.18
C1A HEM I . -13.21 -7.80 13.24
C2A HEM I . -12.59 -7.15 12.09
C3A HEM I . -13.47 -7.27 11.05
C4A HEM I . -14.62 -8.02 11.57
CMA HEM I . -13.26 -6.79 9.62
CAA HEM I . -11.19 -6.53 12.09
CBA HEM I . -10.14 -7.62 11.99
CGA HEM I . -8.72 -7.08 12.08
O1A HEM I . -8.46 -6.02 11.48
O2A HEM I . -7.87 -7.73 12.74
C1B HEM I . -16.77 -9.21 11.31
C2B HEM I . -17.92 -9.64 10.52
C3B HEM I . -18.85 -10.11 11.39
C4B HEM I . -18.23 -10.02 12.71
CMB HEM I . -17.99 -9.57 8.98
CAB HEM I . -20.14 -10.65 11.18
CBB HEM I . -20.72 -11.05 9.92
C1C HEM I . -18.16 -10.80 15.04
C2C HEM I . -18.64 -11.73 16.05
C3C HEM I . -17.62 -11.89 16.96
C4C HEM I . -16.54 -11.02 16.49
CMC HEM I . -20.02 -12.36 16.13
CAC HEM I . -17.59 -12.70 18.10
CBC HEM I . -18.13 -14.04 18.24
C1D HEM I . -14.35 -9.96 16.77
C2D HEM I . -13.13 -9.76 17.53
C3D HEM I . -12.36 -8.99 16.76
C4D HEM I . -13.08 -8.70 15.54
CMD HEM I . -12.79 -10.29 18.91
CAD HEM I . -11.03 -8.44 17.17
CBD HEM I . -9.87 -9.38 16.91
CGD HEM I . -8.58 -8.83 17.43
O1D HEM I . -8.46 -8.64 18.66
O2D HEM I . -7.68 -8.57 16.61
NA HEM I . -14.43 -8.33 12.92
NB HEM I . -16.95 -9.51 12.64
NC HEM I . -16.85 -10.41 15.30
ND HEM I . -14.29 -9.32 15.55
FE HEM I . -15.62 -9.38 14.11
N NO J . -16.50 -8.07 14.81
O NO J . -17.36 -7.50 15.27
CHA HEM K . -6.63 -11.37 -15.98
CHB HEM K . -7.66 -14.64 -12.61
CHC HEM K . -9.45 -17.53 -16.04
CHD HEM K . -9.27 -13.87 -19.11
C1A HEM K . -6.63 -12.07 -14.79
C2A HEM K . -6.11 -11.54 -13.53
C3A HEM K . -6.41 -12.45 -12.56
C4A HEM K . -7.11 -13.54 -13.25
CMA HEM K . -6.16 -12.36 -11.05
CAA HEM K . -5.50 -10.16 -13.35
CBA HEM K . -6.61 -9.11 -13.31
CGA HEM K . -6.07 -7.70 -13.24
O1A HEM K . -5.10 -7.48 -12.50
O2A HEM K . -6.64 -6.81 -13.92
C1B HEM K . -8.32 -15.69 -13.24
C2B HEM K . -8.78 -16.88 -12.56
C3B HEM K . -9.19 -17.75 -13.54
C4B HEM K . -9.04 -17.04 -14.81
CMB HEM K . -8.75 -17.13 -11.05
CAB HEM K . -9.59 -19.08 -13.41
CBB HEM K . -10.45 -19.62 -12.39
C1C HEM K . -9.53 -16.81 -17.21
C2C HEM K . -10.32 -17.20 -18.39
C3C HEM K . -10.41 -16.11 -19.20
C4C HEM K . -9.56 -15.09 -18.55
CMC HEM K . -10.87 -18.58 -18.70
CAC HEM K . -11.17 -15.93 -20.36
CBC HEM K . -12.54 -16.34 -20.59
C1D HEM K . -8.52 -12.88 -18.55
C2D HEM K . -8.26 -11.62 -19.19
C3D HEM K . -7.49 -10.92 -18.32
C4D HEM K . -7.30 -11.74 -17.15
CMD HEM K . -8.78 -11.12 -20.54
CAD HEM K . -6.95 -9.53 -18.60
CBD HEM K . -7.93 -8.43 -18.26
CGD HEM K . -7.41 -7.07 -18.67
O1D HEM K . -7.19 -6.86 -19.88
O2D HEM K . -7.20 -6.21 -17.79
NA HEM K . -7.25 -13.29 -14.60
NB HEM K . -8.52 -15.78 -14.62
NC HEM K . -9.09 -15.50 -17.33
ND HEM K . -7.98 -12.94 -17.28
FE HEM K . -8.23 -14.37 -15.95
N NO L . -6.76 -15.04 -16.63
O NO L . -6.05 -15.71 -17.19
#